data_6MGQ
#
_entry.id   6MGQ
#
_cell.length_a   56.140
_cell.length_b   234.700
_cell.length_c   132.280
_cell.angle_alpha   90.00
_cell.angle_beta   93.12
_cell.angle_gamma   90.00
#
_symmetry.space_group_name_H-M   'P 1 21 1'
#
loop_
_entity.id
_entity.type
_entity.pdbx_description
1 polymer 'Endoplasmic reticulum aminopeptidase 1'
2 polymer 'Phosphinic inhibitor DG014'
3 branched alpha-D-mannopyranose-(1-3)-beta-D-mannopyranose-(1-4)-2-acetamido-2-deoxy-beta-D-glucopyranose-(1-4)-2-acetamido-2-deoxy-beta-D-glucopyranose
4 branched 2-acetamido-2-deoxy-beta-D-glucopyranose-(1-4)-2-acetamido-2-deoxy-beta-D-glucopyranose
5 branched beta-D-mannopyranose-(1-4)-2-acetamido-2-deoxy-beta-D-glucopyranose-(1-4)-2-acetamido-2-deoxy-beta-D-glucopyranose
6 non-polymer 'ZINC ION'
7 non-polymer 'UNKNOWN ATOM OR ION'
8 water water
#
loop_
_entity_poly.entity_id
_entity_poly.type
_entity_poly.pdbx_seq_one_letter_code
_entity_poly.pdbx_strand_id
1 'polypeptide(L)'
;QSTEASPKRSDGTPFPWNKIRLPEYVIPVHYDLLIHANLTTLTFWGTTKVEITASQPTSTIILHSHHLQISRATLRKGAG
ERLSEEPLQVLEHPRQEQIALLAPEPLLVGLPYTVVIHYAGNLSETFHGFYKSTYRTKEGELRILASTQFEPTAARMAFP
CFDEPAFKASFSIKIRREPRHLAISNMPLVKSVTVAEGLIEDHFDVTVKMSTYLVAFIISDFESVSKITKSGVKVSVYAV
PDKINQADYALDAAVTLLEFYEDYFSIPYPLPKQDLAAIPDFQSGAMENWGLTTYRESALLFDAEKSSASSKLDITMTVA
HELAHQWFGNLVTMEWWNDLWLNEGFAKFMEFVSVSVTHPELKVGDYFFGKCFDAMEVDALNSSHPVSTPVENPAQIREM
FDDVSYDKGACILNMLREYLSADAFKSGIVQYLQKHSYKNTKNEDLWDSMASICPTDGVKGMDGFCSRSQHSSSSSHWHQ
ERVDVKTMMNTWTLQRGFPLITITVRGRNVHMKQEHYMKGSDGAPDTGYLWHVPLTFITSKSDMVHRFLLKTKTDVLILP
EEVEWIKFNVGMNGYYIVHYEDDGWDSLTGLLKGTHTAVSSNDRASLINNAFQLVSIGKLSIEKALDLSLYLKHETEIMP
VFQGLNELIPMYKLMEKRDMNEVETQFKAFLIRLLRDLIDKQTWTDEGSVSERMLRSELLLLACVHNYQPCVQRAEGYFR
KWKESNGNLSLPVDVTLAVFAVGAQSTEGWDFLYSKYQFSLSSTEKSQIEFALCRTQNKEKLQWLLDESFKGDKIKTQEF
PQILTLIGRNPVGYPLAWQFLRKNWNKLVQKFELGSSSIAHMVMGTTNQFSTRTRLEEVKGFFSSLKENGSQLRCVQQTI
ETIEENIGWMDKNFDKIRVWLQSEKLEHDPEADATGLERMLESRGPFEQKLISEEDLNMHTEHHHHHH
;
A,B,C
2 'polypeptide(L)' (2X0)(7GA)TFPETLTY D,E,F
#
# COMPACT_ATOMS: atom_id res chain seq x y z
N ASP A 11 7.96 62.69 0.81
CA ASP A 11 7.24 61.84 1.75
C ASP A 11 8.03 60.58 2.13
N GLY A 12 7.68 60.00 3.28
CA GLY A 12 8.31 58.77 3.74
C GLY A 12 7.38 57.60 3.53
N THR A 13 7.91 56.54 2.93
CA THR A 13 7.13 55.35 2.62
C THR A 13 7.58 54.20 3.51
N PRO A 14 6.69 53.59 4.26
CA PRO A 14 7.06 52.41 5.04
C PRO A 14 7.39 51.23 4.12
N PHE A 15 8.56 50.63 4.34
CA PHE A 15 8.96 49.45 3.57
C PHE A 15 7.91 48.35 3.76
N PRO A 16 7.19 47.99 2.71
CA PRO A 16 5.99 47.17 2.87
C PRO A 16 6.26 45.70 3.20
N TRP A 17 7.11 45.40 4.17
CA TRP A 17 7.44 44.01 4.47
C TRP A 17 8.29 43.97 5.72
N ASN A 18 7.98 43.02 6.62
CA ASN A 18 8.66 42.92 7.89
C ASN A 18 8.97 41.47 8.25
N LYS A 19 9.24 40.64 7.25
CA LYS A 19 9.68 39.26 7.44
C LYS A 19 11.07 39.07 6.89
N ILE A 20 11.69 37.96 7.30
CA ILE A 20 13.04 37.65 6.85
C ILE A 20 13.01 36.93 5.51
N ARG A 21 11.98 36.12 5.27
CA ARG A 21 11.78 35.45 4.00
C ARG A 21 10.96 36.34 3.07
N LEU A 22 11.10 36.10 1.78
CA LEU A 22 10.34 36.86 0.81
C LEU A 22 8.89 36.36 0.79
N PRO A 23 7.94 37.21 0.43
CA PRO A 23 6.55 36.76 0.31
C PRO A 23 6.47 35.58 -0.66
N GLU A 24 5.61 34.63 -0.33
CA GLU A 24 5.53 33.39 -1.10
C GLU A 24 4.67 33.51 -2.35
N TYR A 25 3.97 34.63 -2.53
CA TYR A 25 2.93 34.71 -3.55
C TYR A 25 3.35 35.49 -4.79
N VAL A 26 4.64 35.74 -4.97
CA VAL A 26 5.14 36.34 -6.20
C VAL A 26 6.38 35.56 -6.60
N ILE A 27 6.28 34.81 -7.67
CA ILE A 27 7.33 33.85 -8.03
C ILE A 27 7.89 34.21 -9.39
N PRO A 28 9.20 34.14 -9.57
CA PRO A 28 9.79 34.35 -10.88
C PRO A 28 9.82 33.08 -11.71
N VAL A 29 9.95 33.27 -13.02
CA VAL A 29 10.04 32.18 -13.98
C VAL A 29 11.38 32.17 -14.69
N HIS A 30 11.87 33.34 -15.07
CA HIS A 30 13.00 33.44 -15.98
C HIS A 30 13.66 34.79 -15.78
N TYR A 31 14.97 34.79 -15.60
CA TYR A 31 15.74 36.03 -15.52
C TYR A 31 16.43 36.26 -16.85
N ASP A 32 16.57 37.52 -17.23
CA ASP A 32 17.37 37.91 -18.38
C ASP A 32 18.43 38.87 -17.87
N LEU A 33 19.65 38.40 -17.71
CA LEU A 33 20.70 39.19 -17.07
C LEU A 33 21.64 39.75 -18.12
N LEU A 34 21.87 41.07 -18.07
CA LEU A 34 22.90 41.71 -18.87
C LEU A 34 23.89 42.36 -17.91
N ILE A 35 25.08 41.79 -17.81
CA ILE A 35 26.13 42.35 -16.96
C ILE A 35 27.13 43.05 -17.85
N HIS A 36 27.54 44.24 -17.46
CA HIS A 36 28.64 44.93 -18.14
C HIS A 36 29.61 45.39 -17.07
N ALA A 37 30.75 44.71 -16.97
CA ALA A 37 31.75 44.98 -15.96
C ALA A 37 32.98 45.60 -16.61
N ASN A 38 33.70 46.39 -15.83
CA ASN A 38 34.97 46.98 -16.26
C ASN A 38 36.07 46.58 -15.29
N LEU A 39 36.98 45.72 -15.75
CA LEU A 39 38.00 45.18 -14.87
C LEU A 39 39.13 46.16 -14.57
N THR A 40 39.17 47.33 -15.21
CA THR A 40 40.15 48.33 -14.83
C THR A 40 39.55 49.45 -13.98
N THR A 41 38.29 49.79 -14.21
CA THR A 41 37.60 50.68 -13.29
C THR A 41 37.08 49.94 -12.07
N LEU A 42 36.96 48.61 -12.13
CA LEU A 42 36.43 47.83 -11.02
C LEU A 42 34.97 48.16 -10.74
N THR A 43 34.25 48.65 -11.75
CA THR A 43 32.82 48.90 -11.69
C THR A 43 32.11 48.07 -12.75
N PHE A 44 30.82 47.78 -12.50
CA PHE A 44 30.01 46.98 -13.42
C PHE A 44 28.56 47.43 -13.33
N TRP A 45 27.93 47.66 -14.47
CA TRP A 45 26.51 48.02 -14.46
C TRP A 45 25.72 46.92 -15.14
N GLY A 46 24.41 46.90 -14.90
CA GLY A 46 23.63 45.76 -15.34
C GLY A 46 22.17 46.11 -15.50
N THR A 47 21.52 45.38 -16.41
CA THR A 47 20.08 45.41 -16.61
C THR A 47 19.54 44.00 -16.45
N THR A 48 18.63 43.80 -15.50
CA THR A 48 18.03 42.48 -15.32
C THR A 48 16.54 42.53 -15.59
N LYS A 49 16.07 41.53 -16.34
CA LYS A 49 14.66 41.36 -16.66
C LYS A 49 14.16 40.10 -15.99
N VAL A 50 13.12 40.24 -15.17
CA VAL A 50 12.57 39.13 -14.39
C VAL A 50 11.11 38.96 -14.79
N GLU A 51 10.79 37.80 -15.38
CA GLU A 51 9.39 37.47 -15.62
C GLU A 51 8.81 36.92 -14.33
N ILE A 52 7.65 37.43 -13.93
CA ILE A 52 7.08 37.07 -12.64
C ILE A 52 5.60 36.83 -12.77
N THR A 53 5.06 36.14 -11.77
CA THR A 53 3.65 35.83 -11.66
C THR A 53 3.21 36.03 -10.23
N ALA A 54 2.08 36.69 -10.05
CA ALA A 54 1.56 36.91 -8.71
C ALA A 54 0.52 35.85 -8.38
N SER A 55 0.68 35.21 -7.22
CA SER A 55 -0.32 34.27 -6.74
C SER A 55 -1.53 34.97 -6.16
N GLN A 56 -1.35 36.18 -5.64
CA GLN A 56 -2.40 36.98 -5.03
C GLN A 56 -2.34 38.40 -5.57
N PRO A 57 -3.42 39.16 -5.46
CA PRO A 57 -3.37 40.57 -5.83
C PRO A 57 -2.51 41.37 -4.87
N THR A 58 -1.71 42.27 -5.43
CA THR A 58 -0.76 43.06 -4.67
C THR A 58 -0.16 44.10 -5.58
N SER A 59 0.11 45.28 -5.02
CA SER A 59 0.74 46.36 -5.77
C SER A 59 2.18 46.59 -5.35
N THR A 60 2.87 45.54 -4.89
CA THR A 60 4.25 45.66 -4.45
C THR A 60 4.97 44.34 -4.67
N ILE A 61 6.25 44.44 -4.98
CA ILE A 61 7.11 43.28 -5.23
C ILE A 61 8.33 43.42 -4.33
N ILE A 62 8.58 42.42 -3.51
CA ILE A 62 9.73 42.44 -2.59
C ILE A 62 10.79 41.48 -3.13
N LEU A 63 12.00 42.00 -3.38
CA LEU A 63 13.12 41.15 -3.79
C LEU A 63 14.40 41.60 -3.08
N HIS A 64 15.50 40.88 -3.33
CA HIS A 64 16.78 41.15 -2.66
C HIS A 64 17.67 42.01 -3.54
N SER A 65 18.41 42.92 -2.90
CA SER A 65 19.43 43.70 -3.58
C SER A 65 20.32 44.30 -2.51
N HIS A 66 21.65 44.21 -2.69
CA HIS A 66 22.60 44.56 -1.65
C HIS A 66 23.79 45.30 -2.26
N HIS A 67 24.01 46.54 -1.82
CA HIS A 67 25.09 47.36 -2.35
C HIS A 67 24.95 47.56 -3.86
N LEU A 68 23.74 47.97 -4.26
CA LEU A 68 23.45 48.31 -5.64
C LEU A 68 22.53 49.52 -5.66
N GLN A 69 22.95 50.57 -6.37
CA GLN A 69 22.11 51.74 -6.56
C GLN A 69 21.20 51.49 -7.77
N ILE A 70 19.91 51.25 -7.50
CA ILE A 70 18.93 50.99 -8.53
C ILE A 70 18.74 52.27 -9.35
N SER A 71 19.27 52.29 -10.56
CA SER A 71 19.06 53.42 -11.46
C SER A 71 17.58 53.64 -11.73
N ARG A 72 16.91 52.62 -12.29
CA ARG A 72 15.48 52.75 -12.56
C ARG A 72 14.84 51.40 -12.77
N ALA A 73 13.59 51.27 -12.36
CA ALA A 73 12.88 49.99 -12.46
C ALA A 73 11.49 50.19 -13.04
N THR A 74 11.11 49.30 -13.96
CA THR A 74 9.85 49.40 -14.69
C THR A 74 9.12 48.07 -14.69
N LEU A 75 7.80 48.12 -14.87
CA LEU A 75 6.94 46.93 -14.90
C LEU A 75 6.19 46.90 -16.21
N ARG A 76 6.44 45.86 -17.02
CA ARG A 76 5.80 45.67 -18.30
C ARG A 76 4.81 44.51 -18.25
N LYS A 77 3.78 44.59 -19.09
CA LYS A 77 2.78 43.54 -19.20
C LYS A 77 2.34 43.42 -20.65
N GLY A 78 2.31 42.19 -21.14
CA GLY A 78 1.84 41.95 -22.50
C GLY A 78 2.85 42.39 -23.55
N ALA A 79 2.46 42.21 -24.80
CA ALA A 79 3.29 42.57 -25.95
C ALA A 79 2.40 42.82 -27.15
N GLY A 80 3.03 43.29 -28.23
CA GLY A 80 2.35 43.70 -29.44
C GLY A 80 1.58 45.00 -29.32
N GLU A 81 0.32 44.98 -29.72
CA GLU A 81 -0.51 46.17 -29.57
C GLU A 81 -0.90 46.40 -28.11
N ARG A 82 -0.75 45.39 -27.26
CA ARG A 82 -1.17 45.46 -25.86
C ARG A 82 -0.03 45.78 -24.91
N LEU A 83 1.21 45.82 -25.40
CA LEU A 83 2.37 46.00 -24.52
C LEU A 83 2.22 47.28 -23.71
N SER A 84 2.27 47.15 -22.39
CA SER A 84 2.19 48.29 -21.50
C SER A 84 3.43 48.34 -20.62
N GLU A 85 3.89 49.56 -20.33
CA GLU A 85 5.06 49.79 -19.50
C GLU A 85 4.71 50.87 -18.48
N GLU A 86 4.87 50.56 -17.20
CA GLU A 86 4.68 51.53 -16.13
C GLU A 86 5.99 51.70 -15.38
N PRO A 87 6.25 52.87 -14.82
CA PRO A 87 7.38 53.03 -13.92
C PRO A 87 7.03 52.45 -12.55
N LEU A 88 8.07 52.13 -11.80
CA LEU A 88 7.91 51.53 -10.48
C LEU A 88 8.66 52.37 -9.45
N GLN A 89 8.00 52.63 -8.33
CA GLN A 89 8.68 53.27 -7.20
C GLN A 89 9.57 52.26 -6.50
N VAL A 90 10.73 52.72 -6.03
CA VAL A 90 11.74 51.85 -5.44
C VAL A 90 12.01 52.30 -4.02
N LEU A 91 11.73 51.41 -3.06
CA LEU A 91 12.10 51.57 -1.66
C LEU A 91 13.16 50.54 -1.29
N GLU A 92 14.08 50.94 -0.40
CA GLU A 92 15.25 50.13 -0.09
C GLU A 92 15.35 49.91 1.42
N HIS A 93 15.38 48.65 1.84
CA HIS A 93 15.60 48.26 3.23
C HIS A 93 16.97 47.62 3.31
N PRO A 94 18.04 48.40 3.52
CA PRO A 94 19.37 47.80 3.48
C PRO A 94 19.64 46.82 4.60
N ARG A 95 19.13 47.13 5.80
CA ARG A 95 19.47 46.30 6.98
C ARG A 95 19.09 44.86 6.66
N GLN A 96 17.98 44.69 5.93
CA GLN A 96 17.50 43.38 5.52
C GLN A 96 17.99 42.96 4.15
N GLU A 97 18.78 43.79 3.46
CA GLU A 97 19.19 43.50 2.09
C GLU A 97 17.99 43.28 1.19
N GLN A 98 16.95 44.12 1.32
CA GLN A 98 15.73 43.97 0.53
C GLN A 98 15.41 45.29 -0.20
N ILE A 99 14.50 45.18 -1.16
CA ILE A 99 13.94 46.32 -1.87
C ILE A 99 12.54 46.00 -2.33
N ALA A 100 11.69 47.02 -2.33
CA ALA A 100 10.30 46.95 -2.76
C ALA A 100 10.11 47.78 -4.01
N LEU A 101 9.32 47.24 -4.93
CA LEU A 101 8.91 47.92 -6.14
C LEU A 101 7.40 48.11 -6.03
N LEU A 102 6.98 49.36 -5.99
CA LEU A 102 5.58 49.72 -5.81
C LEU A 102 5.00 50.16 -7.14
N ALA A 103 3.94 49.48 -7.58
CA ALA A 103 3.21 49.72 -8.80
C ALA A 103 1.95 50.54 -8.53
N PRO A 104 1.48 51.32 -9.50
CA PRO A 104 0.31 52.17 -9.24
C PRO A 104 -0.98 51.39 -9.08
N GLU A 105 -1.21 50.39 -9.94
CA GLU A 105 -2.37 49.51 -9.85
C GLU A 105 -1.92 48.09 -9.58
N PRO A 106 -2.60 47.37 -8.70
CA PRO A 106 -2.13 46.04 -8.31
C PRO A 106 -2.07 45.08 -9.50
N LEU A 107 -1.22 44.07 -9.36
CA LEU A 107 -1.00 43.07 -10.39
C LEU A 107 -2.15 42.07 -10.41
N LEU A 108 -2.35 41.46 -11.57
CA LEU A 108 -3.46 40.53 -11.76
C LEU A 108 -2.99 39.12 -11.48
N VAL A 109 -3.84 38.37 -10.77
CA VAL A 109 -3.41 37.06 -10.29
C VAL A 109 -3.19 36.13 -11.48
N GLY A 110 -2.00 35.55 -11.57
CA GLY A 110 -1.71 34.59 -12.61
C GLY A 110 -1.31 35.19 -13.94
N LEU A 111 -1.46 36.48 -14.10
CA LEU A 111 -1.08 37.15 -15.34
C LEU A 111 0.41 37.45 -15.32
N PRO A 112 1.11 37.22 -16.43
CA PRO A 112 2.57 37.35 -16.44
C PRO A 112 2.98 38.81 -16.58
N TYR A 113 3.96 39.21 -15.77
CA TYR A 113 4.55 40.54 -15.84
C TYR A 113 6.06 40.41 -16.02
N THR A 114 6.70 41.53 -16.33
CA THR A 114 8.15 41.54 -16.49
C THR A 114 8.71 42.79 -15.80
N VAL A 115 9.51 42.58 -14.77
CA VAL A 115 10.21 43.64 -14.07
C VAL A 115 11.53 43.89 -14.79
N VAL A 116 11.89 45.15 -14.96
CA VAL A 116 13.16 45.53 -15.54
C VAL A 116 13.86 46.45 -14.57
N ILE A 117 15.08 46.09 -14.18
CA ILE A 117 15.85 46.84 -13.20
C ILE A 117 17.20 47.22 -13.79
N HIS A 118 17.50 48.52 -13.80
CA HIS A 118 18.79 49.04 -14.23
C HIS A 118 19.56 49.53 -13.02
N TYR A 119 20.75 48.97 -12.82
CA TYR A 119 21.54 49.17 -11.61
C TYR A 119 23.02 49.22 -11.97
N ALA A 120 23.85 49.56 -10.99
CA ALA A 120 25.30 49.51 -11.14
C ALA A 120 25.92 49.32 -9.78
N GLY A 121 27.16 48.83 -9.78
CA GLY A 121 27.88 48.61 -8.54
C GLY A 121 29.37 48.50 -8.76
N ASN A 122 30.07 48.20 -7.67
CA ASN A 122 31.52 48.05 -7.64
C ASN A 122 31.87 46.58 -7.47
N LEU A 123 32.90 46.13 -8.18
CA LEU A 123 33.40 44.78 -7.95
C LEU A 123 33.80 44.61 -6.50
N SER A 124 33.36 43.53 -5.87
CA SER A 124 33.58 43.34 -4.44
C SER A 124 35.01 42.91 -4.16
N GLU A 125 35.68 43.60 -3.25
CA GLU A 125 36.99 43.15 -2.80
C GLU A 125 36.91 42.02 -1.80
N THR A 126 35.73 41.80 -1.22
CA THR A 126 35.56 40.84 -0.14
C THR A 126 35.41 39.40 -0.63
N PHE A 127 35.68 39.11 -1.88
CA PHE A 127 35.60 37.74 -2.40
C PHE A 127 34.21 37.14 -2.16
N HIS A 128 33.19 37.99 -2.20
CA HIS A 128 31.78 37.54 -2.09
C HIS A 128 30.96 38.29 -3.15
N GLY A 129 30.13 37.58 -3.92
CA GLY A 129 29.34 38.25 -4.93
C GLY A 129 30.07 38.30 -6.26
N PHE A 130 30.00 39.43 -6.95
CA PHE A 130 30.78 39.67 -8.16
C PHE A 130 32.07 40.36 -7.71
N TYR A 131 33.15 39.59 -7.58
CA TYR A 131 34.35 40.06 -6.91
C TYR A 131 35.57 39.99 -7.83
N LYS A 132 36.52 40.88 -7.57
CA LYS A 132 37.76 40.98 -8.33
C LYS A 132 38.86 40.09 -7.76
N SER A 133 39.65 39.49 -8.66
CA SER A 133 40.80 38.68 -8.29
C SER A 133 41.96 39.05 -9.20
N THR A 134 43.18 38.77 -8.75
CA THR A 134 44.38 39.20 -9.47
C THR A 134 45.41 38.08 -9.52
N TYR A 135 46.27 38.14 -10.53
CA TYR A 135 47.38 37.19 -10.60
C TYR A 135 48.51 37.79 -11.42
N ARG A 136 49.72 37.29 -11.18
CA ARG A 136 50.92 37.80 -11.84
C ARG A 136 51.48 36.73 -12.76
N THR A 137 51.62 37.07 -14.04
CA THR A 137 52.21 36.15 -14.98
C THR A 137 53.67 35.88 -14.61
N LYS A 138 54.29 34.96 -15.35
CA LYS A 138 55.68 34.61 -15.06
C LYS A 138 56.62 35.69 -15.42
N GLU A 139 56.11 36.88 -15.74
CA GLU A 139 56.94 38.03 -16.06
C GLU A 139 56.76 39.21 -15.12
N GLY A 140 55.83 39.15 -14.16
CA GLY A 140 55.53 40.28 -13.30
C GLY A 140 54.36 41.12 -13.73
N GLU A 141 53.72 40.79 -14.86
CA GLU A 141 52.58 41.53 -15.36
C GLU A 141 51.35 41.16 -14.53
N LEU A 142 50.82 42.13 -13.79
CA LEU A 142 49.66 41.92 -12.94
C LEU A 142 48.38 42.10 -13.76
N ARG A 143 47.53 41.07 -13.73
CA ARG A 143 46.32 41.02 -14.54
C ARG A 143 45.12 40.69 -13.65
N ILE A 144 43.98 41.31 -13.96
CA ILE A 144 42.77 41.20 -13.16
C ILE A 144 41.76 40.31 -13.87
N LEU A 145 40.85 39.74 -13.07
CA LEU A 145 39.71 38.99 -13.57
C LEU A 145 38.55 39.15 -12.60
N ALA A 146 37.33 38.93 -13.09
CA ALA A 146 36.15 39.05 -12.25
C ALA A 146 35.46 37.70 -12.18
N SER A 147 34.89 37.40 -11.02
CA SER A 147 34.33 36.09 -10.77
C SER A 147 33.16 36.25 -9.80
N THR A 148 32.47 35.14 -9.50
CA THR A 148 31.29 35.17 -8.65
C THR A 148 31.35 34.11 -7.57
N GLN A 149 30.85 34.46 -6.39
CA GLN A 149 30.65 33.53 -5.27
C GLN A 149 29.33 33.90 -4.60
N PHE A 150 28.25 33.20 -4.98
CA PHE A 150 26.90 33.56 -4.54
C PHE A 150 26.42 32.81 -3.30
N GLU A 151 26.94 31.62 -3.01
CA GLU A 151 26.52 30.96 -1.78
C GLU A 151 27.01 31.75 -0.58
N PRO A 152 26.17 31.92 0.45
CA PRO A 152 24.80 31.39 0.41
C PRO A 152 23.84 32.38 -0.23
N THR A 153 24.05 33.68 -0.06
CA THR A 153 23.04 34.64 -0.50
C THR A 153 23.68 35.91 -1.04
N ALA A 154 24.67 35.75 -1.90
CA ALA A 154 25.41 36.91 -2.38
C ALA A 154 25.05 37.26 -3.82
N ALA A 155 24.15 36.50 -4.44
CA ALA A 155 23.68 36.89 -5.76
C ALA A 155 23.01 38.26 -5.70
N ARG A 156 22.45 38.62 -4.55
CA ARG A 156 21.91 39.95 -4.28
C ARG A 156 22.87 41.05 -4.69
N MET A 157 24.17 40.79 -4.65
CA MET A 157 25.17 41.79 -4.95
C MET A 157 25.45 41.95 -6.44
N ALA A 158 25.28 40.89 -7.24
CA ALA A 158 25.53 41.03 -8.67
C ALA A 158 24.30 41.48 -9.44
N PHE A 159 23.12 41.19 -8.92
CA PHE A 159 21.88 41.55 -9.61
C PHE A 159 20.68 41.33 -8.72
N PRO A 160 19.73 42.26 -8.71
CA PRO A 160 18.54 42.09 -7.88
C PRO A 160 17.84 40.79 -8.24
N CYS A 161 17.26 40.14 -7.23
CA CYS A 161 16.55 38.90 -7.52
C CYS A 161 15.93 38.34 -6.24
N PHE A 162 15.05 37.36 -6.42
CA PHE A 162 14.47 36.56 -5.34
C PHE A 162 15.52 35.55 -4.88
N ASP A 163 16.45 36.01 -4.06
CA ASP A 163 17.65 35.22 -3.71
C ASP A 163 17.35 34.27 -2.54
N GLU A 164 16.46 33.32 -2.80
CA GLU A 164 16.21 32.17 -1.95
C GLU A 164 16.24 30.90 -2.79
N PRO A 165 16.76 29.80 -2.26
CA PRO A 165 17.02 28.62 -3.12
C PRO A 165 15.76 27.88 -3.58
N ALA A 166 14.59 28.25 -3.07
CA ALA A 166 13.34 27.62 -3.50
C ALA A 166 12.66 28.37 -4.66
N PHE A 167 13.08 29.59 -4.99
CA PHE A 167 12.59 30.30 -6.18
C PHE A 167 13.50 29.93 -7.35
N LYS A 168 13.25 28.76 -7.93
CA LYS A 168 14.07 28.37 -9.07
C LYS A 168 13.51 29.02 -10.33
N ALA A 169 14.42 29.49 -11.18
CA ALA A 169 14.06 30.07 -12.47
C ALA A 169 15.03 29.56 -13.53
N SER A 170 14.74 29.90 -14.78
CA SER A 170 15.76 29.80 -15.82
C SER A 170 16.54 31.11 -15.89
N PHE A 171 17.71 31.05 -16.49
CA PHE A 171 18.54 32.25 -16.56
C PHE A 171 19.09 32.42 -17.96
N SER A 172 18.99 33.63 -18.50
CA SER A 172 19.51 33.96 -19.81
C SER A 172 20.58 35.04 -19.61
N ILE A 173 21.85 34.62 -19.56
CA ILE A 173 22.94 35.51 -19.16
C ILE A 173 23.68 36.04 -20.37
N LYS A 174 24.02 37.32 -20.32
CA LYS A 174 24.77 38.01 -21.36
C LYS A 174 25.84 38.85 -20.68
N ILE A 175 27.08 38.72 -21.12
CA ILE A 175 28.21 39.39 -20.48
C ILE A 175 28.88 40.30 -21.50
N ARG A 176 29.13 41.55 -21.14
CA ARG A 176 29.87 42.46 -22.01
C ARG A 176 31.33 42.47 -21.59
N ARG A 177 32.22 42.12 -22.52
CA ARG A 177 33.63 42.05 -22.19
C ARG A 177 34.47 42.63 -23.33
N GLU A 178 35.76 42.81 -23.05
CA GLU A 178 36.71 43.26 -24.05
C GLU A 178 37.18 42.09 -24.90
N PRO A 179 37.69 42.37 -26.09
CA PRO A 179 38.23 41.27 -26.91
C PRO A 179 39.35 40.54 -26.21
N ARG A 180 40.09 41.24 -25.35
CA ARG A 180 41.17 40.60 -24.61
C ARG A 180 40.68 39.45 -23.77
N HIS A 181 39.51 39.60 -23.16
CA HIS A 181 39.00 38.66 -22.18
C HIS A 181 38.20 37.55 -22.83
N LEU A 182 37.67 36.67 -21.98
CA LEU A 182 36.97 35.46 -22.38
C LEU A 182 36.01 35.15 -21.26
N ALA A 183 34.74 34.96 -21.61
CA ALA A 183 33.68 34.76 -20.63
C ALA A 183 33.24 33.29 -20.59
N ILE A 184 32.86 32.87 -19.39
CA ILE A 184 32.32 31.54 -19.19
C ILE A 184 31.24 31.65 -18.14
N SER A 185 30.27 30.75 -18.22
CA SER A 185 29.14 30.75 -17.30
C SER A 185 28.63 29.32 -17.18
N ASN A 186 27.46 29.16 -16.55
CA ASN A 186 26.88 27.84 -16.37
C ASN A 186 26.68 27.12 -17.70
N MET A 187 26.02 27.77 -18.65
CA MET A 187 25.71 27.15 -19.93
C MET A 187 26.77 27.48 -20.97
N PRO A 188 26.75 26.79 -22.10
CA PRO A 188 27.67 27.11 -23.19
C PRO A 188 27.33 28.46 -23.82
N LEU A 189 28.37 29.07 -24.41
CA LEU A 189 28.21 30.32 -25.15
C LEU A 189 27.55 30.03 -26.49
N VAL A 190 26.43 30.69 -26.78
CA VAL A 190 25.74 30.48 -28.05
C VAL A 190 26.32 31.37 -29.15
N LYS A 191 26.41 32.68 -28.91
CA LYS A 191 26.91 33.58 -29.93
C LYS A 191 27.56 34.77 -29.27
N SER A 192 28.53 35.35 -29.97
CA SER A 192 29.17 36.59 -29.55
C SER A 192 28.94 37.65 -30.62
N VAL A 193 28.50 38.83 -30.19
CA VAL A 193 28.11 39.91 -31.08
C VAL A 193 28.88 41.16 -30.69
N THR A 194 29.50 41.83 -31.67
CA THR A 194 30.29 43.02 -31.37
C THR A 194 29.34 44.20 -31.13
N VAL A 195 29.19 44.58 -29.86
CA VAL A 195 28.21 45.58 -29.48
C VAL A 195 28.72 46.99 -29.77
N ALA A 196 29.95 47.30 -29.36
CA ALA A 196 30.54 48.60 -29.59
C ALA A 196 32.02 48.43 -29.91
N GLU A 197 32.70 49.57 -30.07
CA GLU A 197 34.08 49.58 -30.55
C GLU A 197 34.93 48.53 -29.83
N GLY A 198 35.07 48.67 -28.52
CA GLY A 198 35.84 47.69 -27.80
C GLY A 198 35.06 46.60 -27.12
N LEU A 199 33.75 46.53 -27.31
CA LEU A 199 32.88 45.63 -26.57
C LEU A 199 32.56 44.37 -27.35
N ILE A 200 32.20 43.33 -26.62
CA ILE A 200 31.68 42.10 -27.20
C ILE A 200 30.70 41.51 -26.22
N GLU A 201 29.51 41.18 -26.71
CA GLU A 201 28.46 40.57 -25.89
C GLU A 201 28.52 39.06 -26.09
N ASP A 202 28.73 38.32 -25.00
CA ASP A 202 28.64 36.87 -25.01
C ASP A 202 27.25 36.49 -24.51
N HIS A 203 26.43 35.97 -25.41
CA HIS A 203 25.13 35.41 -25.06
C HIS A 203 25.35 33.97 -24.67
N PHE A 204 25.06 33.61 -23.43
CA PHE A 204 25.17 32.23 -23.02
C PHE A 204 23.80 31.56 -23.12
N ASP A 205 23.82 30.26 -23.38
CA ASP A 205 22.58 29.53 -23.56
C ASP A 205 21.68 29.73 -22.35
N VAL A 206 20.39 29.48 -22.51
CA VAL A 206 19.45 29.53 -21.38
C VAL A 206 19.63 28.29 -20.52
N THR A 207 19.76 28.49 -19.20
CA THR A 207 19.93 27.40 -18.24
C THR A 207 18.61 26.65 -18.03
N VAL A 208 18.67 25.60 -17.21
CA VAL A 208 17.47 24.89 -16.80
C VAL A 208 16.99 25.57 -15.53
N LYS A 209 15.79 25.27 -15.08
CA LYS A 209 15.30 25.82 -13.83
C LYS A 209 16.29 25.51 -12.71
N MET A 210 16.85 26.55 -12.09
CA MET A 210 17.84 26.34 -11.06
C MET A 210 17.69 27.42 -9.99
N SER A 211 18.50 27.31 -8.94
CA SER A 211 18.49 28.30 -7.89
C SER A 211 19.47 29.41 -8.21
N THR A 212 19.30 30.54 -7.52
CA THR A 212 20.12 31.71 -7.82
C THR A 212 21.55 31.51 -7.39
N TYR A 213 21.77 30.88 -6.23
CA TYR A 213 23.12 30.87 -5.67
C TYR A 213 24.07 29.99 -6.45
N LEU A 214 23.60 29.26 -7.45
CA LEU A 214 24.46 28.45 -8.30
C LEU A 214 24.76 29.11 -9.64
N VAL A 215 24.15 30.26 -9.94
CA VAL A 215 24.55 31.03 -11.12
C VAL A 215 25.99 31.48 -10.97
N ALA A 216 26.79 31.26 -12.02
CA ALA A 216 28.20 31.63 -12.01
C ALA A 216 28.62 32.17 -13.37
N PHE A 217 29.59 33.09 -13.34
CA PHE A 217 30.26 33.50 -14.56
C PHE A 217 31.64 34.04 -14.20
N ILE A 218 32.52 34.02 -15.18
CA ILE A 218 33.93 34.39 -15.02
C ILE A 218 34.36 35.16 -16.25
N ILE A 219 35.05 36.27 -16.05
CA ILE A 219 35.63 37.06 -17.13
C ILE A 219 37.13 37.07 -16.92
N SER A 220 37.86 36.32 -17.76
CA SER A 220 39.27 36.09 -17.49
C SER A 220 40.01 35.90 -18.81
N ASP A 221 41.32 35.75 -18.72
CA ASP A 221 42.10 35.42 -19.90
C ASP A 221 42.69 34.02 -19.75
N PHE A 222 41.82 33.03 -19.59
CA PHE A 222 42.24 31.69 -19.21
C PHE A 222 42.47 30.79 -20.41
N GLU A 223 43.47 29.93 -20.30
CA GLU A 223 43.60 28.81 -21.20
C GLU A 223 42.78 27.64 -20.66
N SER A 224 42.49 26.69 -21.54
CA SER A 224 41.69 25.54 -21.13
C SER A 224 42.21 24.27 -21.81
N VAL A 225 41.81 23.14 -21.24
CA VAL A 225 42.05 21.84 -21.85
C VAL A 225 40.80 21.00 -21.67
N SER A 226 40.37 20.32 -22.75
CA SER A 226 39.06 19.68 -22.80
C SER A 226 39.14 18.21 -23.16
N LYS A 227 38.15 17.46 -22.67
CA LYS A 227 37.91 16.06 -23.02
C LYS A 227 36.41 15.84 -23.12
N ILE A 228 36.01 14.74 -23.75
CA ILE A 228 34.61 14.42 -23.94
C ILE A 228 34.35 13.03 -23.37
N THR A 229 33.30 12.91 -22.55
CA THR A 229 32.91 11.61 -22.03
C THR A 229 31.98 10.90 -23.01
N LYS A 230 31.65 9.65 -22.68
CA LYS A 230 30.73 8.89 -23.51
C LYS A 230 29.40 9.61 -23.69
N SER A 231 28.97 10.38 -22.70
CA SER A 231 27.71 11.10 -22.80
C SER A 231 27.79 12.33 -23.67
N GLY A 232 28.93 12.57 -24.31
CA GLY A 232 29.12 13.78 -25.07
C GLY A 232 29.33 15.02 -24.24
N VAL A 233 29.29 14.90 -22.91
CA VAL A 233 29.59 16.04 -22.07
C VAL A 233 31.02 16.50 -22.33
N LYS A 234 31.21 17.79 -22.49
CA LYS A 234 32.53 18.36 -22.70
C LYS A 234 33.05 18.86 -21.36
N VAL A 235 34.02 18.15 -20.80
CA VAL A 235 34.64 18.53 -19.53
C VAL A 235 35.86 19.37 -19.87
N SER A 236 35.87 20.61 -19.41
CA SER A 236 37.03 21.47 -19.66
C SER A 236 37.55 22.01 -18.34
N VAL A 237 38.86 22.20 -18.27
CA VAL A 237 39.53 22.77 -17.13
C VAL A 237 40.18 24.07 -17.58
N TYR A 238 39.77 25.17 -16.96
CA TYR A 238 40.30 26.50 -17.22
C TYR A 238 41.27 26.89 -16.13
N ALA A 239 42.33 27.59 -16.51
CA ALA A 239 43.32 28.10 -15.57
C ALA A 239 44.13 29.19 -16.26
N VAL A 240 45.05 29.79 -15.52
CA VAL A 240 45.91 30.85 -16.03
C VAL A 240 46.84 30.23 -17.07
N PRO A 241 47.32 31.01 -18.03
CA PRO A 241 48.08 30.40 -19.13
C PRO A 241 49.35 29.70 -18.67
N ASP A 242 49.96 30.15 -17.58
CA ASP A 242 51.23 29.57 -17.16
C ASP A 242 51.04 28.15 -16.63
N LYS A 243 50.04 27.95 -15.78
CA LYS A 243 49.87 26.69 -15.07
C LYS A 243 48.97 25.70 -15.80
N ILE A 244 48.43 26.06 -16.96
CA ILE A 244 47.44 25.21 -17.61
C ILE A 244 48.03 23.86 -18.00
N ASN A 245 49.34 23.74 -18.01
CA ASN A 245 49.85 22.41 -18.23
C ASN A 245 49.80 21.56 -17.01
N GLN A 246 49.15 22.06 -15.96
CA GLN A 246 49.02 21.38 -14.68
C GLN A 246 47.61 20.87 -14.45
N ALA A 247 46.80 20.79 -15.50
CA ALA A 247 45.39 20.46 -15.33
C ALA A 247 45.02 19.15 -15.99
N ASP A 248 45.99 18.39 -16.52
CA ASP A 248 45.67 17.12 -17.14
C ASP A 248 45.03 16.17 -16.14
N TYR A 249 45.63 16.05 -14.96
CA TYR A 249 45.13 15.12 -13.97
C TYR A 249 43.70 15.45 -13.57
N ALA A 250 43.45 16.70 -13.16
CA ALA A 250 42.10 17.06 -12.75
C ALA A 250 41.11 16.83 -13.88
N LEU A 251 41.53 17.02 -15.12
CA LEU A 251 40.61 16.82 -16.23
C LEU A 251 40.24 15.35 -16.35
N ASP A 252 41.24 14.46 -16.34
CA ASP A 252 40.93 13.03 -16.46
C ASP A 252 40.08 12.55 -15.28
N ALA A 253 40.35 13.08 -14.09
CA ALA A 253 39.54 12.75 -12.92
C ALA A 253 38.11 13.22 -13.08
N ALA A 254 37.92 14.45 -13.57
CA ALA A 254 36.57 14.94 -13.83
C ALA A 254 35.83 14.05 -14.80
N VAL A 255 36.51 13.59 -15.86
CA VAL A 255 35.82 12.76 -16.85
C VAL A 255 35.40 11.44 -16.24
N THR A 256 36.35 10.79 -15.56
CA THR A 256 36.04 9.49 -14.95
C THR A 256 34.90 9.62 -13.96
N LEU A 257 34.96 10.63 -13.10
CA LEU A 257 33.95 10.77 -12.06
C LEU A 257 32.60 11.22 -12.65
N LEU A 258 32.58 12.08 -13.67
CA LEU A 258 31.33 12.38 -14.33
C LEU A 258 30.66 11.10 -14.84
N GLU A 259 31.44 10.23 -15.49
CA GLU A 259 30.86 8.97 -15.97
C GLU A 259 30.37 8.12 -14.81
N PHE A 260 31.15 8.06 -13.74
CA PHE A 260 30.74 7.29 -12.58
C PHE A 260 29.40 7.78 -12.04
N TYR A 261 29.27 9.11 -11.88
CA TYR A 261 28.05 9.65 -11.30
C TYR A 261 26.86 9.45 -12.21
N GLU A 262 27.08 9.56 -13.52
CA GLU A 262 25.98 9.34 -14.49
C GLU A 262 25.47 7.91 -14.32
N ASP A 263 26.40 6.96 -14.13
CA ASP A 263 25.99 5.56 -13.97
C ASP A 263 25.34 5.30 -12.61
N TYR A 264 25.96 5.81 -11.55
CA TYR A 264 25.50 5.52 -10.19
C TYR A 264 24.11 6.10 -9.96
N PHE A 265 23.88 7.34 -10.36
CA PHE A 265 22.57 7.95 -10.25
C PHE A 265 21.59 7.45 -11.30
N SER A 266 22.04 6.73 -12.33
CA SER A 266 21.15 6.35 -13.42
C SER A 266 20.42 7.56 -13.95
N ILE A 267 21.14 8.67 -14.05
CA ILE A 267 20.59 9.94 -14.53
C ILE A 267 21.65 10.63 -15.37
N PRO A 268 21.34 11.03 -16.59
CA PRO A 268 22.33 11.71 -17.41
C PRO A 268 22.69 13.05 -16.81
N TYR A 269 23.96 13.39 -16.89
CA TYR A 269 24.37 14.73 -16.51
C TYR A 269 23.45 15.76 -17.16
N PRO A 270 22.83 16.65 -16.39
CA PRO A 270 21.77 17.52 -16.91
C PRO A 270 22.25 18.75 -17.68
N LEU A 271 23.54 18.89 -17.96
CA LEU A 271 24.04 20.03 -18.72
C LEU A 271 24.89 19.58 -19.90
N PRO A 272 25.02 20.43 -20.92
CA PRO A 272 25.77 20.05 -22.12
C PRO A 272 27.28 19.97 -21.91
N LYS A 273 27.81 20.69 -20.91
CA LYS A 273 29.24 20.74 -20.66
C LYS A 273 29.47 20.93 -19.16
N GLN A 274 30.75 20.93 -18.77
CA GLN A 274 31.12 21.07 -17.36
C GLN A 274 32.53 21.66 -17.28
N ASP A 275 32.64 22.82 -16.63
CA ASP A 275 33.87 23.59 -16.59
C ASP A 275 34.41 23.65 -15.17
N LEU A 276 35.65 23.21 -14.98
CA LEU A 276 36.37 23.32 -13.72
C LEU A 276 37.37 24.46 -13.85
N ALA A 277 37.13 25.54 -13.11
CA ALA A 277 37.96 26.73 -13.14
C ALA A 277 38.90 26.75 -11.95
N ALA A 278 40.17 27.05 -12.20
CA ALA A 278 41.18 27.18 -11.15
C ALA A 278 41.38 28.66 -10.89
N ILE A 279 40.65 29.20 -9.92
CA ILE A 279 40.71 30.63 -9.62
C ILE A 279 41.91 30.95 -8.75
N PRO A 280 42.59 32.08 -8.98
CA PRO A 280 43.73 32.45 -8.13
C PRO A 280 43.28 33.00 -6.79
N ASP A 281 44.05 32.65 -5.75
CA ASP A 281 43.75 32.98 -4.36
C ASP A 281 42.26 32.81 -4.05
N PHE A 282 41.77 31.61 -4.35
CA PHE A 282 40.37 31.31 -4.06
C PHE A 282 40.17 31.17 -2.55
N GLN A 283 39.08 31.71 -2.04
CA GLN A 283 38.88 31.83 -0.60
C GLN A 283 37.95 30.79 -0.02
N SER A 284 37.23 30.04 -0.85
CA SER A 284 36.27 29.06 -0.34
C SER A 284 36.69 27.62 -0.60
N GLY A 285 37.87 27.38 -1.17
CA GLY A 285 38.24 26.00 -1.55
C GLY A 285 37.64 25.47 -2.84
N ALA A 286 36.31 25.49 -2.96
CA ALA A 286 35.66 25.13 -4.21
C ALA A 286 34.18 25.37 -4.03
N MET A 287 33.47 25.54 -5.15
CA MET A 287 32.04 25.81 -5.15
C MET A 287 31.38 25.08 -6.31
N GLU A 288 30.19 24.55 -6.09
CA GLU A 288 29.59 23.67 -7.10
C GLU A 288 28.63 24.42 -8.02
N ASN A 289 29.08 25.51 -8.62
CA ASN A 289 28.24 26.21 -9.58
C ASN A 289 27.81 25.28 -10.70
N TRP A 290 26.51 25.21 -10.95
CA TRP A 290 25.98 24.28 -11.95
C TRP A 290 26.61 24.56 -13.32
N GLY A 291 27.40 23.58 -13.82
CA GLY A 291 28.09 23.75 -15.09
C GLY A 291 29.44 24.44 -15.02
N LEU A 292 29.78 25.09 -13.89
CA LEU A 292 31.00 25.91 -13.77
C LEU A 292 31.55 25.82 -12.35
N THR A 293 32.08 24.66 -12.00
CA THR A 293 32.64 24.46 -10.67
C THR A 293 33.96 25.20 -10.53
N THR A 294 34.12 25.94 -9.45
CA THR A 294 35.30 26.75 -9.19
C THR A 294 36.11 26.15 -8.06
N TYR A 295 37.42 26.36 -8.10
CA TYR A 295 38.32 25.72 -7.15
C TYR A 295 39.48 26.66 -6.84
N ARG A 296 39.99 26.57 -5.61
CA ARG A 296 41.30 27.15 -5.33
C ARG A 296 42.33 26.53 -6.28
N GLU A 297 43.31 27.32 -6.69
CA GLU A 297 44.35 26.81 -7.59
C GLU A 297 44.95 25.51 -7.04
N SER A 298 45.41 25.54 -5.79
CA SER A 298 46.10 24.40 -5.21
C SER A 298 45.21 23.16 -5.17
N ALA A 299 43.90 23.35 -5.10
CA ALA A 299 42.97 22.23 -5.00
C ALA A 299 42.65 21.57 -6.34
N LEU A 300 43.00 22.21 -7.45
CA LEU A 300 42.69 21.68 -8.78
C LEU A 300 43.92 21.37 -9.61
N LEU A 301 44.93 22.22 -9.59
CA LEU A 301 46.07 22.05 -10.46
C LEU A 301 47.10 21.14 -9.81
N PHE A 302 47.83 20.40 -10.65
CA PHE A 302 48.86 19.47 -10.18
C PHE A 302 50.14 19.67 -10.97
N ASP A 303 51.24 19.86 -10.25
CA ASP A 303 52.53 20.12 -10.88
C ASP A 303 53.39 18.84 -10.87
N ALA A 304 54.28 18.74 -11.86
CA ALA A 304 55.20 17.62 -11.94
C ALA A 304 55.97 17.47 -10.63
N GLU A 305 56.80 18.47 -10.30
CA GLU A 305 57.40 18.49 -8.96
C GLU A 305 56.26 18.50 -7.94
N LYS A 306 56.09 17.38 -7.24
CA LYS A 306 54.96 17.18 -6.35
C LYS A 306 54.74 18.37 -5.43
N SER A 307 53.72 19.18 -5.72
CA SER A 307 53.38 20.28 -4.83
C SER A 307 53.15 19.80 -3.40
N SER A 308 52.72 18.54 -3.24
CA SER A 308 52.51 17.92 -1.95
C SER A 308 52.29 16.43 -2.18
N ALA A 309 52.64 15.63 -1.17
CA ALA A 309 52.37 14.19 -1.25
C ALA A 309 50.88 13.88 -1.13
N SER A 310 50.07 14.82 -0.64
CA SER A 310 48.63 14.65 -0.52
C SER A 310 47.86 15.52 -1.49
N SER A 311 48.54 16.28 -2.36
CA SER A 311 47.83 17.17 -3.28
C SER A 311 47.02 16.38 -4.29
N LYS A 312 47.64 15.37 -4.91
CA LYS A 312 47.00 14.60 -5.96
C LYS A 312 45.81 13.79 -5.47
N LEU A 313 45.59 13.71 -4.16
CA LEU A 313 44.40 13.13 -3.55
C LEU A 313 43.36 14.17 -3.21
N ASP A 314 43.80 15.31 -2.66
CA ASP A 314 42.89 16.43 -2.47
C ASP A 314 42.20 16.80 -3.78
N ILE A 315 42.92 16.73 -4.90
CA ILE A 315 42.32 17.07 -6.19
C ILE A 315 41.19 16.10 -6.49
N THR A 316 41.44 14.81 -6.34
CA THR A 316 40.41 13.84 -6.67
C THR A 316 39.21 14.01 -5.75
N MET A 317 39.43 14.15 -4.44
CA MET A 317 38.29 14.26 -3.54
C MET A 317 37.50 15.54 -3.77
N THR A 318 38.20 16.65 -4.03
CA THR A 318 37.54 17.90 -4.39
C THR A 318 36.67 17.73 -5.64
N VAL A 319 37.24 17.18 -6.72
CA VAL A 319 36.49 17.03 -7.97
C VAL A 319 35.30 16.10 -7.79
N ALA A 320 35.49 14.99 -7.08
CA ALA A 320 34.39 14.08 -6.81
C ALA A 320 33.27 14.78 -6.03
N HIS A 321 33.63 15.59 -5.04
CA HIS A 321 32.59 16.29 -4.28
C HIS A 321 31.84 17.28 -5.17
N GLU A 322 32.58 18.12 -5.88
CA GLU A 322 31.97 19.19 -6.66
C GLU A 322 31.09 18.64 -7.76
N LEU A 323 31.49 17.52 -8.36
CA LEU A 323 30.65 16.93 -9.39
C LEU A 323 29.48 16.19 -8.77
N ALA A 324 29.65 15.62 -7.57
CA ALA A 324 28.51 14.98 -6.94
C ALA A 324 27.39 15.98 -6.76
N HIS A 325 27.76 17.24 -6.48
CA HIS A 325 26.73 18.25 -6.28
C HIS A 325 25.94 18.53 -7.56
N GLN A 326 26.50 18.26 -8.74
CA GLN A 326 25.79 18.57 -9.99
C GLN A 326 24.44 17.88 -10.04
N TRP A 327 24.38 16.61 -9.61
CA TRP A 327 23.09 15.96 -9.40
C TRP A 327 22.51 16.36 -8.04
N PHE A 328 23.07 15.81 -6.96
CA PHE A 328 22.51 15.96 -5.62
C PHE A 328 22.84 17.35 -5.09
N GLY A 329 21.87 18.26 -5.15
CA GLY A 329 22.12 19.61 -4.70
C GLY A 329 21.75 20.70 -5.69
N ASN A 330 22.07 20.52 -6.98
CA ASN A 330 21.71 21.50 -7.99
C ASN A 330 20.49 21.08 -8.79
N LEU A 331 20.45 19.82 -9.21
CA LEU A 331 19.25 19.25 -9.81
C LEU A 331 18.13 19.14 -8.79
N VAL A 332 18.47 18.79 -7.56
CA VAL A 332 17.54 18.78 -6.44
C VAL A 332 18.18 19.58 -5.34
N THR A 333 17.53 20.67 -4.93
CA THR A 333 18.12 21.60 -3.98
C THR A 333 17.24 21.76 -2.75
N MET A 334 17.87 22.06 -1.63
CA MET A 334 17.16 22.21 -0.35
C MET A 334 16.09 23.29 -0.42
N GLU A 335 14.98 23.07 0.29
CA GLU A 335 13.96 24.11 0.36
C GLU A 335 14.50 25.36 1.07
N TRP A 336 15.35 25.17 2.07
CA TRP A 336 15.86 26.26 2.88
C TRP A 336 17.15 25.83 3.55
N TRP A 337 18.00 26.81 3.84
CA TRP A 337 19.35 26.50 4.29
C TRP A 337 19.40 25.63 5.53
N ASN A 338 18.28 25.46 6.23
CA ASN A 338 18.31 24.59 7.39
C ASN A 338 18.58 23.14 7.03
N ASP A 339 18.52 22.77 5.75
CA ASP A 339 18.85 21.41 5.33
C ASP A 339 20.18 21.34 4.58
N LEU A 340 20.93 22.45 4.51
CA LEU A 340 22.22 22.42 3.82
C LEU A 340 23.09 21.28 4.31
N TRP A 341 23.04 20.97 5.61
CA TRP A 341 23.82 19.86 6.14
C TRP A 341 23.71 18.63 5.25
N LEU A 342 22.47 18.20 4.95
CA LEU A 342 22.27 17.00 4.15
C LEU A 342 23.08 17.06 2.87
N ASN A 343 22.98 18.18 2.15
CA ASN A 343 23.78 18.45 0.97
C ASN A 343 25.24 18.13 1.21
N GLU A 344 25.85 18.86 2.13
CA GLU A 344 27.28 18.65 2.33
C GLU A 344 27.57 17.26 2.82
N GLY A 345 26.60 16.61 3.47
CA GLY A 345 26.82 15.25 3.89
C GLY A 345 26.97 14.39 2.66
N PHE A 346 25.96 14.46 1.80
CA PHE A 346 25.90 13.55 0.68
C PHE A 346 27.16 13.66 -0.16
N ALA A 347 27.45 14.85 -0.68
CA ALA A 347 28.66 15.02 -1.46
C ALA A 347 29.85 14.39 -0.75
N LYS A 348 30.00 14.72 0.54
CA LYS A 348 31.16 14.23 1.33
C LYS A 348 31.17 12.70 1.35
N PHE A 349 30.01 12.08 1.58
CA PHE A 349 29.91 10.63 1.53
C PHE A 349 30.16 10.12 0.12
N MET A 350 29.62 10.82 -0.89
CA MET A 350 29.85 10.42 -2.27
C MET A 350 31.34 10.46 -2.61
N GLU A 351 32.08 11.47 -2.13
CA GLU A 351 33.53 11.46 -2.29
C GLU A 351 34.07 10.06 -2.00
N PHE A 352 33.63 9.46 -0.90
CA PHE A 352 34.11 8.13 -0.53
C PHE A 352 33.62 7.08 -1.52
N VAL A 353 32.30 7.02 -1.76
CA VAL A 353 31.74 5.96 -2.61
C VAL A 353 32.38 5.98 -3.99
N SER A 354 32.54 7.18 -4.55
CA SER A 354 32.95 7.30 -5.95
C SER A 354 34.44 7.03 -6.12
N VAL A 355 35.27 7.75 -5.37
CA VAL A 355 36.71 7.58 -5.56
C VAL A 355 37.10 6.14 -5.24
N SER A 356 36.53 5.58 -4.17
CA SER A 356 36.79 4.19 -3.81
C SER A 356 36.67 3.26 -5.01
N VAL A 357 35.86 3.65 -5.99
CA VAL A 357 35.70 2.89 -7.23
C VAL A 357 36.57 3.45 -8.35
N THR A 358 36.60 4.78 -8.51
CA THR A 358 37.25 5.38 -9.68
C THR A 358 38.78 5.35 -9.55
N HIS A 359 39.30 5.73 -8.38
CA HIS A 359 40.74 5.76 -8.11
C HIS A 359 41.02 4.86 -6.92
N PRO A 360 41.04 3.53 -7.13
CA PRO A 360 41.26 2.62 -5.99
C PRO A 360 42.65 2.74 -5.40
N GLU A 361 43.61 3.26 -6.16
CA GLU A 361 45.00 3.34 -5.68
C GLU A 361 45.18 4.42 -4.62
N LEU A 362 44.26 5.38 -4.52
CA LEU A 362 44.43 6.44 -3.53
C LEU A 362 44.11 5.97 -2.12
N LYS A 363 43.25 4.95 -1.97
CA LYS A 363 42.88 4.42 -0.67
C LYS A 363 42.19 5.49 0.19
N VAL A 364 41.03 5.95 -0.31
CA VAL A 364 40.31 7.02 0.37
C VAL A 364 39.62 6.55 1.65
N GLY A 365 39.47 5.23 1.82
CA GLY A 365 38.75 4.73 2.98
C GLY A 365 39.36 5.17 4.30
N ASP A 366 40.69 5.11 4.40
CA ASP A 366 41.34 5.53 5.63
C ASP A 366 40.99 6.98 5.97
N TYR A 367 41.11 7.86 4.98
CA TYR A 367 40.79 9.26 5.21
C TYR A 367 39.37 9.41 5.71
N PHE A 368 38.43 8.74 5.04
CA PHE A 368 37.02 8.92 5.41
C PHE A 368 36.77 8.46 6.85
N PHE A 369 37.25 7.26 7.19
CA PHE A 369 36.91 6.76 8.53
C PHE A 369 37.63 7.54 9.62
N GLY A 370 38.85 8.02 9.36
CA GLY A 370 39.45 8.95 10.30
C GLY A 370 38.58 10.18 10.52
N LYS A 371 37.95 10.64 9.45
CA LYS A 371 37.05 11.82 9.55
C LYS A 371 35.90 11.47 10.50
N CYS A 372 35.35 10.26 10.38
CA CYS A 372 34.28 9.84 11.29
C CYS A 372 34.77 9.80 12.73
N PHE A 373 35.97 9.29 12.95
CA PHE A 373 36.53 9.30 14.30
C PHE A 373 36.53 10.72 14.86
N ASP A 374 37.06 11.67 14.09
CA ASP A 374 37.11 13.04 14.60
C ASP A 374 35.71 13.55 14.89
N ALA A 375 34.75 13.24 14.02
CA ALA A 375 33.38 13.70 14.21
C ALA A 375 32.84 13.23 15.55
N MET A 376 33.02 11.95 15.86
CA MET A 376 32.54 11.43 17.14
C MET A 376 33.28 12.07 18.31
N GLU A 377 34.60 12.23 18.19
CA GLU A 377 35.35 12.86 19.26
C GLU A 377 34.76 14.22 19.61
N VAL A 378 34.42 15.04 18.61
CA VAL A 378 33.80 16.32 18.91
C VAL A 378 32.42 16.12 19.51
N ASP A 379 31.63 15.23 18.90
CA ASP A 379 30.23 15.07 19.29
C ASP A 379 30.10 14.61 20.74
N ALA A 380 31.09 13.89 21.23
CA ALA A 380 31.02 13.35 22.59
C ALA A 380 31.11 14.43 23.67
N LEU A 381 31.24 15.71 23.31
CA LEU A 381 31.39 16.77 24.30
C LEU A 381 30.10 17.53 24.48
N ASN A 382 29.99 18.20 25.63
CA ASN A 382 28.78 18.96 25.95
C ASN A 382 28.56 20.08 24.95
N SER A 383 29.64 20.65 24.42
CA SER A 383 29.54 21.76 23.46
C SER A 383 29.46 21.20 22.05
N SER A 384 28.31 20.61 21.74
CA SER A 384 28.05 20.07 20.41
C SER A 384 26.60 20.31 20.04
N HIS A 385 26.33 20.29 18.74
CA HIS A 385 25.01 20.62 18.23
C HIS A 385 24.51 19.51 17.31
N PRO A 386 23.20 19.39 17.17
CA PRO A 386 22.67 18.38 16.24
C PRO A 386 22.85 18.81 14.79
N VAL A 387 23.00 17.81 13.91
CA VAL A 387 23.29 18.11 12.52
C VAL A 387 22.22 19.02 11.92
N SER A 388 20.97 18.85 12.32
CA SER A 388 19.85 19.57 11.72
C SER A 388 19.40 20.67 12.68
N THR A 389 19.61 21.92 12.29
CA THR A 389 19.26 23.04 13.14
C THR A 389 18.44 24.04 12.34
N PRO A 390 17.39 24.60 12.92
CA PRO A 390 16.55 25.56 12.17
C PRO A 390 17.24 26.89 11.97
N VAL A 391 17.66 27.18 10.74
CA VAL A 391 18.29 28.46 10.44
C VAL A 391 17.21 29.51 10.19
N GLU A 392 17.24 30.58 10.98
CA GLU A 392 16.31 31.68 10.77
C GLU A 392 16.86 32.72 9.82
N ASN A 393 18.19 32.87 9.78
CA ASN A 393 18.87 33.73 8.83
C ASN A 393 20.07 32.96 8.26
N PRO A 394 20.20 32.89 6.94
CA PRO A 394 21.28 32.07 6.38
C PRO A 394 22.66 32.61 6.69
N ALA A 395 22.80 33.94 6.69
CA ALA A 395 24.12 34.55 6.87
C ALA A 395 24.58 34.47 8.32
N GLN A 396 23.66 34.70 9.27
CA GLN A 396 24.02 34.66 10.71
C GLN A 396 24.35 33.24 11.21
N ILE A 397 23.57 32.22 10.81
CA ILE A 397 23.75 30.86 11.28
C ILE A 397 24.50 29.99 10.27
N ARG A 398 24.97 30.56 9.17
CA ARG A 398 25.88 29.84 8.29
C ARG A 398 27.31 29.83 8.83
N GLU A 399 27.65 30.79 9.71
CA GLU A 399 28.95 30.78 10.36
C GLU A 399 28.99 29.84 11.55
N MET A 400 27.85 29.71 12.23
CA MET A 400 27.73 28.81 13.42
C MET A 400 27.96 27.35 13.01
N PHE A 401 27.41 26.94 11.86
CA PHE A 401 27.57 25.54 11.37
C PHE A 401 29.05 25.28 11.10
N ASP A 402 29.53 24.08 11.44
CA ASP A 402 30.96 23.72 11.26
C ASP A 402 31.05 22.45 10.40
N ASP A 403 32.16 22.29 9.68
CA ASP A 403 32.36 21.16 8.79
C ASP A 403 32.27 19.83 9.52
N VAL A 404 32.53 19.80 10.83
CA VAL A 404 32.41 18.55 11.57
C VAL A 404 30.96 18.06 11.56
N SER A 405 30.02 19.00 11.55
CA SER A 405 28.61 18.62 11.40
C SER A 405 28.38 17.90 10.08
N TYR A 406 29.01 18.41 9.02
CA TYR A 406 28.83 17.79 7.70
C TYR A 406 29.50 16.42 7.65
N ASP A 407 30.67 16.29 8.29
CA ASP A 407 31.32 14.97 8.38
C ASP A 407 30.47 13.97 9.13
N LYS A 408 29.83 14.41 10.21
CA LYS A 408 28.83 13.54 10.82
C LYS A 408 27.82 13.12 9.76
N GLY A 409 27.18 14.10 9.11
CA GLY A 409 26.21 13.82 8.08
C GLY A 409 26.63 12.69 7.16
N ALA A 410 27.85 12.79 6.63
CA ALA A 410 28.35 11.71 5.79
C ALA A 410 28.44 10.40 6.56
N CYS A 411 28.92 10.43 7.81
CA CYS A 411 29.05 9.18 8.58
C CYS A 411 27.69 8.49 8.73
N ILE A 412 26.71 9.23 9.25
CA ILE A 412 25.33 8.76 9.37
C ILE A 412 24.85 8.14 8.08
N LEU A 413 25.10 8.84 6.96
CA LEU A 413 24.66 8.30 5.67
C LEU A 413 25.37 7.01 5.35
N ASN A 414 26.62 6.85 5.78
CA ASN A 414 27.31 5.58 5.53
C ASN A 414 26.69 4.48 6.38
N MET A 415 26.46 4.76 7.66
CA MET A 415 25.79 3.77 8.51
C MET A 415 24.48 3.34 7.86
N LEU A 416 23.76 4.30 7.30
CA LEU A 416 22.48 3.98 6.67
C LEU A 416 22.69 3.12 5.42
N ARG A 417 23.60 3.54 4.54
CA ARG A 417 23.86 2.76 3.33
C ARG A 417 24.23 1.33 3.67
N GLU A 418 24.93 1.11 4.78
CA GLU A 418 25.36 -0.23 5.12
C GLU A 418 24.23 -1.04 5.75
N TYR A 419 23.42 -0.42 6.60
CA TYR A 419 22.26 -1.13 7.14
C TYR A 419 21.36 -1.60 6.00
N LEU A 420 20.68 -0.67 5.31
CA LEU A 420 19.99 -1.02 4.09
C LEU A 420 21.00 -1.60 3.10
N SER A 421 20.54 -2.46 2.20
CA SER A 421 21.44 -2.96 1.17
C SER A 421 22.16 -1.78 0.51
N ALA A 422 23.38 -2.01 -0.01
CA ALA A 422 24.04 -0.97 -0.79
C ALA A 422 23.23 -0.61 -2.03
N ASP A 423 22.72 -1.61 -2.74
CA ASP A 423 21.86 -1.35 -3.89
C ASP A 423 20.52 -0.77 -3.47
N ALA A 424 20.02 -1.11 -2.27
CA ALA A 424 18.81 -0.45 -1.77
C ALA A 424 19.03 1.05 -1.62
N PHE A 425 20.16 1.43 -1.00
CA PHE A 425 20.51 2.84 -0.88
C PHE A 425 20.63 3.49 -2.24
N LYS A 426 21.36 2.85 -3.16
CA LYS A 426 21.50 3.40 -4.51
C LYS A 426 20.13 3.66 -5.14
N SER A 427 19.22 2.68 -5.03
CA SER A 427 17.90 2.83 -5.61
C SER A 427 17.13 3.97 -4.97
N GLY A 428 17.22 4.08 -3.65
CA GLY A 428 16.58 5.20 -2.97
C GLY A 428 17.08 6.52 -3.50
N ILE A 429 18.39 6.62 -3.76
CA ILE A 429 18.89 7.87 -4.28
C ILE A 429 18.34 8.12 -5.67
N VAL A 430 18.37 7.10 -6.53
CA VAL A 430 17.87 7.28 -7.90
C VAL A 430 16.43 7.78 -7.87
N GLN A 431 15.59 7.12 -7.06
CA GLN A 431 14.17 7.50 -7.00
C GLN A 431 14.01 8.90 -6.41
N TYR A 432 14.84 9.26 -5.44
CA TYR A 432 14.80 10.61 -4.90
C TYR A 432 15.10 11.64 -5.98
N LEU A 433 16.17 11.42 -6.74
CA LEU A 433 16.58 12.44 -7.71
C LEU A 433 15.66 12.47 -8.90
N GLN A 434 14.96 11.37 -9.17
CA GLN A 434 14.04 11.36 -10.29
C GLN A 434 12.71 11.99 -9.92
N LYS A 435 12.15 11.65 -8.75
CA LYS A 435 10.92 12.27 -8.31
C LYS A 435 11.06 13.78 -8.10
N HIS A 436 12.26 14.30 -7.90
CA HIS A 436 12.42 15.68 -7.43
C HIS A 436 13.34 16.51 -8.31
N SER A 437 13.61 16.11 -9.55
CA SER A 437 14.50 16.90 -10.38
C SER A 437 13.91 18.28 -10.56
N TYR A 438 14.78 19.28 -10.62
CA TYR A 438 14.39 20.66 -10.88
C TYR A 438 13.40 21.20 -9.84
N LYS A 439 13.31 20.54 -8.68
CA LYS A 439 12.45 21.01 -7.60
C LYS A 439 13.23 21.15 -6.30
N ASN A 440 12.55 21.45 -5.21
CA ASN A 440 13.20 21.62 -3.93
C ASN A 440 12.63 20.60 -2.94
N THR A 441 13.49 20.13 -2.03
CA THR A 441 13.11 19.08 -1.10
C THR A 441 13.45 19.48 0.32
N LYS A 442 12.72 18.88 1.25
CA LYS A 442 12.95 18.94 2.68
C LYS A 442 13.81 17.77 3.14
N ASN A 443 14.23 17.83 4.40
CA ASN A 443 15.03 16.75 4.97
C ASN A 443 14.32 15.41 4.79
N GLU A 444 13.02 15.37 5.16
CA GLU A 444 12.27 14.13 5.25
C GLU A 444 12.00 13.49 3.89
N ASP A 445 12.12 14.25 2.81
CA ASP A 445 11.83 13.71 1.49
C ASP A 445 12.81 12.61 1.10
N LEU A 446 14.09 12.80 1.42
CA LEU A 446 15.07 11.75 1.12
C LEU A 446 14.76 10.48 1.92
N TRP A 447 14.45 10.62 3.20
CA TRP A 447 14.09 9.44 3.98
C TRP A 447 12.87 8.76 3.41
N ASP A 448 11.84 9.53 3.07
CA ASP A 448 10.65 8.91 2.50
C ASP A 448 11.02 8.12 1.24
N SER A 449 11.88 8.69 0.38
CA SER A 449 12.31 7.95 -0.80
C SER A 449 13.11 6.70 -0.41
N MET A 450 13.83 6.76 0.71
CA MET A 450 14.63 5.62 1.14
C MET A 450 13.75 4.47 1.61
N ALA A 451 12.62 4.79 2.24
CA ALA A 451 11.80 3.75 2.83
C ALA A 451 11.06 2.95 1.76
N SER A 452 10.53 3.62 0.73
CA SER A 452 9.72 2.95 -0.29
C SER A 452 10.51 1.96 -1.13
N ILE A 453 11.77 1.70 -0.79
CA ILE A 453 12.60 0.76 -1.52
C ILE A 453 12.37 -0.65 -0.96
N CYS A 454 12.30 -1.65 -1.85
CA CYS A 454 12.08 -3.02 -1.42
C CYS A 454 13.38 -3.81 -1.49
N PRO A 455 13.72 -4.57 -0.45
CA PRO A 455 14.96 -5.37 -0.49
C PRO A 455 14.84 -6.50 -1.50
N THR A 456 15.73 -6.49 -2.49
CA THR A 456 15.74 -7.52 -3.54
C THR A 456 16.75 -8.61 -3.22
N GLU A 481 10.45 -6.83 6.70
CA GLU A 481 10.14 -5.73 7.61
C GLU A 481 10.50 -4.37 7.01
N ARG A 482 9.51 -3.50 6.89
CA ARG A 482 9.76 -2.15 6.40
C ARG A 482 10.70 -1.42 7.35
N VAL A 483 11.59 -0.60 6.79
CA VAL A 483 12.65 -0.03 7.60
C VAL A 483 12.22 1.26 8.33
N ASP A 484 11.27 2.01 7.78
CA ASP A 484 10.85 3.28 8.38
C ASP A 484 12.06 4.19 8.60
N VAL A 485 12.73 4.50 7.50
CA VAL A 485 13.97 5.26 7.59
C VAL A 485 13.70 6.62 8.20
N LYS A 486 12.55 7.21 7.89
CA LYS A 486 12.26 8.57 8.33
C LYS A 486 12.44 8.70 9.84
N THR A 487 11.69 7.90 10.59
CA THR A 487 11.66 8.05 12.05
C THR A 487 13.04 7.81 12.64
N MET A 488 13.71 6.75 12.18
CA MET A 488 15.06 6.44 12.66
C MET A 488 16.00 7.60 12.43
N MET A 489 16.04 8.08 11.19
CA MET A 489 17.01 9.12 10.85
C MET A 489 16.78 10.37 11.67
N ASN A 490 15.51 10.67 12.00
CA ASN A 490 15.26 11.85 12.80
C ASN A 490 16.02 11.78 14.12
N THR A 491 16.17 10.58 14.68
CA THR A 491 16.80 10.44 15.99
C THR A 491 18.29 10.78 15.94
N TRP A 492 18.92 10.56 14.78
CA TRP A 492 20.32 10.90 14.59
C TRP A 492 20.53 12.34 14.16
N THR A 493 19.58 12.89 13.40
CA THR A 493 19.76 14.26 12.94
C THR A 493 19.37 15.30 13.98
N LEU A 494 18.29 15.07 14.73
CA LEU A 494 17.77 16.10 15.62
C LEU A 494 18.36 16.08 17.02
N GLN A 495 19.22 15.11 17.33
CA GLN A 495 19.81 15.00 18.66
C GLN A 495 21.32 15.15 18.58
N ARG A 496 21.89 15.97 19.46
CA ARG A 496 23.34 16.06 19.51
C ARG A 496 23.89 14.75 20.08
N GLY A 497 25.12 14.43 19.69
CA GLY A 497 25.80 13.28 20.27
C GLY A 497 25.39 11.96 19.63
N PHE A 498 26.04 10.90 20.09
CA PHE A 498 25.77 9.55 19.59
C PHE A 498 25.55 8.60 20.76
N PRO A 499 25.25 7.31 20.51
CA PRO A 499 25.03 6.38 21.62
C PRO A 499 26.23 5.48 21.91
N LEU A 500 26.41 5.10 23.17
CA LEU A 500 27.24 3.97 23.54
C LEU A 500 26.36 2.75 23.65
N ILE A 501 26.81 1.65 23.03
CA ILE A 501 26.06 0.39 22.98
C ILE A 501 26.83 -0.64 23.79
N THR A 502 26.12 -1.28 24.73
CA THR A 502 26.70 -2.30 25.59
C THR A 502 26.03 -3.64 25.27
N ILE A 503 26.84 -4.67 25.10
CA ILE A 503 26.35 -5.99 24.74
C ILE A 503 26.68 -6.97 25.85
N THR A 504 25.65 -7.70 26.33
CA THR A 504 25.80 -8.77 27.30
C THR A 504 25.29 -10.07 26.67
N VAL A 505 26.00 -11.18 26.87
CA VAL A 505 25.67 -12.44 26.18
C VAL A 505 25.51 -13.54 27.23
N ARG A 506 24.28 -14.01 27.40
CA ARG A 506 23.97 -15.11 28.32
C ARG A 506 23.40 -16.22 27.46
N GLY A 507 24.20 -17.26 27.24
CA GLY A 507 23.84 -18.30 26.28
C GLY A 507 23.55 -17.82 24.86
N ARG A 508 22.32 -18.01 24.39
CA ARG A 508 21.96 -17.46 23.09
C ARG A 508 21.29 -16.10 23.20
N ASN A 509 21.10 -15.58 24.40
CA ASN A 509 20.41 -14.31 24.59
C ASN A 509 21.43 -13.17 24.58
N VAL A 510 21.28 -12.27 23.60
CA VAL A 510 22.16 -11.12 23.43
C VAL A 510 21.41 -9.88 23.89
N HIS A 511 21.76 -9.34 25.05
CA HIS A 511 21.14 -8.15 25.61
C HIS A 511 21.87 -6.89 25.12
N MET A 512 21.10 -5.89 24.68
CA MET A 512 21.63 -4.67 24.10
C MET A 512 21.16 -3.45 24.88
N LYS A 513 22.10 -2.55 25.19
CA LYS A 513 21.80 -1.32 25.92
C LYS A 513 22.36 -0.13 25.15
N GLN A 514 21.63 0.97 25.15
CA GLN A 514 22.10 2.21 24.54
C GLN A 514 22.01 3.36 25.55
N GLU A 515 23.01 4.23 25.52
CA GLU A 515 23.00 5.39 26.41
C GLU A 515 23.82 6.51 25.78
N HIS A 516 23.36 7.75 25.95
CA HIS A 516 24.09 8.87 25.38
C HIS A 516 25.54 8.80 25.84
N TYR A 517 26.47 8.57 24.92
CA TYR A 517 27.89 8.56 25.30
C TYR A 517 28.34 10.01 25.46
N MET A 518 28.48 10.45 26.71
CA MET A 518 28.95 11.80 27.02
C MET A 518 30.33 11.68 27.66
N LYS A 519 31.32 12.31 27.03
CA LYS A 519 32.70 12.17 27.50
C LYS A 519 33.05 13.13 28.62
N GLY A 520 32.33 14.24 28.75
CA GLY A 520 32.60 15.20 29.80
C GLY A 520 32.50 14.61 31.19
N SER A 521 33.63 14.54 31.91
CA SER A 521 33.68 13.98 33.26
C SER A 521 33.34 15.01 34.32
N ASP A 522 32.98 16.23 33.90
CA ASP A 522 32.64 17.30 34.87
C ASP A 522 31.14 17.20 35.17
N GLY A 523 30.78 16.96 36.44
CA GLY A 523 29.39 16.86 36.82
C GLY A 523 28.78 15.53 36.39
N ALA A 524 27.49 15.40 36.69
CA ALA A 524 26.76 14.20 36.33
C ALA A 524 25.48 14.51 35.56
N PRO A 525 25.51 15.42 34.57
CA PRO A 525 24.29 15.71 33.81
C PRO A 525 23.97 14.58 32.85
N ASP A 526 22.73 14.13 32.87
CA ASP A 526 22.28 12.99 32.07
C ASP A 526 21.08 13.38 31.23
N THR A 527 21.10 12.97 29.96
CA THR A 527 20.01 13.22 29.03
C THR A 527 19.34 11.90 28.64
N GLY A 528 18.03 11.95 28.44
CA GLY A 528 17.28 10.75 28.10
C GLY A 528 17.33 10.40 26.63
N TYR A 529 18.37 10.84 25.93
CA TYR A 529 18.44 10.60 24.49
C TYR A 529 18.36 9.12 24.17
N LEU A 530 17.49 8.78 23.21
CA LEU A 530 17.43 7.45 22.63
C LEU A 530 17.59 7.54 21.13
N TRP A 531 18.16 6.51 20.53
CA TRP A 531 18.27 6.49 19.08
C TRP A 531 17.60 5.24 18.52
N HIS A 532 17.39 5.25 17.21
CA HIS A 532 17.15 4.02 16.44
C HIS A 532 18.51 3.59 15.91
N VAL A 533 19.16 2.71 16.65
CA VAL A 533 20.51 2.26 16.31
C VAL A 533 20.42 1.11 15.31
N PRO A 534 20.95 1.27 14.11
CA PRO A 534 20.92 0.18 13.12
C PRO A 534 22.03 -0.84 13.35
N LEU A 535 21.98 -1.51 14.50
CA LEU A 535 23.06 -2.41 14.90
C LEU A 535 23.33 -3.47 13.84
N THR A 536 24.61 -3.83 13.71
CA THR A 536 25.06 -4.90 12.82
C THR A 536 26.13 -5.72 13.53
N PHE A 537 26.02 -7.05 13.48
CA PHE A 537 26.94 -7.89 14.22
C PHE A 537 27.34 -9.11 13.41
N ILE A 538 28.45 -9.72 13.82
CA ILE A 538 28.90 -11.00 13.27
C ILE A 538 29.38 -11.85 14.44
N THR A 539 29.31 -13.16 14.26
CA THR A 539 29.71 -14.10 15.32
C THR A 539 30.71 -15.10 14.78
N SER A 540 31.33 -15.82 15.73
CA SER A 540 32.30 -16.83 15.36
C SER A 540 31.70 -17.94 14.51
N LYS A 541 30.38 -18.13 14.54
CA LYS A 541 29.75 -19.16 13.74
C LYS A 541 29.49 -18.66 12.33
N SER A 542 28.40 -17.91 12.15
CA SER A 542 28.01 -17.43 10.83
C SER A 542 28.90 -16.26 10.41
N ASP A 543 29.45 -16.37 9.20
CA ASP A 543 30.22 -15.28 8.60
C ASP A 543 29.31 -14.19 8.04
N MET A 544 28.01 -14.45 7.92
CA MET A 544 27.08 -13.47 7.37
C MET A 544 26.84 -12.32 8.35
N VAL A 545 26.55 -11.15 7.80
CA VAL A 545 26.25 -9.97 8.60
C VAL A 545 24.80 -10.01 9.07
N HIS A 546 24.57 -9.68 10.34
CA HIS A 546 23.22 -9.67 10.89
C HIS A 546 22.82 -8.25 11.27
N ARG A 547 21.63 -7.84 10.82
CA ARG A 547 21.09 -6.54 11.21
C ARG A 547 20.20 -6.68 12.43
N PHE A 548 20.05 -5.57 13.17
CA PHE A 548 19.05 -5.50 14.25
C PHE A 548 18.86 -4.04 14.62
N LEU A 549 17.62 -3.56 14.50
CA LEU A 549 17.31 -2.14 14.70
C LEU A 549 16.85 -1.94 16.13
N LEU A 550 17.73 -1.41 16.97
CA LEU A 550 17.42 -1.18 18.37
C LEU A 550 16.65 0.13 18.48
N LYS A 551 15.37 0.05 18.82
CA LYS A 551 14.56 1.26 18.94
C LYS A 551 14.30 1.67 20.38
N THR A 552 14.79 0.91 21.35
CA THR A 552 14.48 1.14 22.76
C THR A 552 15.77 1.18 23.57
N LYS A 553 15.61 1.43 24.87
CA LYS A 553 16.75 1.44 25.79
C LYS A 553 17.35 0.05 25.93
N THR A 554 16.50 -0.97 26.04
CA THR A 554 16.93 -2.36 26.22
C THR A 554 16.20 -3.24 25.21
N ASP A 555 16.91 -4.25 24.71
CA ASP A 555 16.29 -5.21 23.76
C ASP A 555 17.09 -6.52 23.81
N VAL A 556 16.47 -7.63 23.41
CA VAL A 556 17.17 -8.95 23.46
C VAL A 556 17.09 -9.59 22.07
N LEU A 557 18.20 -10.15 21.61
CA LEU A 557 18.30 -10.85 20.31
C LEU A 557 18.70 -12.30 20.58
N ILE A 558 17.97 -13.26 20.01
CA ILE A 558 18.27 -14.70 20.29
C ILE A 558 19.04 -15.30 19.10
N LEU A 559 20.17 -15.95 19.39
CA LEU A 559 21.02 -16.58 18.35
C LEU A 559 20.68 -18.07 18.24
N PRO A 560 20.89 -18.70 17.06
CA PRO A 560 20.65 -20.14 16.89
C PRO A 560 21.48 -21.02 17.81
N GLU A 561 22.73 -20.66 18.08
CA GLU A 561 23.58 -21.47 18.95
C GLU A 561 24.64 -20.58 19.57
N GLU A 562 25.19 -21.04 20.70
CA GLU A 562 26.26 -20.30 21.38
C GLU A 562 27.38 -20.01 20.41
N VAL A 563 28.15 -18.97 20.71
CA VAL A 563 29.22 -18.54 19.80
C VAL A 563 30.51 -18.35 20.57
N GLU A 564 31.62 -18.61 19.88
CA GLU A 564 32.94 -18.37 20.47
C GLU A 564 33.11 -16.90 20.84
N TRP A 565 32.69 -16.00 19.95
CA TRP A 565 32.82 -14.57 20.16
C TRP A 565 31.77 -13.86 19.32
N ILE A 566 31.54 -12.60 19.64
CA ILE A 566 30.62 -11.78 18.87
C ILE A 566 31.19 -10.38 18.76
N LYS A 567 30.89 -9.71 17.65
CA LYS A 567 31.39 -8.36 17.43
C LYS A 567 30.33 -7.55 16.70
N PHE A 568 29.89 -6.47 17.33
CA PHE A 568 28.92 -5.54 16.77
C PHE A 568 29.61 -4.40 16.03
N ASN A 569 28.80 -3.68 15.24
CA ASN A 569 29.26 -2.57 14.41
C ASN A 569 30.28 -3.07 13.38
N VAL A 570 29.75 -3.90 12.48
CA VAL A 570 30.58 -4.60 11.51
C VAL A 570 31.13 -3.59 10.51
N GLY A 571 32.45 -3.55 10.39
CA GLY A 571 33.04 -2.68 9.42
C GLY A 571 33.29 -1.27 9.90
N MET A 572 32.87 -0.94 11.12
CA MET A 572 33.03 0.38 11.70
C MET A 572 32.15 1.42 11.04
N ASN A 573 31.02 0.98 10.46
CA ASN A 573 30.22 1.89 9.66
C ASN A 573 29.24 2.68 10.51
N GLY A 574 28.60 2.02 11.47
CA GLY A 574 27.64 2.71 12.31
C GLY A 574 28.31 3.76 13.17
N TYR A 575 27.54 4.81 13.46
CA TYR A 575 28.05 5.96 14.21
C TYR A 575 27.78 5.78 15.71
N TYR A 576 28.39 4.72 16.28
CA TYR A 576 28.27 4.43 17.71
C TYR A 576 29.53 3.70 18.16
N ILE A 577 29.60 3.35 19.44
CA ILE A 577 30.67 2.51 19.95
C ILE A 577 30.08 1.45 20.85
N VAL A 578 30.61 0.22 20.75
CA VAL A 578 30.12 -0.92 21.51
C VAL A 578 31.04 -1.19 22.68
N HIS A 579 30.43 -1.65 23.77
CA HIS A 579 31.12 -2.08 24.97
C HIS A 579 30.64 -3.47 25.31
N TYR A 580 31.56 -4.42 25.46
CA TYR A 580 31.20 -5.80 25.71
C TYR A 580 31.33 -6.07 27.22
N GLU A 581 30.20 -6.34 27.86
CA GLU A 581 30.17 -6.65 29.28
C GLU A 581 30.71 -8.06 29.54
N ASP A 582 30.94 -8.34 30.81
CA ASP A 582 31.42 -9.67 31.25
C ASP A 582 32.74 -9.93 30.54
N ASP A 583 32.89 -11.02 29.77
CA ASP A 583 34.18 -11.41 29.23
C ASP A 583 34.25 -11.25 27.72
N GLY A 584 33.38 -10.42 27.14
CA GLY A 584 33.40 -10.24 25.71
C GLY A 584 34.71 -9.68 25.22
N TRP A 585 35.19 -8.62 25.88
CA TRP A 585 36.47 -8.04 25.50
C TRP A 585 37.57 -9.07 25.56
N ASP A 586 37.51 -10.00 26.52
CA ASP A 586 38.50 -11.07 26.56
C ASP A 586 38.46 -11.89 25.28
N SER A 587 37.27 -12.37 24.90
CA SER A 587 37.20 -13.25 23.73
C SER A 587 37.64 -12.51 22.48
N LEU A 588 37.36 -11.20 22.41
CA LEU A 588 37.77 -10.44 21.23
C LEU A 588 39.28 -10.19 21.23
N THR A 589 39.87 -9.88 22.39
CA THR A 589 41.32 -9.73 22.47
C THR A 589 42.01 -11.03 22.09
N GLY A 590 41.44 -12.16 22.50
CA GLY A 590 41.99 -13.44 22.11
C GLY A 590 41.83 -13.71 20.64
N LEU A 591 40.69 -13.31 20.07
CA LEU A 591 40.50 -13.42 18.62
C LEU A 591 41.61 -12.67 17.89
N LEU A 592 41.88 -11.43 18.30
CA LEU A 592 42.90 -10.65 17.62
C LEU A 592 44.28 -11.28 17.80
N LYS A 593 44.64 -11.63 19.03
CA LYS A 593 45.98 -12.17 19.28
C LYS A 593 46.19 -13.53 18.63
N GLY A 594 45.12 -14.31 18.45
CA GLY A 594 45.24 -15.64 17.89
C GLY A 594 45.27 -15.64 16.37
N THR A 595 44.27 -15.02 15.75
CA THR A 595 44.25 -14.88 14.29
C THR A 595 44.38 -13.41 13.90
N HIS A 596 43.35 -12.60 14.13
CA HIS A 596 43.35 -11.16 13.88
C HIS A 596 42.81 -10.87 12.49
N THR A 597 42.98 -11.81 11.55
CA THR A 597 42.28 -11.66 10.29
C THR A 597 40.83 -12.13 10.38
N ALA A 598 40.42 -12.68 11.52
CA ALA A 598 39.04 -13.10 11.68
C ALA A 598 38.10 -11.95 11.41
N VAL A 599 38.51 -10.74 11.75
CA VAL A 599 37.73 -9.53 11.54
C VAL A 599 38.51 -8.64 10.58
N SER A 600 37.81 -7.67 10.02
CA SER A 600 38.40 -6.81 9.00
C SER A 600 39.35 -5.79 9.61
N SER A 601 40.24 -5.26 8.77
CA SER A 601 41.17 -4.22 9.22
C SER A 601 40.44 -3.10 9.93
N ASN A 602 39.39 -2.56 9.30
CA ASN A 602 38.60 -1.55 9.98
C ASN A 602 38.05 -2.08 11.29
N ASP A 603 37.61 -3.35 11.32
CA ASP A 603 37.08 -3.89 12.56
C ASP A 603 38.11 -3.81 13.67
N ARG A 604 39.36 -4.16 13.37
CA ARG A 604 40.40 -4.10 14.38
C ARG A 604 40.64 -2.67 14.82
N ALA A 605 40.63 -1.74 13.86
CA ALA A 605 40.78 -0.32 14.22
C ALA A 605 39.67 0.13 15.15
N SER A 606 38.45 -0.32 14.90
CA SER A 606 37.33 0.01 15.77
C SER A 606 37.56 -0.56 17.16
N LEU A 607 37.97 -1.81 17.24
CA LEU A 607 38.19 -2.40 18.55
C LEU A 607 39.17 -1.56 19.34
N ILE A 608 40.29 -1.15 18.73
CA ILE A 608 41.28 -0.35 19.45
C ILE A 608 40.69 0.98 19.91
N ASN A 609 40.06 1.70 18.98
CA ASN A 609 39.48 3.00 19.30
C ASN A 609 38.50 2.88 20.46
N ASN A 610 37.51 1.99 20.33
CA ASN A 610 36.50 1.84 21.36
C ASN A 610 37.14 1.41 22.67
N ALA A 611 38.13 0.53 22.62
CA ALA A 611 38.78 0.09 23.85
C ALA A 611 39.30 1.27 24.63
N PHE A 612 40.05 2.16 23.97
CA PHE A 612 40.64 3.27 24.72
C PHE A 612 39.60 4.32 25.09
N GLN A 613 38.62 4.57 24.22
CA GLN A 613 37.58 5.53 24.58
C GLN A 613 36.82 5.06 25.81
N LEU A 614 36.56 3.76 25.90
CA LEU A 614 35.91 3.22 27.10
C LEU A 614 36.85 3.28 28.29
N VAL A 615 38.15 3.10 28.07
CA VAL A 615 39.11 3.29 29.16
C VAL A 615 38.99 4.70 29.71
N SER A 616 38.62 5.67 28.86
CA SER A 616 38.49 7.05 29.32
C SER A 616 37.31 7.22 30.27
N ILE A 617 36.12 6.77 29.86
CA ILE A 617 34.92 6.94 30.67
C ILE A 617 34.82 5.84 31.73
N GLY A 618 35.97 5.29 32.13
CA GLY A 618 36.02 4.42 33.30
C GLY A 618 35.27 3.11 33.20
N LYS A 619 34.95 2.64 32.00
CA LYS A 619 34.25 1.37 31.84
C LYS A 619 35.18 0.23 31.43
N LEU A 620 36.45 0.50 31.16
CA LEU A 620 37.37 -0.56 30.80
C LEU A 620 38.71 -0.30 31.45
N SER A 621 39.31 -1.35 32.02
CA SER A 621 40.60 -1.22 32.68
C SER A 621 41.69 -0.90 31.65
N ILE A 622 42.58 0.04 32.02
CA ILE A 622 43.72 0.35 31.16
C ILE A 622 44.53 -0.92 30.86
N GLU A 623 44.55 -1.86 31.79
CA GLU A 623 45.12 -3.17 31.50
C GLU A 623 44.46 -3.71 30.23
N LYS A 624 43.15 -3.99 30.28
CA LYS A 624 42.43 -4.55 29.14
C LYS A 624 42.82 -3.87 27.84
N ALA A 625 42.92 -2.54 27.84
CA ALA A 625 43.28 -1.83 26.62
C ALA A 625 44.69 -2.17 26.17
N LEU A 626 45.64 -2.21 27.11
CA LEU A 626 47.00 -2.51 26.68
C LEU A 626 47.13 -3.97 26.24
N ASP A 627 46.53 -4.88 27.01
CA ASP A 627 46.48 -6.27 26.58
C ASP A 627 45.95 -6.38 25.17
N LEU A 628 44.88 -5.66 24.87
CA LEU A 628 44.34 -5.61 23.51
C LEU A 628 45.42 -5.15 22.54
N SER A 629 46.02 -4.01 22.82
CA SER A 629 46.98 -3.42 21.90
C SER A 629 48.11 -4.39 21.61
N LEU A 630 48.38 -5.30 22.55
CA LEU A 630 49.44 -6.28 22.36
C LEU A 630 49.32 -6.97 21.00
N TYR A 631 48.10 -7.09 20.47
CA TYR A 631 47.93 -7.77 19.20
C TYR A 631 48.68 -7.07 18.08
N LEU A 632 49.03 -5.80 18.26
CA LEU A 632 49.50 -4.94 17.18
C LEU A 632 50.82 -5.37 16.58
N LYS A 633 51.44 -6.43 17.12
CA LYS A 633 52.70 -6.90 16.55
C LYS A 633 52.47 -7.57 15.19
N HIS A 634 51.27 -8.13 14.97
CA HIS A 634 50.95 -8.78 13.70
C HIS A 634 50.28 -7.86 12.70
N GLU A 635 49.76 -6.72 13.13
CA GLU A 635 48.94 -5.87 12.28
C GLU A 635 49.75 -5.25 11.15
N THR A 636 49.22 -5.35 9.93
CA THR A 636 49.88 -4.79 8.75
C THR A 636 49.20 -3.56 8.20
N GLU A 637 47.90 -3.41 8.44
CA GLU A 637 47.12 -2.34 7.84
C GLU A 637 47.34 -1.03 8.59
N ILE A 638 47.04 0.08 7.90
CA ILE A 638 47.43 1.39 8.40
C ILE A 638 46.45 1.90 9.46
N MET A 639 45.15 1.64 9.25
CA MET A 639 44.07 2.21 10.09
C MET A 639 44.15 1.78 11.56
N PRO A 640 44.32 0.48 11.90
CA PRO A 640 44.49 0.08 13.30
C PRO A 640 45.81 0.51 13.89
N VAL A 641 46.91 0.41 13.13
CA VAL A 641 48.20 0.89 13.64
C VAL A 641 48.11 2.35 14.02
N PHE A 642 47.39 3.14 13.22
CA PHE A 642 47.29 4.56 13.54
C PHE A 642 46.42 4.81 14.76
N GLN A 643 45.32 4.09 14.89
CA GLN A 643 44.55 4.18 16.13
C GLN A 643 45.45 3.90 17.32
N GLY A 644 46.20 2.79 17.25
CA GLY A 644 47.06 2.42 18.35
C GLY A 644 48.08 3.48 18.65
N LEU A 645 48.62 4.11 17.62
CA LEU A 645 49.59 5.19 17.83
C LEU A 645 48.92 6.40 18.48
N ASN A 646 47.75 6.79 17.96
CA ASN A 646 47.01 7.92 18.50
C ASN A 646 46.76 7.74 19.98
N GLU A 647 46.57 6.51 20.42
CA GLU A 647 46.28 6.31 21.84
C GLU A 647 47.51 6.00 22.69
N LEU A 648 48.59 5.48 22.11
CA LEU A 648 49.78 5.12 22.88
C LEU A 648 50.80 6.24 22.98
N ILE A 649 51.05 6.97 21.87
CA ILE A 649 52.05 8.04 21.92
C ILE A 649 51.76 9.04 23.03
N PRO A 650 50.56 9.61 23.16
CA PRO A 650 50.34 10.64 24.19
C PRO A 650 50.65 10.16 25.60
N MET A 651 50.43 8.87 25.86
CA MET A 651 50.74 8.35 27.22
C MET A 651 52.25 8.50 27.44
N TYR A 652 53.05 8.12 26.44
CA TYR A 652 54.52 8.24 26.53
C TYR A 652 54.93 9.72 26.59
N LYS A 653 54.24 10.56 25.80
CA LYS A 653 54.55 12.02 25.77
C LYS A 653 54.29 12.60 27.16
N LEU A 654 53.21 12.18 27.81
CA LEU A 654 52.90 12.67 29.18
C LEU A 654 54.04 12.25 30.11
N MET A 655 54.55 11.03 29.91
CA MET A 655 55.63 10.52 30.77
C MET A 655 56.96 11.25 30.57
N GLU A 656 57.14 11.93 29.44
CA GLU A 656 58.39 12.65 29.20
C GLU A 656 58.58 13.80 30.20
N LYS A 657 57.53 14.58 30.44
CA LYS A 657 57.59 15.63 31.45
C LYS A 657 57.64 15.07 32.87
N ARG A 658 57.45 13.75 33.00
CA ARG A 658 57.40 13.07 34.32
C ARG A 658 58.77 13.03 34.99
N ASP A 659 58.77 12.86 36.33
CA ASP A 659 59.98 12.82 37.12
C ASP A 659 60.83 11.62 36.70
N MET A 660 60.40 10.42 37.08
CA MET A 660 61.19 9.22 36.84
C MET A 660 60.98 8.69 35.42
N ASN A 661 62.07 8.27 34.81
CA ASN A 661 62.07 7.64 33.50
C ASN A 661 62.16 6.12 33.57
N GLU A 662 62.29 5.56 34.78
CA GLU A 662 62.39 4.10 34.90
C GLU A 662 61.16 3.40 34.34
N VAL A 663 60.02 4.08 34.25
CA VAL A 663 58.81 3.52 33.67
C VAL A 663 58.62 4.07 32.27
N GLU A 664 59.03 5.32 32.05
CA GLU A 664 58.95 5.90 30.71
C GLU A 664 59.76 5.10 29.70
N THR A 665 61.00 4.76 30.06
CA THR A 665 61.83 3.95 29.18
C THR A 665 61.20 2.59 28.91
N GLN A 666 60.59 1.99 29.93
CA GLN A 666 59.95 0.69 29.75
C GLN A 666 58.75 0.79 28.81
N PHE A 667 58.01 1.90 28.84
CA PHE A 667 56.87 2.06 27.96
C PHE A 667 57.30 2.35 26.53
N LYS A 668 58.36 3.15 26.35
CA LYS A 668 58.92 3.33 25.01
C LYS A 668 59.46 2.01 24.47
N ALA A 669 60.08 1.20 25.33
CA ALA A 669 60.52 -0.12 24.90
C ALA A 669 59.34 -1.00 24.51
N PHE A 670 58.25 -0.94 25.27
CA PHE A 670 57.07 -1.70 24.89
C PHE A 670 56.54 -1.28 23.54
N LEU A 671 56.48 0.04 23.31
CA LEU A 671 55.97 0.55 22.05
C LEU A 671 56.84 0.10 20.88
N ILE A 672 58.17 0.16 21.04
CA ILE A 672 59.04 -0.22 19.93
C ILE A 672 59.06 -1.72 19.73
N ARG A 673 58.93 -2.51 20.80
CA ARG A 673 58.74 -3.95 20.62
C ARG A 673 57.48 -4.23 19.83
N LEU A 674 56.41 -3.50 20.12
CA LEU A 674 55.19 -3.62 19.35
C LEU A 674 55.45 -3.38 17.88
N LEU A 675 56.05 -2.24 17.56
CA LEU A 675 56.17 -1.76 16.18
C LEU A 675 57.43 -2.25 15.47
N ARG A 676 58.18 -3.16 16.09
CA ARG A 676 59.51 -3.62 15.57
C ARG A 676 59.39 -4.30 14.20
N ASP A 677 58.43 -5.21 14.04
CA ASP A 677 58.20 -5.91 12.78
C ASP A 677 57.72 -4.95 11.71
N LEU A 678 56.80 -4.05 12.07
CA LEU A 678 56.21 -3.15 11.09
C LEU A 678 57.20 -2.12 10.60
N ILE A 679 58.02 -1.57 11.51
CA ILE A 679 59.09 -0.68 11.09
C ILE A 679 60.04 -1.39 10.14
N ASP A 680 60.43 -2.62 10.49
CA ASP A 680 61.35 -3.37 9.63
C ASP A 680 60.74 -3.63 8.25
N LYS A 681 59.42 -3.85 8.18
CA LYS A 681 58.82 -4.19 6.91
C LYS A 681 58.91 -3.05 5.90
N GLN A 682 59.08 -1.81 6.36
CA GLN A 682 58.86 -0.68 5.48
C GLN A 682 60.08 -0.44 4.57
N THR A 683 59.81 0.23 3.45
CA THR A 683 60.85 0.60 2.50
C THR A 683 61.21 2.07 2.67
N TRP A 684 62.44 2.40 2.25
CA TRP A 684 62.96 3.76 2.34
C TRP A 684 62.81 4.46 0.98
N THR A 685 61.55 4.66 0.61
CA THR A 685 61.21 5.31 -0.65
C THR A 685 60.01 6.21 -0.39
N ASP A 686 59.40 6.69 -1.49
CA ASP A 686 58.13 7.42 -1.43
C ASP A 686 57.01 6.66 -2.12
N GLU A 687 57.15 5.34 -2.24
CA GLU A 687 56.13 4.51 -2.89
C GLU A 687 54.89 4.39 -2.00
N GLY A 688 53.79 3.99 -2.63
CA GLY A 688 52.54 3.73 -1.93
C GLY A 688 51.60 4.93 -1.94
N SER A 689 50.46 4.72 -1.29
CA SER A 689 49.42 5.74 -1.19
C SER A 689 49.76 6.78 -0.15
N VAL A 690 48.93 7.82 -0.08
CA VAL A 690 49.14 8.88 0.91
C VAL A 690 49.17 8.30 2.31
N SER A 691 48.23 7.39 2.60
CA SER A 691 48.20 6.74 3.90
C SER A 691 49.52 6.03 4.20
N GLU A 692 50.00 5.26 3.24
CA GLU A 692 51.19 4.45 3.47
C GLU A 692 52.44 5.31 3.60
N ARG A 693 52.54 6.37 2.80
CA ARG A 693 53.66 7.31 2.94
C ARG A 693 53.65 8.00 4.29
N MET A 694 52.47 8.44 4.73
CA MET A 694 52.37 9.07 6.05
C MET A 694 52.81 8.09 7.14
N LEU A 695 52.34 6.85 7.06
CA LEU A 695 52.73 5.85 8.05
C LEU A 695 54.22 5.58 8.01
N ARG A 696 54.79 5.48 6.80
CA ARG A 696 56.22 5.27 6.67
C ARG A 696 57.00 6.38 7.37
N SER A 697 56.65 7.63 7.09
CA SER A 697 57.30 8.76 7.76
C SER A 697 57.18 8.64 9.27
N GLU A 698 55.98 8.39 9.78
CA GLU A 698 55.79 8.31 11.22
C GLU A 698 56.64 7.20 11.83
N LEU A 699 56.57 6.00 11.25
CA LEU A 699 57.27 4.86 11.84
C LEU A 699 58.77 5.06 11.81
N LEU A 700 59.30 5.59 10.71
CA LEU A 700 60.75 5.75 10.61
C LEU A 700 61.25 6.83 11.56
N LEU A 701 60.54 7.97 11.62
CA LEU A 701 60.95 9.02 12.55
C LEU A 701 60.84 8.55 13.99
N LEU A 702 59.81 7.75 14.30
CA LEU A 702 59.66 7.22 15.65
C LEU A 702 60.79 6.25 15.98
N ALA A 703 60.99 5.25 15.13
CA ALA A 703 62.06 4.26 15.35
C ALA A 703 63.42 4.93 15.50
N CYS A 704 63.66 6.02 14.78
CA CYS A 704 64.95 6.71 14.86
CA CYS A 704 64.96 6.67 14.89
C CYS A 704 65.05 7.65 16.04
N VAL A 705 63.93 8.23 16.49
CA VAL A 705 64.02 9.14 17.62
C VAL A 705 64.21 8.39 18.93
N HIS A 706 63.96 7.08 18.96
CA HIS A 706 64.15 6.27 20.16
C HIS A 706 65.32 5.31 20.03
N ASN A 707 66.28 5.62 19.15
CA ASN A 707 67.54 4.89 19.05
C ASN A 707 67.32 3.42 18.69
N TYR A 708 66.59 3.19 17.62
CA TYR A 708 66.44 1.84 17.06
C TYR A 708 67.63 1.59 16.14
N GLN A 709 68.49 0.64 16.52
CA GLN A 709 69.77 0.38 15.88
C GLN A 709 69.69 0.40 14.35
N PRO A 710 68.87 -0.47 13.76
CA PRO A 710 68.82 -0.50 12.28
C PRO A 710 68.46 0.84 11.67
N CYS A 711 67.40 1.47 12.17
CA CYS A 711 66.99 2.75 11.60
CA CYS A 711 66.97 2.77 11.65
C CYS A 711 68.06 3.82 11.82
N VAL A 712 68.65 3.89 13.02
CA VAL A 712 69.66 4.92 13.26
C VAL A 712 70.84 4.75 12.32
N GLN A 713 71.30 3.51 12.13
CA GLN A 713 72.46 3.32 11.27
C GLN A 713 72.14 3.62 9.81
N ARG A 714 70.98 3.17 9.34
CA ARG A 714 70.60 3.45 7.93
C ARG A 714 70.45 4.96 7.74
N ALA A 715 69.85 5.66 8.72
CA ALA A 715 69.66 7.09 8.61
C ALA A 715 71.00 7.81 8.59
N GLU A 716 71.95 7.34 9.41
CA GLU A 716 73.28 7.94 9.40
C GLU A 716 73.95 7.72 8.06
N GLY A 717 73.72 6.57 7.43
CA GLY A 717 74.27 6.34 6.10
C GLY A 717 73.72 7.31 5.08
N TYR A 718 72.39 7.41 4.99
CA TYR A 718 71.77 8.37 4.10
C TYR A 718 72.26 9.78 4.38
N PHE A 719 72.45 10.11 5.66
CA PHE A 719 72.89 11.45 6.05
C PHE A 719 74.33 11.72 5.60
N ARG A 720 75.22 10.75 5.77
CA ARG A 720 76.58 10.88 5.28
C ARG A 720 76.59 11.12 3.78
N LYS A 721 75.89 10.28 3.03
CA LYS A 721 75.87 10.44 1.58
C LYS A 721 75.30 11.80 1.19
N TRP A 722 74.25 12.24 1.88
CA TRP A 722 73.68 13.56 1.61
C TRP A 722 74.69 14.67 1.87
N LYS A 723 75.40 14.61 3.00
CA LYS A 723 76.35 15.67 3.34
C LYS A 723 77.52 15.70 2.35
N GLU A 724 77.95 14.53 1.86
CA GLU A 724 79.07 14.48 0.93
C GLU A 724 78.80 15.33 -0.31
N SER A 725 77.60 15.24 -0.86
CA SER A 725 77.20 16.00 -2.03
C SER A 725 76.66 17.39 -1.69
N ASN A 726 76.64 17.76 -0.41
CA ASN A 726 76.14 19.07 0.03
C ASN A 726 74.68 19.27 -0.40
N GLY A 727 73.90 18.20 -0.34
CA GLY A 727 72.51 18.27 -0.74
C GLY A 727 72.23 17.97 -2.19
N ASN A 728 73.27 17.71 -2.99
CA ASN A 728 73.04 17.40 -4.40
C ASN A 728 72.28 16.08 -4.56
N LEU A 729 72.52 15.12 -3.66
CA LEU A 729 71.88 13.81 -3.77
C LEU A 729 70.43 13.90 -3.31
N SER A 730 69.52 13.30 -4.08
CA SER A 730 68.10 13.32 -3.72
C SER A 730 67.83 12.38 -2.56
N LEU A 731 67.01 12.84 -1.62
CA LEU A 731 66.64 12.04 -0.48
C LEU A 731 65.13 11.82 -0.48
N PRO A 732 64.66 10.60 -0.24
CA PRO A 732 63.21 10.38 -0.19
C PRO A 732 62.57 11.29 0.86
N VAL A 733 61.53 12.00 0.45
CA VAL A 733 60.95 13.00 1.35
C VAL A 733 60.31 12.36 2.58
N ASP A 734 60.05 11.06 2.55
CA ASP A 734 59.43 10.41 3.70
C ASP A 734 60.46 10.02 4.76
N VAL A 735 61.71 9.81 4.36
CA VAL A 735 62.78 9.47 5.29
C VAL A 735 63.63 10.67 5.70
N THR A 736 63.50 11.80 5.01
CA THR A 736 64.34 12.95 5.33
C THR A 736 64.19 13.39 6.78
N LEU A 737 63.01 13.23 7.36
CA LEU A 737 62.83 13.62 8.75
C LEU A 737 63.65 12.74 9.70
N ALA A 738 63.68 11.43 9.46
CA ALA A 738 64.48 10.54 10.28
C ALA A 738 65.98 10.83 10.15
N VAL A 739 66.48 10.94 8.92
CA VAL A 739 67.91 11.16 8.72
C VAL A 739 68.33 12.53 9.22
N PHE A 740 67.44 13.52 9.17
CA PHE A 740 67.79 14.83 9.73
C PHE A 740 67.71 14.84 11.25
N ALA A 741 66.71 14.16 11.82
CA ALA A 741 66.65 14.05 13.27
C ALA A 741 67.89 13.36 13.82
N VAL A 742 68.44 12.40 13.08
CA VAL A 742 69.69 11.80 13.53
C VAL A 742 70.88 12.69 13.18
N GLY A 743 70.78 13.48 12.11
CA GLY A 743 71.88 14.34 11.69
C GLY A 743 72.13 15.52 12.61
N ALA A 744 71.12 15.92 13.39
CA ALA A 744 71.27 17.00 14.36
C ALA A 744 71.83 16.51 15.70
N GLN A 745 72.15 15.22 15.83
CA GLN A 745 72.65 14.67 17.07
C GLN A 745 74.00 15.27 17.43
N SER A 746 75.01 14.98 16.62
CA SER A 746 76.36 15.49 16.82
C SER A 746 76.51 16.86 16.17
N THR A 747 77.29 17.73 16.82
CA THR A 747 77.49 19.08 16.30
C THR A 747 77.94 19.04 14.85
N GLU A 748 78.63 17.98 14.45
CA GLU A 748 79.10 17.87 13.07
C GLU A 748 77.94 18.01 12.08
N GLY A 749 76.94 17.14 12.18
CA GLY A 749 75.77 17.26 11.32
C GLY A 749 74.90 18.45 11.65
N TRP A 750 74.89 18.88 12.92
CA TRP A 750 74.02 19.97 13.33
C TRP A 750 74.42 21.29 12.68
N ASP A 751 75.69 21.68 12.81
CA ASP A 751 76.16 22.90 12.17
C ASP A 751 75.92 22.86 10.66
N PHE A 752 76.13 21.69 10.06
CA PHE A 752 75.82 21.54 8.63
C PHE A 752 74.37 21.86 8.36
N LEU A 753 73.45 21.23 9.10
CA LEU A 753 72.03 21.45 8.87
C LEU A 753 71.64 22.89 9.10
N TYR A 754 72.28 23.57 10.05
CA TYR A 754 71.97 24.98 10.29
C TYR A 754 72.44 25.84 9.13
N SER A 755 73.68 25.64 8.69
CA SER A 755 74.19 26.35 7.52
C SER A 755 73.34 26.07 6.29
N LYS A 756 72.68 24.91 6.25
CA LYS A 756 71.83 24.57 5.11
C LYS A 756 70.47 25.24 5.21
N TYR A 757 69.87 25.25 6.41
CA TYR A 757 68.58 25.90 6.57
C TYR A 757 68.66 27.40 6.39
N GLN A 758 69.80 28.01 6.73
CA GLN A 758 69.95 29.44 6.50
C GLN A 758 69.63 29.80 5.06
N PHE A 759 70.10 29.00 4.11
CA PHE A 759 69.95 29.34 2.69
C PHE A 759 68.56 28.99 2.16
N SER A 760 67.93 27.95 2.69
CA SER A 760 66.67 27.48 2.14
C SER A 760 65.51 28.38 2.54
N LEU A 761 64.54 28.49 1.64
CA LEU A 761 63.27 29.14 1.91
C LEU A 761 62.07 28.22 1.73
N SER A 762 62.23 27.10 1.01
CA SER A 762 61.13 26.19 0.77
C SER A 762 60.61 25.60 2.07
N SER A 763 59.31 25.28 2.07
CA SER A 763 58.69 24.69 3.25
C SER A 763 59.27 23.32 3.56
N THR A 764 59.07 22.35 2.66
CA THR A 764 59.63 21.03 2.88
C THR A 764 61.13 21.09 3.11
N GLU A 765 61.81 22.06 2.48
CA GLU A 765 63.26 22.16 2.60
C GLU A 765 63.66 22.74 3.95
N LYS A 766 62.90 23.71 4.45
CA LYS A 766 63.29 24.48 5.63
C LYS A 766 62.68 23.96 6.93
N SER A 767 61.39 23.65 6.94
CA SER A 767 60.72 23.19 8.16
C SER A 767 61.24 21.82 8.59
N GLN A 768 61.54 20.94 7.65
CA GLN A 768 62.12 19.65 8.03
C GLN A 768 63.46 19.85 8.72
N ILE A 769 64.32 20.69 8.14
CA ILE A 769 65.59 20.99 8.81
C ILE A 769 65.34 21.70 10.14
N GLU A 770 64.26 22.46 10.23
CA GLU A 770 63.95 23.16 11.47
C GLU A 770 63.63 22.16 12.58
N PHE A 771 62.74 21.22 12.29
CA PHE A 771 62.45 20.16 13.26
C PHE A 771 63.67 19.30 13.53
N ALA A 772 64.55 19.14 12.54
CA ALA A 772 65.78 18.40 12.75
C ALA A 772 66.65 19.06 13.80
N LEU A 773 66.90 20.36 13.62
CA LEU A 773 67.75 21.08 14.57
C LEU A 773 67.11 21.22 15.94
N CYS A 774 65.80 21.00 16.06
CA CYS A 774 65.11 21.06 17.34
C CYS A 774 65.14 19.73 18.10
N ARG A 775 65.69 18.67 17.50
CA ARG A 775 65.80 17.37 18.15
C ARG A 775 67.24 17.11 18.61
N THR A 776 67.86 18.09 19.26
CA THR A 776 69.26 18.01 19.62
C THR A 776 69.42 17.72 21.11
N GLN A 777 70.41 16.90 21.44
CA GLN A 777 70.81 16.66 22.82
C GLN A 777 71.83 17.69 23.32
N ASN A 778 72.06 18.75 22.56
CA ASN A 778 72.95 19.84 22.93
C ASN A 778 72.09 21.05 23.28
N LYS A 779 71.99 21.36 24.58
CA LYS A 779 71.16 22.47 25.03
C LYS A 779 71.75 23.82 24.63
N GLU A 780 73.05 23.90 24.41
CA GLU A 780 73.65 25.15 23.95
C GLU A 780 73.05 25.57 22.61
N LYS A 781 73.02 24.66 21.64
CA LYS A 781 72.40 24.94 20.35
C LYS A 781 70.93 25.31 20.52
N LEU A 782 70.27 24.71 21.51
CA LEU A 782 68.86 25.01 21.74
C LEU A 782 68.66 26.46 22.16
N GLN A 783 69.38 26.90 23.20
CA GLN A 783 69.26 28.29 23.65
C GLN A 783 69.69 29.25 22.55
N TRP A 784 70.73 28.88 21.80
CA TRP A 784 71.16 29.70 20.67
C TRP A 784 70.01 29.90 19.68
N LEU A 785 69.36 28.80 19.29
CA LEU A 785 68.25 28.87 18.34
C LEU A 785 67.11 29.72 18.89
N LEU A 786 66.77 29.52 20.17
CA LEU A 786 65.72 30.34 20.78
C LEU A 786 66.04 31.83 20.64
N ASP A 787 67.21 32.23 21.15
CA ASP A 787 67.56 33.64 21.16
C ASP A 787 67.59 34.22 19.75
N GLU A 788 68.19 33.50 18.79
CA GLU A 788 68.31 34.05 17.45
C GLU A 788 66.96 34.12 16.75
N SER A 789 66.12 33.10 16.89
CA SER A 789 64.81 33.10 16.25
C SER A 789 63.87 34.14 16.84
N PHE A 790 64.09 34.56 18.09
CA PHE A 790 63.24 35.61 18.64
C PHE A 790 63.22 36.85 17.74
N LYS A 791 64.35 37.19 17.12
CA LYS A 791 64.46 38.40 16.31
C LYS A 791 64.02 38.21 14.87
N GLY A 792 63.37 37.09 14.54
CA GLY A 792 62.84 36.87 13.20
C GLY A 792 63.78 36.17 12.24
N ASP A 793 64.38 35.07 12.69
CA ASP A 793 65.29 34.31 11.83
C ASP A 793 64.54 33.33 10.94
N GLU A 799 58.77 32.01 11.57
CA GLU A 799 59.67 30.92 11.92
C GLU A 799 59.63 30.63 13.42
N PHE A 800 59.97 31.63 14.23
CA PHE A 800 60.02 31.45 15.67
C PHE A 800 58.71 30.96 16.28
N PRO A 801 57.51 31.32 15.78
CA PRO A 801 56.29 30.78 16.37
C PRO A 801 56.33 29.26 16.47
N GLN A 802 56.46 28.59 15.34
CA GLN A 802 56.51 27.13 15.34
C GLN A 802 57.76 26.61 16.01
N ILE A 803 58.86 27.36 15.96
CA ILE A 803 60.11 26.88 16.55
C ILE A 803 59.98 26.79 18.06
N LEU A 804 59.31 27.77 18.67
CA LEU A 804 59.14 27.76 20.13
C LEU A 804 58.45 26.48 20.59
N THR A 805 57.42 26.06 19.86
CA THR A 805 56.70 24.84 20.23
C THR A 805 57.51 23.60 19.90
N LEU A 806 58.01 23.50 18.68
CA LEU A 806 58.79 22.34 18.27
C LEU A 806 60.03 22.14 19.14
N ILE A 807 60.51 23.20 19.79
CA ILE A 807 61.58 23.08 20.76
C ILE A 807 61.01 22.72 22.13
N GLY A 808 59.85 23.28 22.47
CA GLY A 808 59.24 23.00 23.77
C GLY A 808 58.89 21.53 23.93
N ARG A 809 58.44 20.87 22.87
CA ARG A 809 58.13 19.45 22.93
C ARG A 809 59.35 18.59 22.58
N ASN A 810 60.49 18.94 23.18
CA ASN A 810 61.73 18.18 23.05
C ASN A 810 62.08 17.58 24.40
N PRO A 811 62.40 16.29 24.46
CA PRO A 811 62.60 15.65 25.78
C PRO A 811 63.68 16.30 26.64
N VAL A 812 64.80 16.73 26.07
CA VAL A 812 65.86 17.28 26.91
C VAL A 812 65.54 18.71 27.33
N GLY A 813 65.09 19.55 26.40
CA GLY A 813 64.87 20.96 26.70
C GLY A 813 63.44 21.43 26.60
N TYR A 814 62.55 20.80 27.37
CA TYR A 814 61.17 21.25 27.41
C TYR A 814 60.97 22.34 28.48
N PRO A 815 61.73 22.32 29.59
CA PRO A 815 61.63 23.46 30.52
C PRO A 815 62.21 24.74 29.97
N LEU A 816 63.18 24.65 29.06
CA LEU A 816 63.78 25.85 28.49
C LEU A 816 62.73 26.69 27.78
N ALA A 817 61.91 26.03 26.95
CA ALA A 817 60.92 26.76 26.14
C ALA A 817 59.81 27.34 27.01
N TRP A 818 59.48 26.67 28.11
CA TRP A 818 58.45 27.22 29.01
C TRP A 818 58.99 28.33 29.88
N GLN A 819 60.29 28.32 30.19
CA GLN A 819 60.87 29.37 31.01
C GLN A 819 61.24 30.60 30.19
N PHE A 820 61.47 30.43 28.88
CA PHE A 820 61.75 31.59 28.04
C PHE A 820 60.50 32.40 27.74
N LEU A 821 59.32 31.77 27.75
CA LEU A 821 58.09 32.48 27.46
C LEU A 821 57.64 33.38 28.61
N ARG A 822 58.11 33.12 29.84
CA ARG A 822 57.68 33.94 30.96
C ARG A 822 58.45 35.25 31.04
N LYS A 823 59.75 35.21 30.76
CA LYS A 823 60.58 36.41 30.85
C LYS A 823 60.48 37.30 29.63
N ASN A 824 60.08 36.76 28.48
CA ASN A 824 59.93 37.53 27.25
C ASN A 824 58.48 37.61 26.79
N TRP A 825 57.53 37.46 27.72
CA TRP A 825 56.12 37.38 27.33
C TRP A 825 55.60 38.71 26.81
N ASN A 826 55.98 39.82 27.44
CA ASN A 826 55.50 41.12 27.00
C ASN A 826 55.95 41.41 25.56
N LYS A 827 57.25 41.27 25.29
CA LYS A 827 57.75 41.51 23.93
C LYS A 827 57.09 40.55 22.94
N LEU A 828 56.89 39.30 23.34
CA LEU A 828 56.29 38.31 22.45
C LEU A 828 54.87 38.69 22.06
N VAL A 829 54.03 38.97 23.06
CA VAL A 829 52.64 39.37 22.79
C VAL A 829 52.60 40.64 21.95
N GLN A 830 53.52 41.58 22.21
CA GLN A 830 53.60 42.76 21.36
C GLN A 830 53.86 42.39 19.92
N LYS A 831 54.85 41.52 19.68
CA LYS A 831 55.22 41.18 18.31
C LYS A 831 54.06 40.48 17.59
N PHE A 832 53.45 39.50 18.23
CA PHE A 832 52.44 38.68 17.57
C PHE A 832 51.00 39.11 17.88
N GLU A 833 50.81 40.29 18.48
CA GLU A 833 49.48 40.83 18.73
C GLU A 833 48.54 39.77 19.30
N LEU A 834 47.31 39.70 18.77
CA LEU A 834 46.34 38.71 19.20
C LEU A 834 45.67 38.10 17.98
N GLY A 835 45.24 36.84 18.14
CA GLY A 835 44.53 36.13 17.09
C GLY A 835 45.39 35.10 16.41
N SER A 836 44.84 34.61 15.29
CA SER A 836 45.52 33.62 14.43
C SER A 836 45.83 32.39 15.29
N SER A 837 46.97 31.74 15.07
CA SER A 837 47.35 30.57 15.85
C SER A 837 48.74 30.68 16.48
N SER A 838 49.48 31.75 16.19
CA SER A 838 50.81 31.91 16.79
C SER A 838 50.72 31.95 18.31
N ILE A 839 49.99 32.91 18.85
CA ILE A 839 49.85 33.05 20.30
C ILE A 839 49.29 31.76 20.90
N ALA A 840 48.24 31.21 20.28
CA ALA A 840 47.59 30.03 20.84
C ALA A 840 48.41 28.77 20.63
N HIS A 841 49.20 28.70 19.55
CA HIS A 841 50.01 27.51 19.31
C HIS A 841 51.25 27.49 20.19
N MET A 842 51.76 28.65 20.59
CA MET A 842 52.95 28.69 21.45
C MET A 842 52.61 28.78 22.93
N VAL A 843 51.40 29.22 23.27
CA VAL A 843 51.00 29.22 24.68
C VAL A 843 50.50 27.83 25.09
N MET A 844 49.68 27.20 24.24
CA MET A 844 49.22 25.84 24.52
C MET A 844 50.29 24.80 24.26
N GLY A 845 51.15 25.02 23.26
CA GLY A 845 52.20 24.05 22.98
C GLY A 845 53.19 23.89 24.12
N THR A 846 53.45 24.96 24.85
CA THR A 846 54.42 24.92 25.95
C THR A 846 53.86 24.36 27.24
N THR A 847 52.55 24.05 27.29
CA THR A 847 51.93 23.63 28.53
C THR A 847 50.91 22.51 28.32
N ASN A 848 51.00 21.76 27.24
CA ASN A 848 49.97 20.79 26.89
C ASN A 848 50.21 19.41 27.50
N GLN A 849 51.45 19.07 27.83
CA GLN A 849 51.80 17.72 28.27
C GLN A 849 52.30 17.71 29.70
N PHE A 850 51.82 18.63 30.54
CA PHE A 850 52.29 18.73 31.92
C PHE A 850 51.63 17.67 32.78
N SER A 851 52.46 16.89 33.48
CA SER A 851 52.01 15.73 34.26
C SER A 851 51.81 16.03 35.73
N THR A 852 52.71 16.80 36.34
CA THR A 852 52.72 17.02 37.79
C THR A 852 51.90 18.26 38.15
N ARG A 853 51.35 18.24 39.36
CA ARG A 853 50.59 19.37 39.87
C ARG A 853 51.48 20.57 40.16
N THR A 854 52.74 20.31 40.52
CA THR A 854 53.72 21.38 40.72
C THR A 854 53.81 22.30 39.53
N ARG A 855 53.55 21.78 38.33
CA ARG A 855 53.53 22.57 37.11
C ARG A 855 52.20 23.28 36.89
N LEU A 856 51.10 22.68 37.32
CA LEU A 856 49.81 23.37 37.26
C LEU A 856 49.84 24.65 38.09
N GLU A 857 50.44 24.58 39.29
CA GLU A 857 50.60 25.79 40.08
C GLU A 857 51.40 26.84 39.30
N GLU A 858 52.44 26.40 38.58
CA GLU A 858 53.30 27.33 37.84
C GLU A 858 52.60 27.92 36.62
N VAL A 859 51.60 27.23 36.08
CA VAL A 859 50.80 27.79 34.99
C VAL A 859 49.85 28.86 35.53
N LYS A 860 49.11 28.52 36.60
CA LYS A 860 48.14 29.46 37.15
C LYS A 860 48.83 30.71 37.69
N GLY A 861 49.94 30.54 38.43
CA GLY A 861 50.65 31.68 38.96
C GLY A 861 51.26 32.56 37.89
N PHE A 862 51.37 32.05 36.66
CA PHE A 862 51.87 32.87 35.55
C PHE A 862 50.74 33.65 34.92
N PHE A 863 49.74 32.96 34.36
CA PHE A 863 48.74 33.67 33.56
C PHE A 863 47.97 34.69 34.39
N SER A 864 47.98 34.57 35.72
CA SER A 864 47.33 35.58 36.55
C SER A 864 48.13 36.88 36.58
N SER A 865 49.45 36.79 36.54
CA SER A 865 50.29 37.98 36.65
C SER A 865 50.23 38.86 35.41
N LEU A 866 49.64 38.38 34.32
CA LEU A 866 49.58 39.15 33.08
C LEU A 866 48.49 40.23 33.15
N SER A 871 41.30 36.46 22.16
CA SER A 871 40.88 35.27 22.90
C SER A 871 42.00 34.73 23.77
N GLN A 872 42.72 35.63 24.46
CA GLN A 872 43.77 35.20 25.38
C GLN A 872 43.21 34.36 26.52
N LEU A 873 42.15 34.85 27.16
CA LEU A 873 41.57 34.13 28.29
C LEU A 873 41.03 32.77 27.89
N ARG A 874 40.46 32.67 26.68
CA ARG A 874 39.96 31.37 26.21
C ARG A 874 41.09 30.37 26.01
N CYS A 875 42.18 30.79 25.37
CA CYS A 875 43.34 29.93 25.21
C CYS A 875 43.88 29.47 26.56
N VAL A 876 44.06 30.41 27.49
CA VAL A 876 44.63 30.06 28.79
C VAL A 876 43.68 29.14 29.57
N GLN A 877 42.37 29.35 29.45
CA GLN A 877 41.42 28.48 30.16
C GLN A 877 41.47 27.06 29.60
N GLN A 878 41.49 26.92 28.27
CA GLN A 878 41.64 25.61 27.68
C GLN A 878 42.93 24.93 28.15
N THR A 879 44.03 25.69 28.21
CA THR A 879 45.30 25.12 28.60
C THR A 879 45.27 24.63 30.05
N ILE A 880 44.77 25.46 30.97
CA ILE A 880 44.73 25.05 32.37
C ILE A 880 43.82 23.85 32.55
N GLU A 881 42.68 23.84 31.84
CA GLU A 881 41.78 22.68 31.92
C GLU A 881 42.49 21.40 31.47
N THR A 882 43.18 21.46 30.32
CA THR A 882 43.85 20.27 29.82
C THR A 882 44.98 19.83 30.75
N ILE A 883 45.67 20.77 31.40
CA ILE A 883 46.71 20.38 32.35
C ILE A 883 46.11 19.66 33.56
N GLU A 884 44.99 20.18 34.07
CA GLU A 884 44.31 19.51 35.18
C GLU A 884 43.87 18.10 34.78
N GLU A 885 43.35 17.95 33.56
CA GLU A 885 43.02 16.61 33.08
C GLU A 885 44.25 15.72 33.00
N ASN A 886 45.39 16.28 32.59
CA ASN A 886 46.62 15.50 32.55
C ASN A 886 46.93 14.94 33.92
N ILE A 887 46.93 15.81 34.94
CA ILE A 887 47.26 15.35 36.29
C ILE A 887 46.25 14.29 36.75
N GLY A 888 44.98 14.46 36.37
CA GLY A 888 43.98 13.46 36.72
C GLY A 888 44.28 12.10 36.10
N TRP A 889 44.58 12.08 34.80
CA TRP A 889 44.88 10.82 34.12
C TRP A 889 46.10 10.16 34.72
N MET A 890 47.14 10.95 35.02
CA MET A 890 48.30 10.40 35.69
C MET A 890 47.87 9.71 36.99
N ASP A 891 47.19 10.46 37.87
CA ASP A 891 46.77 9.91 39.16
C ASP A 891 46.00 8.61 38.96
N LYS A 892 45.20 8.53 37.91
CA LYS A 892 44.37 7.35 37.71
C LYS A 892 45.19 6.15 37.23
N ASN A 893 46.10 6.36 36.27
CA ASN A 893 46.61 5.25 35.50
C ASN A 893 48.11 4.95 35.66
N PHE A 894 48.90 5.86 36.23
CA PHE A 894 50.34 5.66 36.20
C PHE A 894 50.76 4.42 36.99
N ASP A 895 50.26 4.31 38.22
CA ASP A 895 50.64 3.19 39.07
C ASP A 895 50.19 1.86 38.47
N LYS A 896 49.08 1.86 37.74
CA LYS A 896 48.64 0.65 37.06
C LYS A 896 49.56 0.30 35.90
N ILE A 897 49.91 1.30 35.08
CA ILE A 897 50.73 1.05 33.90
C ILE A 897 52.12 0.57 34.32
N ARG A 898 52.66 1.11 35.41
CA ARG A 898 53.95 0.63 35.90
C ARG A 898 53.90 -0.88 36.14
N VAL A 899 52.94 -1.33 36.93
CA VAL A 899 52.84 -2.78 37.20
C VAL A 899 52.61 -3.53 35.91
N TRP A 900 51.82 -2.97 34.99
CA TRP A 900 51.53 -3.69 33.75
C TRP A 900 52.79 -3.88 32.91
N LEU A 901 53.68 -2.90 32.94
CA LEU A 901 54.93 -2.98 32.18
C LEU A 901 55.91 -4.00 32.74
N GLN A 902 55.59 -4.68 33.84
CA GLN A 902 56.47 -5.68 34.40
C GLN A 902 56.11 -7.10 33.95
N SER A 903 54.85 -7.50 34.10
CA SER A 903 54.44 -8.86 33.80
C SER A 903 54.89 -9.29 32.41
N GLU A 904 54.26 -8.73 31.37
CA GLU A 904 54.63 -9.06 29.99
C GLU A 904 54.66 -10.56 29.73
N ASP B 11 -62.26 9.37 5.49
CA ASP B 11 -60.90 9.91 5.40
C ASP B 11 -60.69 10.65 4.08
N GLY B 12 -60.12 11.85 4.16
CA GLY B 12 -59.89 12.66 2.98
C GLY B 12 -58.48 13.18 2.85
N THR B 13 -57.79 12.78 1.78
CA THR B 13 -56.44 13.23 1.46
C THR B 13 -55.39 12.76 2.46
N PRO B 14 -55.38 11.48 2.85
CA PRO B 14 -54.26 10.98 3.68
C PRO B 14 -53.36 10.01 2.91
N PHE B 15 -52.09 10.36 2.70
CA PHE B 15 -51.14 9.49 2.02
C PHE B 15 -49.84 9.40 2.82
N PRO B 16 -49.33 8.19 3.08
CA PRO B 16 -48.28 8.04 4.09
C PRO B 16 -46.89 8.46 3.64
N TRP B 17 -46.55 8.29 2.37
CA TRP B 17 -45.22 8.56 1.86
C TRP B 17 -45.25 9.73 0.89
N ASN B 18 -44.38 10.72 1.09
CA ASN B 18 -44.36 11.93 0.27
C ASN B 18 -43.03 12.15 -0.45
N LYS B 19 -42.16 11.16 -0.50
CA LYS B 19 -40.86 11.27 -1.15
C LYS B 19 -40.90 10.65 -2.54
N ILE B 20 -39.91 11.02 -3.36
CA ILE B 20 -39.88 10.49 -4.72
C ILE B 20 -39.18 9.14 -4.74
N ARG B 21 -38.07 9.02 -4.01
CA ARG B 21 -37.43 7.72 -3.83
C ARG B 21 -38.29 6.83 -2.95
N LEU B 22 -38.41 5.56 -3.33
CA LEU B 22 -39.16 4.63 -2.51
C LEU B 22 -38.43 4.39 -1.19
N PRO B 23 -39.16 3.99 -0.16
CA PRO B 23 -38.51 3.65 1.11
C PRO B 23 -37.53 2.51 0.92
N GLU B 24 -36.42 2.56 1.65
CA GLU B 24 -35.33 1.59 1.51
C GLU B 24 -35.46 0.38 2.42
N TYR B 25 -36.65 0.13 2.98
CA TYR B 25 -36.82 -0.99 3.89
C TYR B 25 -37.75 -2.07 3.35
N VAL B 26 -38.17 -1.97 2.11
CA VAL B 26 -38.96 -3.01 1.46
C VAL B 26 -38.23 -3.34 0.17
N ILE B 27 -37.48 -4.44 0.19
CA ILE B 27 -36.60 -4.79 -0.92
C ILE B 27 -37.13 -6.06 -1.58
N PRO B 28 -37.43 -6.04 -2.88
CA PRO B 28 -37.91 -7.23 -3.57
C PRO B 28 -36.76 -8.11 -4.04
N VAL B 29 -37.10 -9.35 -4.36
CA VAL B 29 -36.12 -10.34 -4.75
C VAL B 29 -36.49 -10.95 -6.10
N HIS B 30 -37.75 -11.36 -6.24
CA HIS B 30 -38.15 -12.06 -7.44
C HIS B 30 -39.53 -11.59 -7.87
N TYR B 31 -39.65 -11.15 -9.11
CA TYR B 31 -40.94 -10.81 -9.70
C TYR B 31 -41.45 -11.97 -10.53
N ASP B 32 -42.77 -12.11 -10.55
CA ASP B 32 -43.43 -13.10 -11.42
C ASP B 32 -44.61 -12.42 -12.11
N LEU B 33 -44.35 -11.82 -13.28
CA LEU B 33 -45.36 -11.06 -14.01
C LEU B 33 -46.09 -11.96 -15.00
N LEU B 34 -47.42 -11.94 -14.94
CA LEU B 34 -48.26 -12.52 -15.98
C LEU B 34 -48.91 -11.38 -16.74
N ILE B 35 -48.74 -11.36 -18.07
CA ILE B 35 -49.26 -10.29 -18.92
C ILE B 35 -50.18 -10.91 -19.98
N HIS B 36 -51.42 -10.43 -20.04
CA HIS B 36 -52.40 -10.83 -21.04
C HIS B 36 -52.72 -9.60 -21.88
N ALA B 37 -52.21 -9.59 -23.11
CA ALA B 37 -52.31 -8.44 -24.00
C ALA B 37 -53.44 -8.67 -24.99
N ASN B 38 -54.33 -7.68 -25.12
CA ASN B 38 -55.40 -7.73 -26.14
C ASN B 38 -55.11 -6.61 -27.14
N LEU B 39 -54.48 -6.96 -28.26
CA LEU B 39 -54.08 -5.99 -29.26
C LEU B 39 -55.25 -5.47 -30.06
N THR B 40 -56.35 -6.23 -30.12
CA THR B 40 -57.54 -5.80 -30.85
C THR B 40 -58.41 -4.89 -30.01
N THR B 41 -58.49 -5.15 -28.70
CA THR B 41 -59.18 -4.25 -27.78
C THR B 41 -58.28 -3.13 -27.26
N LEU B 42 -56.97 -3.22 -27.48
CA LEU B 42 -56.00 -2.25 -26.96
C LEU B 42 -56.00 -2.21 -25.44
N THR B 43 -56.21 -3.38 -24.81
CA THR B 43 -56.29 -3.46 -23.37
C THR B 43 -55.47 -4.64 -22.88
N PHE B 44 -54.87 -4.49 -21.70
CA PHE B 44 -54.07 -5.57 -21.13
C PHE B 44 -54.44 -5.75 -19.67
N TRP B 45 -54.31 -6.98 -19.20
CA TRP B 45 -54.43 -7.25 -17.77
C TRP B 45 -53.24 -8.08 -17.35
N GLY B 46 -53.06 -8.23 -16.05
CA GLY B 46 -51.89 -8.91 -15.55
C GLY B 46 -52.05 -9.30 -14.11
N THR B 47 -51.20 -10.23 -13.69
CA THR B 47 -51.09 -10.62 -12.28
C THR B 47 -49.60 -10.76 -11.96
N THR B 48 -49.08 -9.86 -11.15
CA THR B 48 -47.66 -9.86 -10.79
C THR B 48 -47.53 -10.26 -9.32
N LYS B 49 -46.61 -11.18 -9.04
CA LYS B 49 -46.35 -11.70 -7.70
C LYS B 49 -44.89 -11.38 -7.37
N VAL B 50 -44.70 -10.35 -6.55
CA VAL B 50 -43.37 -9.88 -6.18
C VAL B 50 -43.04 -10.44 -4.80
N GLU B 51 -41.95 -11.21 -4.73
CA GLU B 51 -41.41 -11.68 -3.45
C GLU B 51 -40.53 -10.60 -2.84
N ILE B 52 -40.73 -10.31 -1.56
CA ILE B 52 -40.10 -9.16 -0.92
C ILE B 52 -39.65 -9.53 0.48
N THR B 53 -38.80 -8.66 1.04
CA THR B 53 -38.27 -8.79 2.38
C THR B 53 -38.22 -7.42 3.01
N ALA B 54 -38.63 -7.34 4.27
CA ALA B 54 -38.72 -6.07 4.98
C ALA B 54 -37.49 -5.86 5.83
N SER B 55 -36.84 -4.71 5.63
CA SER B 55 -35.66 -4.37 6.43
C SER B 55 -36.05 -3.94 7.84
N GLN B 56 -37.09 -3.12 7.95
CA GLN B 56 -37.62 -2.66 9.22
C GLN B 56 -39.12 -2.93 9.24
N PRO B 57 -39.73 -2.90 10.42
CA PRO B 57 -41.16 -3.25 10.52
C PRO B 57 -42.03 -2.11 9.99
N THR B 58 -42.90 -2.44 9.04
CA THR B 58 -43.81 -1.47 8.46
C THR B 58 -45.10 -2.16 8.08
N SER B 59 -46.23 -1.49 8.35
CA SER B 59 -47.53 -1.96 7.91
C SER B 59 -47.91 -1.44 6.54
N THR B 60 -47.17 -0.45 6.03
CA THR B 60 -47.46 0.15 4.74
C THR B 60 -46.26 -0.02 3.83
N ILE B 61 -46.50 -0.56 2.64
CA ILE B 61 -45.47 -0.74 1.62
C ILE B 61 -45.75 0.23 0.49
N ILE B 62 -44.70 0.90 0.00
CA ILE B 62 -44.83 1.85 -1.09
C ILE B 62 -44.16 1.25 -2.33
N LEU B 63 -44.81 1.42 -3.49
CA LEU B 63 -44.18 1.00 -4.73
C LEU B 63 -44.84 1.71 -5.90
N HIS B 64 -44.12 1.75 -7.03
CA HIS B 64 -44.54 2.57 -8.16
C HIS B 64 -45.64 1.90 -8.96
N SER B 65 -46.54 2.72 -9.50
CA SER B 65 -47.61 2.24 -10.35
C SER B 65 -48.28 3.43 -11.01
N HIS B 66 -48.43 3.41 -12.33
CA HIS B 66 -48.91 4.56 -13.07
C HIS B 66 -49.97 4.15 -14.08
N HIS B 67 -51.13 4.79 -13.99
CA HIS B 67 -52.21 4.55 -14.95
C HIS B 67 -52.57 3.07 -15.00
N LEU B 68 -52.73 2.47 -13.82
CA LEU B 68 -53.11 1.07 -13.69
C LEU B 68 -54.29 0.95 -12.74
N GLN B 69 -55.26 0.11 -13.11
CA GLN B 69 -56.37 -0.24 -12.23
C GLN B 69 -56.04 -1.51 -11.46
N ILE B 70 -56.14 -1.45 -10.14
CA ILE B 70 -55.72 -2.52 -9.25
C ILE B 70 -56.96 -3.19 -8.69
N SER B 71 -57.19 -4.44 -9.10
CA SER B 71 -58.35 -5.19 -8.62
C SER B 71 -58.26 -5.45 -7.12
N ARG B 72 -57.20 -6.16 -6.69
CA ARG B 72 -57.03 -6.44 -5.27
C ARG B 72 -55.56 -6.74 -5.02
N ALA B 73 -55.15 -6.58 -3.76
CA ALA B 73 -53.78 -6.85 -3.34
C ALA B 73 -53.79 -7.71 -2.08
N THR B 74 -52.95 -8.74 -2.08
CA THR B 74 -52.87 -9.71 -1.01
C THR B 74 -51.41 -9.94 -0.63
N LEU B 75 -51.20 -10.56 0.52
CA LEU B 75 -49.87 -10.78 1.07
C LEU B 75 -49.78 -12.20 1.61
N ARG B 76 -48.90 -13.02 1.03
CA ARG B 76 -48.75 -14.42 1.42
C ARG B 76 -47.41 -14.63 2.13
N LYS B 77 -47.45 -14.87 3.43
CA LYS B 77 -46.27 -15.32 4.16
C LYS B 77 -46.30 -16.83 4.33
N GLY B 78 -46.57 -17.53 3.24
CA GLY B 78 -46.77 -18.97 3.31
C GLY B 78 -45.50 -19.70 3.68
N ALA B 79 -45.64 -20.68 4.57
CA ALA B 79 -44.56 -21.58 4.97
C ALA B 79 -45.05 -23.03 4.88
N GLY B 80 -45.50 -23.40 3.69
CA GLY B 80 -46.10 -24.71 3.49
C GLY B 80 -47.53 -24.79 3.98
N GLU B 81 -47.75 -25.59 5.03
CA GLU B 81 -49.07 -25.72 5.62
C GLU B 81 -49.48 -24.50 6.44
N ARG B 82 -48.53 -23.61 6.78
CA ARG B 82 -48.82 -22.38 7.51
C ARG B 82 -48.90 -21.17 6.59
N LEU B 83 -49.37 -21.37 5.36
CA LEU B 83 -49.51 -20.27 4.41
C LEU B 83 -50.63 -19.35 4.86
N SER B 84 -50.38 -18.04 4.75
CA SER B 84 -51.28 -17.01 5.23
C SER B 84 -51.59 -16.03 4.11
N GLU B 85 -52.87 -15.72 3.93
CA GLU B 85 -53.33 -14.78 2.91
C GLU B 85 -54.12 -13.67 3.60
N GLU B 86 -53.86 -12.43 3.22
CA GLU B 86 -54.51 -11.29 3.86
C GLU B 86 -54.79 -10.22 2.83
N PRO B 87 -55.86 -9.45 3.02
CA PRO B 87 -56.15 -8.35 2.10
C PRO B 87 -55.38 -7.10 2.47
N LEU B 88 -55.13 -6.28 1.45
CA LEU B 88 -54.38 -5.04 1.60
C LEU B 88 -55.22 -3.86 1.12
N GLN B 89 -55.26 -2.80 1.92
CA GLN B 89 -55.88 -1.55 1.52
C GLN B 89 -54.90 -0.77 0.65
N VAL B 90 -55.36 -0.34 -0.51
CA VAL B 90 -54.50 0.31 -1.51
C VAL B 90 -54.80 1.80 -1.55
N LEU B 91 -53.80 2.58 -1.95
CA LEU B 91 -53.93 4.02 -2.07
C LEU B 91 -53.18 4.47 -3.31
N GLU B 92 -53.81 5.36 -4.08
CA GLU B 92 -53.23 5.86 -5.32
C GLU B 92 -52.81 7.32 -5.11
N HIS B 93 -51.63 7.66 -5.60
CA HIS B 93 -51.12 9.04 -5.57
C HIS B 93 -50.57 9.37 -6.94
N PRO B 94 -51.46 9.50 -7.93
CA PRO B 94 -50.99 9.65 -9.32
C PRO B 94 -49.86 10.65 -9.48
N ARG B 95 -49.88 11.77 -8.76
CA ARG B 95 -48.82 12.76 -8.93
C ARG B 95 -47.45 12.15 -8.71
N GLN B 96 -47.28 11.44 -7.59
CA GLN B 96 -46.00 10.81 -7.27
C GLN B 96 -45.89 9.40 -7.85
N GLU B 97 -46.95 8.91 -8.50
CA GLU B 97 -46.94 7.61 -9.15
C GLU B 97 -46.62 6.48 -8.17
N GLN B 98 -47.06 6.64 -6.92
CA GLN B 98 -46.78 5.68 -5.86
C GLN B 98 -48.08 5.19 -5.25
N ILE B 99 -48.16 3.89 -5.01
CA ILE B 99 -49.28 3.30 -4.30
C ILE B 99 -48.77 2.71 -2.99
N ALA B 100 -49.62 2.79 -1.98
CA ALA B 100 -49.32 2.30 -0.64
C ALA B 100 -50.24 1.12 -0.34
N LEU B 101 -49.68 -0.09 -0.31
CA LEU B 101 -50.39 -1.26 0.18
C LEU B 101 -50.38 -1.26 1.70
N LEU B 102 -51.56 -1.17 2.30
CA LEU B 102 -51.70 -1.10 3.76
C LEU B 102 -52.04 -2.48 4.31
N ALA B 103 -51.32 -2.89 5.34
CA ALA B 103 -51.54 -4.20 5.92
C ALA B 103 -52.20 -4.09 7.29
N PRO B 104 -53.17 -4.93 7.60
CA PRO B 104 -53.80 -4.87 8.93
C PRO B 104 -52.83 -5.15 10.06
N GLU B 105 -51.80 -5.96 9.82
CA GLU B 105 -50.78 -6.26 10.81
C GLU B 105 -49.39 -6.05 10.20
N PRO B 106 -48.49 -5.39 10.92
CA PRO B 106 -47.17 -5.08 10.35
C PRO B 106 -46.40 -6.33 9.95
N LEU B 107 -45.26 -6.08 9.30
CA LEU B 107 -44.42 -7.14 8.76
C LEU B 107 -43.30 -7.50 9.74
N LEU B 108 -42.89 -8.76 9.71
CA LEU B 108 -41.77 -9.23 10.53
C LEU B 108 -40.48 -9.09 9.75
N VAL B 109 -39.47 -8.51 10.39
CA VAL B 109 -38.20 -8.28 9.71
C VAL B 109 -37.53 -9.60 9.38
N GLY B 110 -36.94 -9.68 8.19
CA GLY B 110 -36.19 -10.84 7.78
C GLY B 110 -37.00 -11.95 7.14
N LEU B 111 -38.34 -11.97 7.34
CA LEU B 111 -39.20 -13.03 6.81
C LEU B 111 -39.64 -12.70 5.40
N PRO B 112 -39.51 -13.63 4.45
CA PRO B 112 -39.93 -13.36 3.08
C PRO B 112 -41.44 -13.42 2.90
N TYR B 113 -41.97 -12.44 2.17
CA TYR B 113 -43.37 -12.37 1.82
C TYR B 113 -43.51 -12.41 0.30
N THR B 114 -44.73 -12.66 -0.16
CA THR B 114 -45.04 -12.65 -1.59
C THR B 114 -46.32 -11.86 -1.77
N VAL B 115 -46.21 -10.68 -2.36
CA VAL B 115 -47.36 -9.81 -2.63
C VAL B 115 -47.89 -10.13 -4.02
N VAL B 116 -49.20 -10.38 -4.10
CA VAL B 116 -49.88 -10.70 -5.34
C VAL B 116 -50.77 -9.53 -5.72
N ILE B 117 -50.69 -9.10 -6.98
CA ILE B 117 -51.44 -7.93 -7.44
C ILE B 117 -52.02 -8.25 -8.80
N HIS B 118 -53.35 -8.22 -8.91
CA HIS B 118 -54.07 -8.35 -10.16
C HIS B 118 -54.47 -6.96 -10.64
N TYR B 119 -54.20 -6.65 -11.90
CA TYR B 119 -54.34 -5.30 -12.41
C TYR B 119 -54.73 -5.33 -13.87
N ALA B 120 -55.09 -4.16 -14.40
CA ALA B 120 -55.40 -4.02 -15.82
C ALA B 120 -55.29 -2.57 -16.22
N GLY B 121 -55.19 -2.35 -17.52
CA GLY B 121 -55.13 -1.00 -18.06
C GLY B 121 -55.24 -1.00 -19.58
N ASN B 122 -55.12 0.20 -20.15
CA ASN B 122 -55.06 0.38 -21.59
C ASN B 122 -53.60 0.57 -22.00
N LEU B 123 -53.15 -0.22 -22.97
CA LEU B 123 -51.80 -0.03 -23.46
C LEU B 123 -51.68 1.37 -24.05
N SER B 124 -50.61 2.06 -23.68
CA SER B 124 -50.46 3.48 -23.97
C SER B 124 -50.34 3.72 -25.47
N GLU B 125 -50.83 4.88 -25.90
CA GLU B 125 -50.64 5.36 -27.26
C GLU B 125 -49.48 6.35 -27.34
N THR B 126 -48.73 6.52 -26.25
CA THR B 126 -47.66 7.51 -26.16
C THR B 126 -46.29 6.92 -26.46
N PHE B 127 -46.24 5.72 -27.04
CA PHE B 127 -44.98 5.07 -27.40
C PHE B 127 -44.03 4.98 -26.20
N HIS B 128 -44.61 4.74 -25.03
CA HIS B 128 -43.87 4.64 -23.79
C HIS B 128 -44.54 3.60 -22.91
N GLY B 129 -43.75 2.90 -22.12
CA GLY B 129 -44.34 1.82 -21.32
C GLY B 129 -44.78 0.70 -22.24
N PHE B 130 -46.01 0.23 -22.05
CA PHE B 130 -46.58 -0.83 -22.87
C PHE B 130 -47.43 -0.14 -23.92
N TYR B 131 -47.03 -0.20 -25.19
CA TYR B 131 -47.70 0.60 -26.20
C TYR B 131 -47.97 -0.21 -27.47
N LYS B 132 -48.75 0.40 -28.36
CA LYS B 132 -49.14 -0.20 -29.63
C LYS B 132 -48.39 0.45 -30.78
N SER B 133 -47.94 -0.38 -31.72
CA SER B 133 -47.23 0.10 -32.91
C SER B 133 -47.82 -0.60 -34.13
N THR B 134 -48.13 0.18 -35.16
CA THR B 134 -48.80 -0.31 -36.34
C THR B 134 -47.84 -0.36 -37.53
N TYR B 135 -48.20 -1.15 -38.54
CA TYR B 135 -47.46 -1.14 -39.79
C TYR B 135 -48.33 -1.73 -40.89
N ARG B 136 -48.22 -1.15 -42.09
CA ARG B 136 -48.97 -1.62 -43.25
C ARG B 136 -48.06 -2.47 -44.13
N THR B 137 -48.55 -3.65 -44.49
CA THR B 137 -47.77 -4.56 -45.31
C THR B 137 -47.65 -4.02 -46.73
N LYS B 138 -46.92 -4.75 -47.57
CA LYS B 138 -46.80 -4.37 -48.98
C LYS B 138 -48.15 -4.32 -49.65
N GLU B 139 -49.08 -5.18 -49.24
CA GLU B 139 -50.43 -5.18 -49.81
C GLU B 139 -51.32 -4.09 -49.22
N GLY B 140 -50.88 -3.41 -48.17
CA GLY B 140 -51.63 -2.35 -47.56
C GLY B 140 -52.34 -2.72 -46.28
N GLU B 141 -52.53 -4.02 -46.03
CA GLU B 141 -53.19 -4.45 -44.80
C GLU B 141 -52.48 -3.90 -43.59
N LEU B 142 -53.27 -3.42 -42.63
CA LEU B 142 -52.72 -2.91 -41.38
C LEU B 142 -52.60 -4.06 -40.38
N ARG B 143 -51.45 -4.13 -39.70
CA ARG B 143 -51.24 -5.11 -38.65
C ARG B 143 -50.51 -4.45 -37.50
N ILE B 144 -50.80 -4.92 -36.29
CA ILE B 144 -50.40 -4.25 -35.06
C ILE B 144 -49.44 -5.13 -34.27
N LEU B 145 -48.74 -4.50 -33.33
CA LEU B 145 -47.83 -5.18 -32.41
C LEU B 145 -47.84 -4.42 -31.08
N ALA B 146 -47.59 -5.16 -30.00
CA ALA B 146 -47.53 -4.60 -28.65
C ALA B 146 -46.08 -4.64 -28.16
N SER B 147 -45.54 -3.48 -27.81
CA SER B 147 -44.12 -3.35 -27.52
C SER B 147 -43.93 -2.71 -26.15
N THR B 148 -42.71 -2.86 -25.61
CA THR B 148 -42.34 -2.34 -24.31
C THR B 148 -41.16 -1.39 -24.45
N GLN B 149 -41.23 -0.29 -23.69
CA GLN B 149 -40.14 0.70 -23.61
C GLN B 149 -40.19 1.27 -22.19
N PHE B 150 -39.37 0.70 -21.31
CA PHE B 150 -39.49 1.03 -19.90
C PHE B 150 -38.60 2.19 -19.46
N GLU B 151 -37.41 2.34 -20.04
CA GLU B 151 -36.50 3.36 -19.57
C GLU B 151 -37.03 4.75 -19.90
N PRO B 152 -36.96 5.70 -18.94
CA PRO B 152 -36.37 5.50 -17.61
C PRO B 152 -37.35 4.95 -16.56
N THR B 153 -38.56 5.51 -16.49
CA THR B 153 -39.50 5.23 -15.41
C THR B 153 -40.85 4.74 -15.94
N ALA B 154 -40.82 3.96 -17.02
CA ALA B 154 -42.04 3.49 -17.66
C ALA B 154 -42.43 2.08 -17.25
N ALA B 155 -41.58 1.34 -16.55
CA ALA B 155 -41.97 0.02 -16.09
C ALA B 155 -43.27 0.07 -15.28
N ARG B 156 -43.51 1.16 -14.55
CA ARG B 156 -44.70 1.25 -13.71
C ARG B 156 -45.98 1.15 -14.54
N MET B 157 -45.95 1.57 -15.80
CA MET B 157 -47.16 1.51 -16.63
C MET B 157 -47.48 0.09 -17.09
N ALA B 158 -46.51 -0.83 -17.00
CA ALA B 158 -46.73 -2.21 -17.40
C ALA B 158 -47.08 -3.11 -16.23
N PHE B 159 -46.54 -2.81 -15.05
CA PHE B 159 -46.84 -3.56 -13.84
C PHE B 159 -46.33 -2.81 -12.61
N PRO B 160 -47.03 -2.87 -11.49
CA PRO B 160 -46.51 -2.25 -10.27
C PRO B 160 -45.25 -2.97 -9.82
N CYS B 161 -44.35 -2.21 -9.21
CA CYS B 161 -43.03 -2.72 -8.90
C CYS B 161 -42.25 -1.58 -8.25
N PHE B 162 -41.10 -1.94 -7.68
CA PHE B 162 -40.19 -0.94 -7.09
C PHE B 162 -39.28 -0.41 -8.19
N ASP B 163 -39.86 0.47 -9.02
CA ASP B 163 -39.24 0.92 -10.26
C ASP B 163 -38.09 1.88 -10.06
N GLU B 164 -36.97 1.37 -9.55
CA GLU B 164 -35.74 2.12 -9.37
C GLU B 164 -34.60 1.15 -9.70
N PRO B 165 -33.53 1.65 -10.33
CA PRO B 165 -32.47 0.74 -10.80
C PRO B 165 -31.74 0.03 -9.67
N ALA B 166 -31.74 0.58 -8.45
CA ALA B 166 -31.07 -0.10 -7.35
C ALA B 166 -31.77 -1.41 -6.99
N PHE B 167 -33.10 -1.39 -6.93
CA PHE B 167 -33.87 -2.58 -6.54
C PHE B 167 -33.83 -3.60 -7.67
N LYS B 168 -32.77 -4.40 -7.70
CA LYS B 168 -32.64 -5.41 -8.74
C LYS B 168 -33.31 -6.71 -8.27
N ALA B 169 -33.71 -7.53 -9.23
CA ALA B 169 -34.37 -8.79 -8.91
C ALA B 169 -34.41 -9.65 -10.17
N SER B 170 -35.03 -10.82 -10.04
CA SER B 170 -35.23 -11.74 -11.14
C SER B 170 -36.67 -11.66 -11.64
N PHE B 171 -36.86 -12.00 -12.91
CA PHE B 171 -38.13 -11.83 -13.58
C PHE B 171 -38.50 -13.10 -14.33
N SER B 172 -39.66 -13.66 -13.99
CA SER B 172 -40.21 -14.82 -14.68
C SER B 172 -41.43 -14.34 -15.46
N ILE B 173 -41.20 -13.99 -16.73
CA ILE B 173 -42.24 -13.38 -17.56
C ILE B 173 -43.12 -14.45 -18.17
N LYS B 174 -44.43 -14.28 -18.07
CA LYS B 174 -45.42 -15.16 -18.68
C LYS B 174 -46.41 -14.31 -19.45
N ILE B 175 -46.54 -14.55 -20.75
CA ILE B 175 -47.33 -13.69 -21.62
C ILE B 175 -48.32 -14.53 -22.40
N ARG B 176 -49.58 -14.10 -22.44
CA ARG B 176 -50.59 -14.77 -23.25
C ARG B 176 -50.77 -14.04 -24.57
N ARG B 177 -50.96 -14.81 -25.64
CA ARG B 177 -51.08 -14.27 -26.98
C ARG B 177 -51.81 -15.27 -27.85
N GLU B 178 -52.32 -14.77 -28.98
CA GLU B 178 -52.99 -15.60 -29.96
C GLU B 178 -51.97 -16.40 -30.78
N PRO B 179 -52.39 -17.53 -31.35
CA PRO B 179 -51.47 -18.29 -32.21
C PRO B 179 -50.99 -17.52 -33.41
N ARG B 180 -51.72 -16.47 -33.81
CA ARG B 180 -51.29 -15.60 -34.89
C ARG B 180 -50.10 -14.75 -34.50
N HIS B 181 -49.76 -14.68 -33.22
CA HIS B 181 -48.71 -13.81 -32.71
C HIS B 181 -47.53 -14.61 -32.21
N LEU B 182 -46.41 -13.91 -32.06
CA LEU B 182 -45.16 -14.48 -31.58
C LEU B 182 -44.65 -13.56 -30.49
N ALA B 183 -44.31 -14.13 -29.33
CA ALA B 183 -43.91 -13.36 -28.16
C ALA B 183 -42.44 -13.62 -27.84
N ILE B 184 -41.68 -12.53 -27.66
CA ILE B 184 -40.27 -12.59 -27.29
C ILE B 184 -40.06 -11.74 -26.05
N SER B 185 -38.95 -12.02 -25.35
CA SER B 185 -38.65 -11.30 -24.13
C SER B 185 -37.17 -11.42 -23.84
N ASN B 186 -36.74 -10.98 -22.65
CA ASN B 186 -35.31 -10.95 -22.34
C ASN B 186 -34.69 -12.33 -22.39
N MET B 187 -35.41 -13.34 -21.89
CA MET B 187 -34.89 -14.69 -21.78
C MET B 187 -35.53 -15.60 -22.81
N PRO B 188 -34.82 -16.65 -23.23
CA PRO B 188 -35.41 -17.63 -24.17
C PRO B 188 -36.74 -18.17 -23.70
N LEU B 189 -37.58 -18.65 -24.62
CA LEU B 189 -38.88 -19.19 -24.27
C LEU B 189 -38.73 -20.65 -23.84
N VAL B 190 -39.13 -20.97 -22.61
CA VAL B 190 -38.98 -22.34 -22.15
C VAL B 190 -40.14 -23.20 -22.61
N LYS B 191 -41.37 -22.69 -22.58
CA LYS B 191 -42.49 -23.51 -23.07
C LYS B 191 -43.70 -22.65 -23.41
N SER B 192 -44.70 -23.31 -24.00
CA SER B 192 -45.95 -22.68 -24.42
C SER B 192 -47.11 -23.64 -24.14
N VAL B 193 -48.17 -23.13 -23.54
CA VAL B 193 -49.28 -23.96 -23.07
C VAL B 193 -50.58 -23.42 -23.63
N THR B 194 -51.46 -24.31 -24.07
CA THR B 194 -52.76 -23.91 -24.59
C THR B 194 -53.69 -23.67 -23.41
N VAL B 195 -53.89 -22.41 -23.03
CA VAL B 195 -54.70 -22.10 -21.86
C VAL B 195 -56.18 -22.34 -22.15
N ALA B 196 -56.70 -21.61 -23.13
CA ALA B 196 -58.12 -21.70 -23.48
C ALA B 196 -58.31 -21.08 -24.85
N GLU B 197 -59.41 -21.45 -25.50
CA GLU B 197 -59.76 -20.93 -26.82
C GLU B 197 -58.55 -20.91 -27.73
N GLY B 198 -58.18 -19.71 -28.17
CA GLY B 198 -56.93 -19.50 -28.87
C GLY B 198 -56.03 -18.57 -28.08
N LEU B 199 -55.78 -18.93 -26.82
CA LEU B 199 -54.93 -18.14 -25.93
C LEU B 199 -53.78 -19.04 -25.51
N ILE B 200 -52.64 -18.89 -26.16
CA ILE B 200 -51.44 -19.63 -25.82
C ILE B 200 -50.62 -18.79 -24.85
N GLU B 201 -50.05 -19.45 -23.84
CA GLU B 201 -49.30 -18.83 -22.77
C GLU B 201 -47.82 -19.19 -22.92
N ASP B 202 -46.98 -18.18 -23.09
CA ASP B 202 -45.53 -18.34 -23.23
C ASP B 202 -44.87 -18.16 -21.88
N HIS B 203 -44.12 -19.18 -21.46
CA HIS B 203 -43.25 -19.14 -20.29
C HIS B 203 -41.81 -18.98 -20.76
N PHE B 204 -41.19 -17.86 -20.37
CA PHE B 204 -39.79 -17.58 -20.63
C PHE B 204 -38.95 -17.91 -19.41
N ASP B 205 -37.67 -18.18 -19.63
CA ASP B 205 -36.80 -18.56 -18.53
C ASP B 205 -36.66 -17.39 -17.56
N VAL B 206 -36.31 -17.73 -16.31
CA VAL B 206 -36.13 -16.70 -15.30
C VAL B 206 -34.90 -15.87 -15.64
N THR B 207 -34.96 -14.57 -15.31
CA THR B 207 -33.87 -13.66 -15.65
C THR B 207 -32.84 -13.64 -14.53
N VAL B 208 -31.60 -13.34 -14.89
CA VAL B 208 -30.63 -13.04 -13.86
C VAL B 208 -31.04 -11.75 -13.16
N LYS B 209 -30.48 -11.54 -11.97
CA LYS B 209 -30.79 -10.34 -11.20
C LYS B 209 -30.56 -9.12 -12.07
N MET B 210 -31.62 -8.37 -12.39
CA MET B 210 -31.50 -7.20 -13.25
C MET B 210 -32.38 -6.08 -12.73
N SER B 211 -32.41 -4.98 -13.47
CA SER B 211 -33.17 -3.80 -13.09
C SER B 211 -34.47 -3.77 -13.86
N THR B 212 -35.49 -3.16 -13.25
CA THR B 212 -36.81 -3.22 -13.86
C THR B 212 -36.83 -2.50 -15.20
N TYR B 213 -35.97 -1.51 -15.41
CA TYR B 213 -36.04 -0.72 -16.63
C TYR B 213 -35.41 -1.42 -17.83
N LEU B 214 -34.86 -2.62 -17.65
CA LEU B 214 -34.34 -3.38 -18.76
C LEU B 214 -35.27 -4.51 -19.19
N VAL B 215 -36.36 -4.73 -18.45
CA VAL B 215 -37.31 -5.78 -18.78
C VAL B 215 -38.00 -5.44 -20.09
N ALA B 216 -38.22 -6.46 -20.92
CA ALA B 216 -38.77 -6.22 -22.24
C ALA B 216 -39.57 -7.43 -22.68
N PHE B 217 -40.56 -7.18 -23.52
CA PHE B 217 -41.29 -8.26 -24.15
C PHE B 217 -42.12 -7.67 -25.28
N ILE B 218 -42.24 -8.43 -26.36
CA ILE B 218 -42.85 -7.97 -27.60
C ILE B 218 -43.75 -9.08 -28.13
N ILE B 219 -44.79 -8.68 -28.84
CA ILE B 219 -45.76 -9.61 -29.41
C ILE B 219 -46.09 -9.14 -30.82
N SER B 220 -45.97 -10.04 -31.80
CA SER B 220 -46.23 -9.65 -33.18
C SER B 220 -45.93 -10.82 -34.12
N ASP B 221 -46.34 -10.69 -35.37
CA ASP B 221 -46.07 -11.68 -36.39
C ASP B 221 -44.76 -11.41 -37.11
N PHE B 222 -43.73 -10.99 -36.39
CA PHE B 222 -42.44 -10.73 -37.00
C PHE B 222 -41.79 -12.03 -37.45
N GLU B 223 -40.80 -11.88 -38.33
CA GLU B 223 -39.90 -12.96 -38.69
C GLU B 223 -38.49 -12.61 -38.24
N SER B 224 -37.67 -13.64 -38.05
CA SER B 224 -36.30 -13.46 -37.58
C SER B 224 -35.31 -14.16 -38.49
N VAL B 225 -34.07 -13.70 -38.42
CA VAL B 225 -32.93 -14.39 -39.01
C VAL B 225 -31.81 -14.41 -37.98
N SER B 226 -31.18 -15.56 -37.78
CA SER B 226 -30.26 -15.73 -36.66
C SER B 226 -28.95 -16.37 -37.10
N LYS B 227 -27.93 -16.15 -36.28
CA LYS B 227 -26.59 -16.68 -36.49
C LYS B 227 -25.97 -17.00 -35.14
N ILE B 228 -25.15 -18.04 -35.10
CA ILE B 228 -24.48 -18.44 -33.88
C ILE B 228 -23.07 -17.88 -33.88
N THR B 229 -22.58 -17.53 -32.70
CA THR B 229 -21.24 -17.00 -32.52
C THR B 229 -20.31 -18.09 -32.03
N LYS B 230 -19.00 -17.81 -32.08
CA LYS B 230 -18.02 -18.75 -31.55
C LYS B 230 -18.31 -19.12 -30.11
N SER B 231 -18.92 -18.20 -29.36
CA SER B 231 -19.24 -18.45 -27.96
C SER B 231 -20.48 -19.30 -27.78
N GLY B 232 -21.17 -19.65 -28.87
CA GLY B 232 -22.40 -20.40 -28.77
C GLY B 232 -23.65 -19.59 -28.49
N VAL B 233 -23.56 -18.26 -28.56
CA VAL B 233 -24.71 -17.40 -28.32
C VAL B 233 -25.48 -17.22 -29.63
N LYS B 234 -26.80 -17.37 -29.57
CA LYS B 234 -27.65 -17.19 -30.74
C LYS B 234 -28.08 -15.73 -30.85
N VAL B 235 -27.68 -15.09 -31.95
CA VAL B 235 -28.04 -13.70 -32.19
C VAL B 235 -29.12 -13.69 -33.27
N SER B 236 -30.28 -13.15 -32.91
CA SER B 236 -31.40 -13.06 -33.83
C SER B 236 -31.71 -11.61 -34.15
N VAL B 237 -32.22 -11.38 -35.36
CA VAL B 237 -32.71 -10.09 -35.81
C VAL B 237 -34.15 -10.27 -36.25
N TYR B 238 -35.06 -9.49 -35.66
CA TYR B 238 -36.50 -9.60 -35.86
C TYR B 238 -37.02 -8.35 -36.57
N ALA B 239 -37.97 -8.55 -37.49
CA ALA B 239 -38.56 -7.45 -38.24
C ALA B 239 -39.87 -7.93 -38.85
N VAL B 240 -40.51 -7.06 -39.63
CA VAL B 240 -41.77 -7.40 -40.31
C VAL B 240 -41.47 -8.36 -41.46
N PRO B 241 -42.44 -9.14 -41.91
CA PRO B 241 -42.15 -10.12 -42.96
C PRO B 241 -41.66 -9.50 -44.25
N ASP B 242 -42.13 -8.29 -44.57
CA ASP B 242 -41.77 -7.65 -45.84
C ASP B 242 -40.34 -7.15 -45.88
N LYS B 243 -39.62 -7.16 -44.76
CA LYS B 243 -38.30 -6.54 -44.71
C LYS B 243 -37.24 -7.42 -44.04
N ILE B 244 -37.55 -8.68 -43.74
CA ILE B 244 -36.58 -9.53 -43.04
C ILE B 244 -35.23 -9.55 -43.76
N ASN B 245 -35.26 -9.71 -45.08
CA ASN B 245 -34.03 -9.80 -45.87
C ASN B 245 -33.13 -8.58 -45.72
N GLN B 246 -33.64 -7.46 -45.20
CA GLN B 246 -32.84 -6.25 -45.02
C GLN B 246 -32.06 -6.23 -43.70
N ALA B 247 -32.13 -7.30 -42.90
CA ALA B 247 -31.42 -7.33 -41.63
C ALA B 247 -30.08 -8.04 -41.68
N ASP B 248 -29.82 -8.80 -42.74
CA ASP B 248 -28.64 -9.67 -42.79
C ASP B 248 -27.38 -8.93 -42.34
N TYR B 249 -27.07 -7.80 -42.98
CA TYR B 249 -25.91 -7.02 -42.55
C TYR B 249 -25.95 -6.75 -41.06
N ALA B 250 -27.00 -6.06 -40.60
CA ALA B 250 -27.09 -5.72 -39.18
C ALA B 250 -26.95 -6.94 -38.30
N LEU B 251 -27.32 -8.13 -38.82
CA LEU B 251 -27.12 -9.37 -38.08
C LEU B 251 -25.63 -9.67 -37.91
N ASP B 252 -24.90 -9.76 -39.02
CA ASP B 252 -23.50 -10.12 -38.97
C ASP B 252 -22.73 -9.19 -38.04
N ALA B 253 -22.95 -7.88 -38.20
CA ALA B 253 -22.34 -6.91 -37.29
C ALA B 253 -22.68 -7.24 -35.84
N ALA B 254 -23.97 -7.40 -35.55
CA ALA B 254 -24.40 -7.78 -34.22
C ALA B 254 -23.57 -8.92 -33.65
N VAL B 255 -23.15 -9.85 -34.51
CA VAL B 255 -22.32 -10.96 -34.03
C VAL B 255 -20.92 -10.46 -33.70
N THR B 256 -20.24 -9.86 -34.69
CA THR B 256 -18.83 -9.51 -34.50
C THR B 256 -18.66 -8.61 -33.28
N LEU B 257 -19.45 -7.54 -33.20
CA LEU B 257 -19.41 -6.68 -32.03
C LEU B 257 -19.44 -7.51 -30.75
N LEU B 258 -20.42 -8.40 -30.62
CA LEU B 258 -20.47 -9.25 -29.43
C LEU B 258 -19.15 -9.97 -29.23
N GLU B 259 -18.68 -10.67 -30.27
CA GLU B 259 -17.41 -11.40 -30.15
C GLU B 259 -16.30 -10.46 -29.71
N PHE B 260 -16.33 -9.21 -30.19
CA PHE B 260 -15.35 -8.24 -29.73
C PHE B 260 -15.50 -7.96 -28.25
N TYR B 261 -16.72 -7.62 -27.82
CA TYR B 261 -16.95 -7.25 -26.43
C TYR B 261 -16.59 -8.39 -25.47
N GLU B 262 -16.96 -9.60 -25.85
CA GLU B 262 -16.66 -10.78 -25.00
C GLU B 262 -15.16 -10.81 -24.81
N ASP B 263 -14.40 -10.46 -25.86
CA ASP B 263 -12.95 -10.49 -25.75
C ASP B 263 -12.42 -9.26 -25.03
N TYR B 264 -13.05 -8.11 -25.24
CA TYR B 264 -12.59 -6.86 -24.63
C TYR B 264 -12.83 -6.86 -23.13
N PHE B 265 -14.10 -6.99 -22.73
CA PHE B 265 -14.43 -7.06 -21.32
C PHE B 265 -13.99 -8.36 -20.65
N SER B 266 -13.63 -9.38 -21.43
CA SER B 266 -13.24 -10.69 -20.91
C SER B 266 -14.32 -11.32 -20.05
N ILE B 267 -15.57 -10.90 -20.24
CA ILE B 267 -16.70 -11.45 -19.51
C ILE B 267 -17.65 -12.07 -20.51
N PRO B 268 -17.91 -13.37 -20.45
CA PRO B 268 -18.83 -13.98 -21.42
C PRO B 268 -20.20 -13.34 -21.35
N TYR B 269 -20.83 -13.20 -22.52
CA TYR B 269 -22.16 -12.61 -22.64
C TYR B 269 -23.12 -13.24 -21.63
N PRO B 270 -23.75 -12.44 -20.75
CA PRO B 270 -24.43 -13.01 -19.58
C PRO B 270 -25.68 -13.80 -19.91
N LEU B 271 -26.42 -13.39 -20.92
CA LEU B 271 -27.68 -14.04 -21.27
C LEU B 271 -27.42 -15.22 -22.19
N PRO B 272 -28.45 -16.05 -22.41
CA PRO B 272 -28.32 -17.20 -23.31
C PRO B 272 -28.44 -16.80 -24.77
N LYS B 273 -29.20 -15.75 -25.04
CA LYS B 273 -29.44 -15.32 -26.41
C LYS B 273 -29.40 -13.80 -26.49
N GLN B 274 -29.44 -13.29 -27.72
CA GLN B 274 -29.42 -11.84 -27.93
C GLN B 274 -30.23 -11.54 -29.17
N ASP B 275 -31.29 -10.74 -29.01
CA ASP B 275 -32.20 -10.45 -30.10
C ASP B 275 -32.26 -8.95 -30.32
N LEU B 276 -32.12 -8.53 -31.57
CA LEU B 276 -32.31 -7.14 -31.99
C LEU B 276 -33.60 -7.08 -32.79
N ALA B 277 -34.55 -6.28 -32.32
CA ALA B 277 -35.87 -6.18 -32.94
C ALA B 277 -36.05 -4.79 -33.52
N ALA B 278 -36.34 -4.73 -34.82
CA ALA B 278 -36.60 -3.46 -35.51
C ALA B 278 -38.08 -3.14 -35.37
N ILE B 279 -38.42 -2.28 -34.42
CA ILE B 279 -39.80 -1.94 -34.11
C ILE B 279 -40.18 -0.72 -34.94
N PRO B 280 -41.24 -0.78 -35.74
CA PRO B 280 -41.67 0.40 -36.49
C PRO B 280 -42.30 1.43 -35.57
N ASP B 281 -42.16 2.71 -35.94
CA ASP B 281 -42.64 3.83 -35.16
C ASP B 281 -41.84 4.07 -33.90
N PHE B 282 -40.73 3.36 -33.69
CA PHE B 282 -39.93 3.56 -32.51
C PHE B 282 -39.54 5.04 -32.40
N GLN B 283 -39.59 5.57 -31.17
CA GLN B 283 -39.32 6.99 -30.93
C GLN B 283 -38.01 7.24 -30.19
N SER B 284 -37.35 6.22 -29.69
CA SER B 284 -36.13 6.38 -28.90
C SER B 284 -34.88 6.04 -29.70
N GLY B 285 -34.98 5.88 -31.02
CA GLY B 285 -33.83 5.48 -31.80
C GLY B 285 -33.37 4.06 -31.54
N ALA B 286 -32.98 3.78 -30.29
CA ALA B 286 -32.62 2.43 -29.86
C ALA B 286 -32.74 2.35 -28.35
N MET B 287 -32.55 1.13 -27.82
CA MET B 287 -32.78 0.86 -26.41
C MET B 287 -32.11 -0.47 -26.05
N GLU B 288 -31.44 -0.49 -24.90
CA GLU B 288 -30.59 -1.63 -24.56
C GLU B 288 -31.28 -2.62 -23.62
N ASN B 289 -32.52 -3.02 -23.93
CA ASN B 289 -33.19 -4.03 -23.12
C ASN B 289 -32.39 -5.33 -23.10
N TRP B 290 -32.16 -5.86 -21.90
CA TRP B 290 -31.17 -6.91 -21.74
C TRP B 290 -31.63 -8.17 -22.47
N GLY B 291 -30.81 -8.64 -23.39
CA GLY B 291 -31.14 -9.81 -24.18
C GLY B 291 -32.16 -9.58 -25.27
N LEU B 292 -32.66 -8.35 -25.42
CA LEU B 292 -33.69 -8.05 -26.41
C LEU B 292 -33.69 -6.57 -26.76
N THR B 293 -32.63 -6.12 -27.44
CA THR B 293 -32.50 -4.71 -27.77
C THR B 293 -33.44 -4.34 -28.91
N THR B 294 -34.10 -3.19 -28.77
CA THR B 294 -35.04 -2.67 -29.75
C THR B 294 -34.42 -1.51 -30.51
N TYR B 295 -34.85 -1.34 -31.76
CA TYR B 295 -34.26 -0.34 -32.62
C TYR B 295 -35.34 0.24 -33.52
N ARG B 296 -35.08 1.43 -34.03
CA ARG B 296 -35.93 2.04 -35.04
C ARG B 296 -35.50 1.51 -36.41
N GLU B 297 -36.48 1.25 -37.27
CA GLU B 297 -36.21 0.54 -38.53
C GLU B 297 -35.00 1.13 -39.25
N SER B 298 -35.04 2.43 -39.54
CA SER B 298 -33.95 3.06 -40.27
C SER B 298 -32.60 2.87 -39.59
N ALA B 299 -32.58 2.54 -38.29
CA ALA B 299 -31.34 2.36 -37.56
C ALA B 299 -30.76 0.95 -37.66
N LEU B 300 -31.59 -0.04 -37.95
CA LEU B 300 -31.12 -1.42 -37.94
C LEU B 300 -31.21 -2.10 -39.30
N LEU B 301 -32.07 -1.64 -40.20
CA LEU B 301 -32.26 -2.28 -41.49
C LEU B 301 -31.53 -1.52 -42.60
N PHE B 302 -31.07 -2.27 -43.60
CA PHE B 302 -30.34 -1.71 -44.72
C PHE B 302 -30.95 -2.20 -46.03
N ASP B 303 -31.23 -1.26 -46.93
CA ASP B 303 -31.75 -1.56 -48.25
C ASP B 303 -30.94 -0.78 -49.28
N ALA B 304 -30.24 -1.50 -50.17
CA ALA B 304 -29.42 -0.84 -51.16
C ALA B 304 -30.23 0.10 -52.03
N GLU B 305 -31.55 -0.11 -52.12
CA GLU B 305 -32.40 0.70 -52.98
C GLU B 305 -32.64 2.06 -52.34
N LYS B 306 -33.46 2.10 -51.29
CA LYS B 306 -33.68 3.34 -50.55
C LYS B 306 -32.64 3.39 -49.43
N SER B 307 -31.46 3.92 -49.74
CA SER B 307 -30.33 3.91 -48.83
C SER B 307 -29.82 5.32 -48.59
N SER B 308 -28.96 5.45 -47.58
CA SER B 308 -28.32 6.71 -47.24
C SER B 308 -26.82 6.56 -47.30
N ALA B 309 -26.12 7.70 -47.32
CA ALA B 309 -24.66 7.68 -47.37
C ALA B 309 -24.04 7.28 -46.03
N SER B 310 -24.78 7.37 -44.93
CA SER B 310 -24.27 7.02 -43.61
C SER B 310 -25.15 5.99 -42.90
N SER B 311 -26.08 5.35 -43.62
CA SER B 311 -27.00 4.42 -42.98
C SER B 311 -26.27 3.19 -42.45
N LYS B 312 -25.38 2.62 -43.26
CA LYS B 312 -24.59 1.47 -42.81
C LYS B 312 -23.72 1.83 -41.62
N LEU B 313 -23.06 2.99 -41.69
CA LEU B 313 -22.33 3.49 -40.53
C LEU B 313 -23.21 3.49 -39.28
N ASP B 314 -24.29 4.28 -39.31
CA ASP B 314 -25.14 4.41 -38.12
C ASP B 314 -25.68 3.07 -37.67
N ILE B 315 -25.96 2.16 -38.61
CA ILE B 315 -26.38 0.81 -38.24
C ILE B 315 -25.33 0.16 -37.35
N THR B 316 -24.10 0.05 -37.88
CA THR B 316 -23.03 -0.59 -37.10
C THR B 316 -22.85 0.11 -35.75
N MET B 317 -22.98 1.44 -35.71
CA MET B 317 -22.65 2.18 -34.49
C MET B 317 -23.75 2.05 -33.44
N THR B 318 -25.01 2.10 -33.86
CA THR B 318 -26.12 1.84 -32.96
C THR B 318 -26.06 0.43 -32.39
N VAL B 319 -25.80 -0.55 -33.26
CA VAL B 319 -25.68 -1.92 -32.78
C VAL B 319 -24.55 -2.01 -31.76
N ALA B 320 -23.42 -1.37 -32.04
CA ALA B 320 -22.27 -1.43 -31.15
C ALA B 320 -22.60 -0.79 -29.80
N HIS B 321 -23.25 0.37 -29.82
CA HIS B 321 -23.67 1.01 -28.58
C HIS B 321 -24.50 0.06 -27.72
N GLU B 322 -25.52 -0.57 -28.31
CA GLU B 322 -26.42 -1.38 -27.49
C GLU B 322 -25.76 -2.66 -27.01
N LEU B 323 -24.98 -3.31 -27.88
CA LEU B 323 -24.27 -4.50 -27.45
C LEU B 323 -23.30 -4.19 -26.31
N ALA B 324 -22.57 -3.07 -26.41
CA ALA B 324 -21.76 -2.64 -25.27
C ALA B 324 -22.63 -2.55 -24.02
N HIS B 325 -23.71 -1.78 -24.10
CA HIS B 325 -24.60 -1.63 -22.94
C HIS B 325 -24.87 -2.97 -22.29
N GLN B 326 -24.94 -4.03 -23.11
CA GLN B 326 -25.26 -5.34 -22.53
C GLN B 326 -24.37 -5.65 -21.34
N TRP B 327 -23.13 -5.16 -21.34
CA TRP B 327 -22.24 -5.28 -20.19
C TRP B 327 -22.27 -4.04 -19.29
N PHE B 328 -21.83 -2.90 -19.82
CA PHE B 328 -21.74 -1.69 -19.03
C PHE B 328 -23.13 -1.05 -18.92
N GLY B 329 -23.72 -1.12 -17.73
CA GLY B 329 -25.04 -0.55 -17.50
C GLY B 329 -26.18 -1.55 -17.45
N ASN B 330 -25.91 -2.82 -17.71
CA ASN B 330 -26.91 -3.88 -17.55
C ASN B 330 -26.45 -4.92 -16.56
N LEU B 331 -25.24 -5.45 -16.74
CA LEU B 331 -24.61 -6.27 -15.73
C LEU B 331 -24.13 -5.42 -14.55
N VAL B 332 -23.71 -4.18 -14.81
CA VAL B 332 -23.33 -3.24 -13.75
C VAL B 332 -24.10 -1.96 -14.05
N THR B 333 -25.31 -1.86 -13.53
CA THR B 333 -26.15 -0.71 -13.81
C THR B 333 -25.90 0.40 -12.79
N MET B 334 -26.22 1.62 -13.20
CA MET B 334 -26.04 2.78 -12.33
C MET B 334 -26.77 2.58 -11.01
N GLU B 335 -26.22 3.17 -9.95
CA GLU B 335 -26.91 3.19 -8.67
C GLU B 335 -28.15 4.07 -8.71
N TRP B 336 -28.12 5.16 -9.49
CA TRP B 336 -29.25 6.06 -9.62
C TRP B 336 -29.00 6.93 -10.84
N TRP B 337 -30.03 7.67 -11.25
CA TRP B 337 -29.98 8.34 -12.55
C TRP B 337 -28.92 9.42 -12.63
N ASN B 338 -28.43 9.94 -11.52
CA ASN B 338 -27.38 10.95 -11.59
C ASN B 338 -26.17 10.44 -12.36
N ASP B 339 -25.89 9.13 -12.32
CA ASP B 339 -24.75 8.58 -13.01
C ASP B 339 -25.08 8.05 -14.41
N LEU B 340 -26.29 8.33 -14.90
CA LEU B 340 -26.62 7.95 -16.28
C LEU B 340 -25.58 8.47 -17.27
N TRP B 341 -25.09 9.69 -17.06
CA TRP B 341 -24.10 10.25 -17.99
C TRP B 341 -22.93 9.30 -18.20
N LEU B 342 -22.49 8.62 -17.15
CA LEU B 342 -21.38 7.68 -17.32
C LEU B 342 -21.80 6.56 -18.26
N ASN B 343 -22.90 5.90 -17.93
CA ASN B 343 -23.47 4.85 -18.76
C ASN B 343 -23.38 5.19 -20.24
N GLU B 344 -24.24 6.11 -20.69
CA GLU B 344 -24.19 6.56 -22.08
C GLU B 344 -22.77 6.96 -22.45
N GLY B 345 -22.15 7.83 -21.64
CA GLY B 345 -20.81 8.29 -21.93
C GLY B 345 -19.89 7.15 -22.33
N PHE B 346 -19.99 6.03 -21.60
CA PHE B 346 -19.09 4.91 -21.85
C PHE B 346 -19.52 4.14 -23.08
N ALA B 347 -20.82 3.83 -23.17
CA ALA B 347 -21.31 3.15 -24.35
C ALA B 347 -20.89 3.90 -25.61
N LYS B 348 -21.14 5.22 -25.65
CA LYS B 348 -20.72 6.02 -26.79
C LYS B 348 -19.25 5.76 -27.11
N PHE B 349 -18.39 5.84 -26.10
CA PHE B 349 -16.97 5.61 -26.29
C PHE B 349 -16.72 4.22 -26.88
N MET B 350 -17.46 3.23 -26.41
CA MET B 350 -17.34 1.89 -26.96
C MET B 350 -17.65 1.87 -28.45
N GLU B 351 -18.68 2.60 -28.90
CA GLU B 351 -18.90 2.76 -30.32
C GLU B 351 -17.59 2.99 -31.06
N PHE B 352 -16.79 3.94 -30.57
CA PHE B 352 -15.54 4.28 -31.25
C PHE B 352 -14.46 3.24 -31.02
N VAL B 353 -14.47 2.57 -29.87
CA VAL B 353 -13.42 1.60 -29.61
C VAL B 353 -13.68 0.31 -30.36
N SER B 354 -14.94 -0.13 -30.41
CA SER B 354 -15.28 -1.43 -30.97
C SER B 354 -15.33 -1.39 -32.49
N VAL B 355 -16.14 -0.48 -33.04
CA VAL B 355 -16.31 -0.41 -34.49
C VAL B 355 -14.96 -0.26 -35.18
N SER B 356 -14.11 0.63 -34.66
CA SER B 356 -12.75 0.82 -35.17
C SER B 356 -12.08 -0.50 -35.57
N VAL B 357 -12.27 -1.54 -34.78
CA VAL B 357 -11.68 -2.84 -35.06
C VAL B 357 -12.60 -3.69 -35.92
N THR B 358 -13.89 -3.73 -35.59
CA THR B 358 -14.79 -4.65 -36.27
C THR B 358 -15.07 -4.21 -37.70
N HIS B 359 -15.21 -2.91 -37.93
CA HIS B 359 -15.48 -2.37 -39.26
C HIS B 359 -14.60 -1.15 -39.50
N PRO B 360 -13.29 -1.35 -39.65
CA PRO B 360 -12.39 -0.22 -39.93
C PRO B 360 -12.69 0.47 -41.25
N GLU B 361 -13.47 -0.18 -42.12
CA GLU B 361 -13.92 0.45 -43.35
C GLU B 361 -14.77 1.70 -43.08
N LEU B 362 -15.37 1.81 -41.90
CA LEU B 362 -16.38 2.84 -41.66
C LEU B 362 -15.79 4.17 -41.22
N LYS B 363 -14.51 4.21 -40.87
CA LYS B 363 -13.83 5.46 -40.52
C LYS B 363 -14.56 6.20 -39.39
N VAL B 364 -14.90 5.48 -38.33
CA VAL B 364 -15.72 6.05 -37.27
C VAL B 364 -14.99 7.11 -36.44
N GLY B 365 -13.66 7.15 -36.51
CA GLY B 365 -12.90 8.12 -35.73
C GLY B 365 -13.21 9.57 -36.10
N ASP B 366 -13.44 9.83 -37.39
CA ASP B 366 -13.80 11.18 -37.82
C ASP B 366 -15.10 11.63 -37.17
N TYR B 367 -16.10 10.76 -37.22
CA TYR B 367 -17.44 11.06 -36.62
C TYR B 367 -17.28 11.28 -35.12
N PHE B 368 -16.45 10.47 -34.46
CA PHE B 368 -16.26 10.60 -33.02
C PHE B 368 -15.60 11.94 -32.67
N PHE B 369 -14.47 12.25 -33.29
CA PHE B 369 -13.78 13.46 -32.90
C PHE B 369 -14.54 14.71 -33.32
N GLY B 370 -15.34 14.64 -34.38
CA GLY B 370 -16.24 15.73 -34.64
C GLY B 370 -17.22 15.94 -33.51
N LYS B 371 -17.72 14.83 -32.97
CA LYS B 371 -18.70 14.88 -31.85
C LYS B 371 -18.03 15.60 -30.67
N CYS B 372 -16.74 15.32 -30.46
CA CYS B 372 -16.00 15.97 -29.37
C CYS B 372 -15.81 17.46 -29.63
N PHE B 373 -15.41 17.82 -30.85
CA PHE B 373 -15.41 19.22 -31.25
C PHE B 373 -16.71 19.93 -30.87
N ASP B 374 -17.84 19.34 -31.27
CA ASP B 374 -19.13 19.98 -31.03
C ASP B 374 -19.46 20.07 -29.55
N ALA B 375 -19.16 19.00 -28.80
CA ALA B 375 -19.30 19.06 -27.35
C ALA B 375 -18.55 20.26 -26.79
N MET B 376 -17.30 20.45 -27.21
CA MET B 376 -16.52 21.58 -26.72
C MET B 376 -17.16 22.90 -27.12
N GLU B 377 -17.62 23.00 -28.36
CA GLU B 377 -18.26 24.23 -28.83
C GLU B 377 -19.41 24.61 -27.90
N VAL B 378 -20.24 23.63 -27.53
CA VAL B 378 -21.38 23.93 -26.69
C VAL B 378 -20.93 24.24 -25.26
N ASP B 379 -19.93 23.51 -24.77
CA ASP B 379 -19.50 23.64 -23.39
C ASP B 379 -18.92 25.02 -23.10
N ALA B 380 -18.23 25.62 -24.08
CA ALA B 380 -17.55 26.89 -23.88
C ALA B 380 -18.51 28.04 -23.55
N LEU B 381 -19.82 27.80 -23.50
CA LEU B 381 -20.81 28.85 -23.30
C LEU B 381 -21.04 29.15 -21.82
N ASN B 382 -21.61 30.34 -21.57
CA ASN B 382 -21.96 30.72 -20.20
C ASN B 382 -22.95 29.74 -19.59
N SER B 383 -23.95 29.33 -20.37
CA SER B 383 -24.92 28.32 -19.93
C SER B 383 -24.41 26.95 -20.35
N SER B 384 -23.77 26.25 -19.42
CA SER B 384 -23.28 24.90 -19.67
C SER B 384 -23.27 24.16 -18.34
N HIS B 385 -23.77 22.97 -18.36
CA HIS B 385 -23.89 22.20 -17.12
C HIS B 385 -22.77 21.19 -17.00
N PRO B 386 -22.31 20.92 -15.78
CA PRO B 386 -21.39 19.81 -15.57
C PRO B 386 -22.04 18.50 -15.98
N VAL B 387 -21.21 17.48 -16.17
CA VAL B 387 -21.74 16.19 -16.58
C VAL B 387 -22.48 15.50 -15.42
N SER B 388 -21.99 15.66 -14.20
CA SER B 388 -22.66 15.13 -13.01
C SER B 388 -23.64 16.19 -12.50
N THR B 389 -24.93 15.91 -12.66
CA THR B 389 -25.98 16.76 -12.13
C THR B 389 -26.85 15.94 -11.19
N PRO B 390 -26.94 16.28 -9.91
CA PRO B 390 -27.83 15.54 -9.01
C PRO B 390 -29.25 15.55 -9.56
N VAL B 391 -29.83 14.36 -9.71
CA VAL B 391 -31.15 14.19 -10.31
C VAL B 391 -32.14 13.87 -9.20
N GLU B 392 -33.21 14.66 -9.11
CA GLU B 392 -34.30 14.41 -8.17
C GLU B 392 -35.50 13.72 -8.82
N ASN B 393 -35.89 14.14 -10.02
CA ASN B 393 -36.95 13.48 -10.76
C ASN B 393 -36.41 13.01 -12.11
N PRO B 394 -36.32 11.70 -12.36
CA PRO B 394 -35.67 11.23 -13.60
C PRO B 394 -36.48 11.50 -14.85
N ALA B 395 -37.79 11.69 -14.73
CA ALA B 395 -38.59 11.93 -15.95
C ALA B 395 -38.09 13.22 -16.61
N GLN B 396 -37.89 14.27 -15.81
CA GLN B 396 -37.34 15.56 -16.30
C GLN B 396 -35.87 15.39 -16.68
N ILE B 397 -35.13 14.60 -15.89
CA ILE B 397 -33.66 14.38 -16.05
C ILE B 397 -33.29 13.77 -17.40
N ARG B 398 -34.04 12.78 -17.90
CA ARG B 398 -33.63 12.18 -19.20
C ARG B 398 -33.67 13.28 -20.27
N GLU B 399 -34.74 14.09 -20.29
CA GLU B 399 -34.85 15.22 -21.24
C GLU B 399 -33.81 16.29 -20.87
N MET B 400 -33.56 16.45 -19.56
CA MET B 400 -32.61 17.47 -19.03
C MET B 400 -31.19 17.17 -19.53
N PHE B 401 -30.79 15.90 -19.58
CA PHE B 401 -29.43 15.56 -20.04
C PHE B 401 -29.40 15.51 -21.58
N ASP B 402 -28.64 16.44 -22.18
CA ASP B 402 -28.50 16.53 -23.65
C ASP B 402 -27.42 15.54 -24.13
N ASP B 403 -27.38 15.30 -25.45
CA ASP B 403 -26.38 14.38 -26.07
C ASP B 403 -24.96 14.92 -25.86
N VAL B 404 -24.80 16.24 -25.88
CA VAL B 404 -23.44 16.87 -25.72
C VAL B 404 -22.86 16.44 -24.37
N SER B 405 -23.66 16.41 -23.31
CA SER B 405 -23.11 15.96 -22.03
C SER B 405 -22.56 14.55 -22.14
N TYR B 406 -23.34 13.64 -22.73
CA TYR B 406 -22.88 12.27 -22.91
C TYR B 406 -21.64 12.22 -23.80
N ASP B 407 -21.62 13.00 -24.87
CA ASP B 407 -20.42 13.09 -25.70
C ASP B 407 -19.24 13.59 -24.88
N LYS B 408 -19.44 14.60 -24.03
CA LYS B 408 -18.38 15.04 -23.15
C LYS B 408 -17.84 13.87 -22.34
N GLY B 409 -18.74 13.02 -21.83
CA GLY B 409 -18.30 11.84 -21.09
C GLY B 409 -17.49 10.86 -21.93
N ALA B 410 -17.90 10.67 -23.18
CA ALA B 410 -17.12 9.79 -24.05
C ALA B 410 -15.75 10.38 -24.35
N CYS B 411 -15.68 11.69 -24.63
CA CYS B 411 -14.39 12.33 -24.90
C CYS B 411 -13.47 12.22 -23.70
N ILE B 412 -14.03 12.41 -22.50
CA ILE B 412 -13.26 12.29 -21.28
C ILE B 412 -12.71 10.88 -21.14
N LEU B 413 -13.55 9.87 -21.37
CA LEU B 413 -13.06 8.51 -21.26
C LEU B 413 -11.93 8.27 -22.26
N ASN B 414 -12.02 8.88 -23.44
CA ASN B 414 -10.94 8.75 -24.42
C ASN B 414 -9.65 9.41 -23.91
N MET B 415 -9.76 10.63 -23.41
CA MET B 415 -8.62 11.31 -22.79
C MET B 415 -7.97 10.43 -21.73
N LEU B 416 -8.79 9.82 -20.88
CA LEU B 416 -8.27 8.96 -19.83
C LEU B 416 -7.60 7.73 -20.42
N ARG B 417 -8.32 6.97 -21.24
CA ARG B 417 -7.74 5.79 -21.84
C ARG B 417 -6.39 6.10 -22.48
N GLU B 418 -6.29 7.25 -23.16
CA GLU B 418 -5.04 7.55 -23.84
C GLU B 418 -3.95 7.97 -22.86
N TYR B 419 -4.33 8.59 -21.74
CA TYR B 419 -3.32 8.92 -20.75
C TYR B 419 -2.79 7.66 -20.08
N LEU B 420 -3.67 6.95 -19.37
CA LEU B 420 -3.36 5.62 -18.88
C LEU B 420 -2.97 4.73 -20.06
N SER B 421 -2.35 3.60 -19.75
CA SER B 421 -2.11 2.64 -20.80
C SER B 421 -3.43 2.19 -21.42
N ALA B 422 -3.46 2.00 -22.73
CA ALA B 422 -4.65 1.43 -23.35
C ALA B 422 -5.05 0.13 -22.67
N ASP B 423 -4.10 -0.80 -22.56
CA ASP B 423 -4.36 -2.06 -21.87
C ASP B 423 -4.62 -1.84 -20.39
N ALA B 424 -4.03 -0.80 -19.80
CA ALA B 424 -4.35 -0.48 -18.42
C ALA B 424 -5.80 -0.05 -18.28
N PHE B 425 -6.26 0.85 -19.14
CA PHE B 425 -7.66 1.27 -19.13
C PHE B 425 -8.59 0.08 -19.28
N LYS B 426 -8.24 -0.83 -20.19
CA LYS B 426 -9.03 -2.04 -20.40
C LYS B 426 -9.04 -2.92 -19.16
N SER B 427 -7.89 -3.09 -18.51
CA SER B 427 -7.85 -3.90 -17.31
C SER B 427 -8.72 -3.28 -16.23
N GLY B 428 -8.70 -1.95 -16.14
CA GLY B 428 -9.56 -1.28 -15.17
C GLY B 428 -11.02 -1.54 -15.46
N ILE B 429 -11.40 -1.43 -16.74
CA ILE B 429 -12.79 -1.71 -17.12
C ILE B 429 -13.15 -3.13 -16.74
N VAL B 430 -12.20 -4.06 -16.88
CA VAL B 430 -12.51 -5.46 -16.63
C VAL B 430 -12.69 -5.72 -15.14
N GLN B 431 -11.81 -5.14 -14.31
CA GLN B 431 -11.99 -5.25 -12.87
C GLN B 431 -13.30 -4.62 -12.44
N TYR B 432 -13.66 -3.47 -13.01
CA TYR B 432 -14.96 -2.86 -12.73
C TYR B 432 -16.10 -3.82 -13.05
N LEU B 433 -16.26 -4.20 -14.32
CA LEU B 433 -17.36 -5.07 -14.69
C LEU B 433 -17.37 -6.36 -13.88
N GLN B 434 -16.20 -6.89 -13.54
CA GLN B 434 -16.18 -8.17 -12.82
C GLN B 434 -16.57 -7.99 -11.36
N LYS B 435 -15.93 -7.05 -10.68
CA LYS B 435 -16.12 -6.93 -9.24
C LYS B 435 -17.55 -6.54 -8.89
N HIS B 436 -18.17 -5.66 -9.69
CA HIS B 436 -19.53 -5.17 -9.34
C HIS B 436 -20.65 -5.83 -10.14
N SER B 437 -20.37 -6.94 -10.81
CA SER B 437 -21.41 -7.58 -11.62
C SER B 437 -22.71 -7.75 -10.85
N TYR B 438 -23.83 -7.65 -11.57
CA TYR B 438 -25.16 -7.88 -11.01
C TYR B 438 -25.41 -7.00 -9.79
N LYS B 439 -24.80 -5.81 -9.77
CA LYS B 439 -25.00 -4.86 -8.69
C LYS B 439 -25.03 -3.46 -9.28
N ASN B 440 -25.21 -2.46 -8.42
CA ASN B 440 -25.26 -1.07 -8.85
C ASN B 440 -24.03 -0.34 -8.32
N THR B 441 -23.57 0.66 -9.08
CA THR B 441 -22.37 1.39 -8.70
C THR B 441 -22.58 2.88 -8.90
N LYS B 442 -21.71 3.65 -8.27
CA LYS B 442 -21.69 5.09 -8.37
C LYS B 442 -20.66 5.52 -9.40
N ASN B 443 -20.70 6.80 -9.74
CA ASN B 443 -19.71 7.37 -10.65
C ASN B 443 -18.30 7.05 -10.17
N GLU B 444 -18.03 7.29 -8.89
CA GLU B 444 -16.69 7.15 -8.33
C GLU B 444 -16.19 5.70 -8.33
N ASP B 445 -17.09 4.73 -8.38
CA ASP B 445 -16.64 3.34 -8.33
C ASP B 445 -15.81 2.98 -9.56
N LEU B 446 -16.19 3.49 -10.74
CA LEU B 446 -15.39 3.21 -11.92
C LEU B 446 -13.98 3.79 -11.78
N TRP B 447 -13.89 5.02 -11.24
CA TRP B 447 -12.58 5.61 -11.00
C TRP B 447 -11.78 4.73 -10.03
N ASP B 448 -12.41 4.28 -8.96
CA ASP B 448 -11.73 3.39 -8.02
C ASP B 448 -11.15 2.18 -8.73
N SER B 449 -11.97 1.50 -9.52
CA SER B 449 -11.47 0.33 -10.23
C SER B 449 -10.35 0.69 -11.20
N MET B 450 -10.39 1.90 -11.77
CA MET B 450 -9.33 2.31 -12.69
C MET B 450 -8.00 2.46 -11.97
N ALA B 451 -8.01 3.07 -10.77
CA ALA B 451 -6.77 3.33 -10.07
C ALA B 451 -6.12 2.05 -9.55
N SER B 452 -6.90 1.01 -9.24
CA SER B 452 -6.37 -0.22 -8.66
C SER B 452 -5.45 -0.99 -9.61
N ILE B 453 -5.27 -0.54 -10.85
CA ILE B 453 -4.34 -1.18 -11.78
C ILE B 453 -2.98 -0.49 -11.72
N ARG B 482 1.17 5.78 -8.42
CA ARG B 482 -0.28 5.91 -8.53
C ARG B 482 -0.66 7.10 -9.41
N VAL B 483 -1.91 7.13 -9.84
CA VAL B 483 -2.42 8.21 -10.66
C VAL B 483 -3.60 8.94 -10.03
N ASP B 484 -4.35 8.31 -9.12
CA ASP B 484 -5.50 8.94 -8.45
C ASP B 484 -6.54 9.37 -9.48
N VAL B 485 -7.11 8.36 -10.14
CA VAL B 485 -8.07 8.61 -11.20
C VAL B 485 -9.27 9.39 -10.67
N LYS B 486 -9.67 9.15 -9.43
CA LYS B 486 -10.92 9.74 -8.93
C LYS B 486 -10.82 11.27 -8.87
N THR B 487 -9.79 11.79 -8.20
CA THR B 487 -9.67 13.23 -8.07
C THR B 487 -9.62 13.90 -9.44
N MET B 488 -8.84 13.33 -10.35
CA MET B 488 -8.75 13.91 -11.69
C MET B 488 -10.11 13.92 -12.37
N MET B 489 -10.75 12.76 -12.43
CA MET B 489 -12.02 12.68 -13.15
C MET B 489 -13.06 13.60 -12.53
N ASN B 490 -12.97 13.88 -11.23
CA ASN B 490 -14.00 14.71 -10.63
C ASN B 490 -13.98 16.12 -11.21
N THR B 491 -12.78 16.67 -11.46
CA THR B 491 -12.72 18.02 -12.01
C THR B 491 -13.38 18.11 -13.37
N TRP B 492 -13.51 16.98 -14.07
CA TRP B 492 -14.14 16.96 -15.38
C TRP B 492 -15.62 16.63 -15.30
N THR B 493 -16.02 15.88 -14.27
CA THR B 493 -17.42 15.56 -14.06
C THR B 493 -18.15 16.63 -13.25
N LEU B 494 -17.51 17.18 -12.21
CA LEU B 494 -18.18 18.11 -11.31
C LEU B 494 -18.07 19.57 -11.75
N GLN B 495 -16.98 19.96 -12.41
CA GLN B 495 -16.84 21.30 -12.93
C GLN B 495 -17.27 21.36 -14.39
N ARG B 496 -17.99 22.40 -14.76
CA ARG B 496 -18.41 22.54 -16.15
C ARG B 496 -17.22 22.96 -17.01
N GLY B 497 -17.45 23.04 -18.32
CA GLY B 497 -16.48 23.56 -19.25
C GLY B 497 -15.16 22.81 -19.21
N PHE B 498 -14.14 23.45 -19.79
CA PHE B 498 -12.79 22.87 -19.92
C PHE B 498 -11.70 23.91 -19.73
N PRO B 499 -10.43 23.49 -19.67
CA PRO B 499 -9.34 24.46 -19.51
C PRO B 499 -8.65 24.83 -20.81
N LEU B 500 -8.24 26.10 -20.93
CA LEU B 500 -7.28 26.53 -21.91
C LEU B 500 -5.87 26.35 -21.35
N ILE B 501 -5.01 25.71 -22.13
CA ILE B 501 -3.65 25.35 -21.70
C ILE B 501 -2.66 26.17 -22.52
N THR B 502 -1.98 27.11 -21.85
CA THR B 502 -1.01 28.00 -22.49
C THR B 502 0.40 27.47 -22.21
N ILE B 503 1.14 27.21 -23.29
CA ILE B 503 2.48 26.63 -23.23
C ILE B 503 3.49 27.70 -23.60
N THR B 504 4.43 27.98 -22.69
CA THR B 504 5.52 28.91 -22.95
C THR B 504 6.84 28.14 -22.86
N VAL B 505 7.67 28.21 -23.90
CA VAL B 505 8.91 27.46 -23.94
C VAL B 505 10.08 28.44 -23.83
N ARG B 506 10.85 28.33 -22.76
CA ARG B 506 12.07 29.10 -22.60
C ARG B 506 13.22 28.09 -22.59
N GLY B 507 13.80 27.86 -23.75
CA GLY B 507 14.94 26.97 -23.78
C GLY B 507 14.47 25.55 -23.58
N ARG B 508 14.99 24.91 -22.54
CA ARG B 508 14.58 23.56 -22.14
C ARG B 508 13.39 23.57 -21.20
N ASN B 509 12.88 24.74 -20.85
CA ASN B 509 11.87 24.87 -19.81
C ASN B 509 10.50 25.11 -20.44
N VAL B 510 9.65 24.10 -20.36
CA VAL B 510 8.28 24.18 -20.85
C VAL B 510 7.38 24.54 -19.67
N HIS B 511 6.78 25.72 -19.73
CA HIS B 511 5.96 26.26 -18.64
C HIS B 511 4.51 26.18 -19.07
N MET B 512 3.70 25.46 -18.29
CA MET B 512 2.30 25.19 -18.62
C MET B 512 1.38 25.92 -17.65
N LYS B 513 0.43 26.68 -18.20
CA LYS B 513 -0.60 27.37 -17.44
C LYS B 513 -1.97 26.89 -17.89
N GLN B 514 -2.95 26.94 -16.98
CA GLN B 514 -4.34 26.59 -17.33
C GLN B 514 -5.29 27.66 -16.83
N GLU B 515 -6.45 27.72 -17.48
CA GLU B 515 -7.48 28.66 -17.03
C GLU B 515 -8.82 28.29 -17.64
N HIS B 516 -9.89 28.39 -16.86
CA HIS B 516 -11.19 28.05 -17.41
C HIS B 516 -11.41 28.82 -18.71
N TYR B 517 -11.69 28.10 -19.78
CA TYR B 517 -11.86 28.71 -21.09
C TYR B 517 -13.30 29.19 -21.25
N MET B 518 -13.47 30.51 -21.41
CA MET B 518 -14.81 31.12 -21.59
C MET B 518 -14.86 31.83 -22.94
N LYS B 519 -15.82 31.45 -23.79
CA LYS B 519 -15.98 32.08 -25.14
C LYS B 519 -17.08 33.16 -25.08
N GLY B 520 -18.21 32.85 -24.45
CA GLY B 520 -19.35 33.76 -24.30
C GLY B 520 -19.18 34.77 -23.18
N SER B 521 -20.03 35.81 -23.18
CA SER B 521 -20.05 36.89 -22.16
C SER B 521 -18.73 37.66 -22.10
N ASP B 522 -18.21 37.86 -20.88
CA ASP B 522 -16.95 38.64 -20.67
C ASP B 522 -15.86 37.74 -20.08
N GLY B 523 -14.66 37.78 -20.66
CA GLY B 523 -13.52 36.98 -20.19
C GLY B 523 -12.76 37.65 -19.05
N ALA B 524 -13.10 38.90 -18.73
CA ALA B 524 -12.41 39.64 -17.64
C ALA B 524 -12.63 38.90 -16.33
N PRO B 525 -13.87 38.43 -16.03
CA PRO B 525 -14.15 37.67 -14.81
C PRO B 525 -13.51 36.28 -14.95
N ASP B 526 -12.95 35.76 -13.86
CA ASP B 526 -12.30 34.45 -13.88
C ASP B 526 -13.00 33.52 -12.89
N THR B 527 -12.81 32.23 -13.09
CA THR B 527 -13.35 31.19 -12.21
C THR B 527 -12.21 30.55 -11.44
N GLY B 528 -12.51 30.11 -10.21
CA GLY B 528 -11.49 29.45 -9.42
C GLY B 528 -11.28 28.02 -9.85
N TYR B 529 -11.85 27.67 -11.00
CA TYR B 529 -11.76 26.31 -11.49
C TYR B 529 -10.31 25.91 -11.74
N LEU B 530 -9.99 24.67 -11.40
CA LEU B 530 -8.71 24.06 -11.75
C LEU B 530 -8.94 22.59 -12.04
N TRP B 531 -8.27 22.08 -13.07
CA TRP B 531 -8.43 20.69 -13.45
C TRP B 531 -7.14 19.90 -13.22
N HIS B 532 -7.27 18.58 -13.19
CA HIS B 532 -6.13 17.69 -13.29
C HIS B 532 -6.00 17.31 -14.76
N VAL B 533 -5.13 18.02 -15.46
CA VAL B 533 -5.09 17.97 -16.92
C VAL B 533 -4.03 16.95 -17.32
N PRO B 534 -4.40 15.83 -17.85
CA PRO B 534 -3.41 14.85 -18.32
C PRO B 534 -2.81 15.23 -19.67
N LEU B 535 -1.96 16.27 -19.65
CA LEU B 535 -1.34 16.74 -20.87
C LEU B 535 -0.52 15.63 -21.52
N THR B 536 -0.52 15.60 -22.85
CA THR B 536 0.40 14.79 -23.62
C THR B 536 1.04 15.65 -24.70
N PHE B 537 2.28 15.34 -25.06
CA PHE B 537 2.93 16.19 -26.04
C PHE B 537 3.99 15.42 -26.82
N ILE B 538 4.35 15.98 -27.97
CA ILE B 538 5.41 15.47 -28.88
C ILE B 538 6.28 16.68 -29.28
N THR B 539 7.52 16.42 -29.68
CA THR B 539 8.46 17.47 -30.03
C THR B 539 9.21 17.12 -31.31
N SER B 540 9.91 18.11 -31.86
CA SER B 540 10.70 17.88 -33.06
C SER B 540 11.74 16.80 -32.85
N LYS B 541 12.21 16.62 -31.61
CA LYS B 541 13.27 15.64 -31.35
C LYS B 541 12.70 14.24 -31.19
N SER B 542 11.88 14.04 -30.17
CA SER B 542 11.38 12.72 -29.79
C SER B 542 10.06 12.43 -30.46
N ASP B 543 9.97 11.25 -31.08
CA ASP B 543 8.70 10.78 -31.64
C ASP B 543 7.80 10.20 -30.56
N MET B 544 8.38 9.68 -29.49
CA MET B 544 7.60 9.08 -28.41
C MET B 544 6.61 10.09 -27.85
N VAL B 545 5.50 9.57 -27.33
CA VAL B 545 4.43 10.42 -26.80
C VAL B 545 4.67 10.66 -25.33
N HIS B 546 5.12 11.86 -24.98
CA HIS B 546 5.40 12.21 -23.58
C HIS B 546 4.12 12.60 -22.84
N ARG B 547 4.12 12.40 -21.52
CA ARG B 547 2.96 12.66 -20.68
C ARG B 547 3.34 13.54 -19.49
N PHE B 548 2.36 14.26 -18.97
CA PHE B 548 2.62 15.13 -17.84
C PHE B 548 1.29 15.58 -17.27
N LEU B 549 1.11 15.38 -15.97
CA LEU B 549 -0.16 15.65 -15.31
C LEU B 549 -0.09 17.01 -14.60
N LEU B 550 -0.89 17.95 -15.07
CA LEU B 550 -0.95 19.30 -14.49
C LEU B 550 -2.03 19.33 -13.42
N LYS B 551 -1.62 19.45 -12.16
CA LYS B 551 -2.54 19.50 -11.03
C LYS B 551 -2.61 20.88 -10.40
N THR B 552 -2.11 21.91 -11.07
CA THR B 552 -2.02 23.23 -10.47
C THR B 552 -2.08 24.29 -11.55
N LYS B 553 -2.25 25.53 -11.12
CA LYS B 553 -2.42 26.62 -12.08
C LYS B 553 -1.24 26.71 -13.03
N THR B 554 -0.05 26.34 -12.57
CA THR B 554 1.16 26.42 -13.38
C THR B 554 2.12 25.33 -12.96
N ASP B 555 2.92 24.88 -13.92
CA ASP B 555 3.99 23.94 -13.63
C ASP B 555 5.05 24.07 -14.71
N VAL B 556 6.14 23.32 -14.55
CA VAL B 556 7.23 23.33 -15.52
C VAL B 556 7.71 21.91 -15.78
N LEU B 557 8.24 21.73 -17.00
CA LEU B 557 8.78 20.44 -17.51
C LEU B 557 10.13 20.74 -18.17
N ILE B 558 11.17 19.94 -17.90
CA ILE B 558 12.48 20.21 -18.46
C ILE B 558 12.81 19.16 -19.51
N LEU B 559 13.03 19.60 -20.75
CA LEU B 559 13.38 18.66 -21.81
C LEU B 559 14.88 18.36 -21.76
N PRO B 560 15.32 17.31 -22.45
CA PRO B 560 16.76 17.03 -22.52
C PRO B 560 17.52 17.99 -23.40
N GLU B 561 16.95 18.40 -24.53
CA GLU B 561 17.55 19.42 -25.39
C GLU B 561 16.45 20.23 -26.04
N GLU B 562 16.79 21.45 -26.45
CA GLU B 562 15.83 22.34 -27.07
C GLU B 562 15.18 21.65 -28.25
N VAL B 563 13.96 22.07 -28.60
CA VAL B 563 13.23 21.48 -29.70
C VAL B 563 12.77 22.59 -30.63
N GLU B 564 12.87 22.34 -31.95
CA GLU B 564 12.45 23.32 -32.95
C GLU B 564 10.96 23.59 -32.88
N TRP B 565 10.20 22.69 -32.30
CA TRP B 565 8.77 22.88 -32.12
C TRP B 565 8.28 21.86 -31.11
N ILE B 566 7.03 22.03 -30.69
CA ILE B 566 6.41 21.11 -29.75
C ILE B 566 4.91 21.26 -29.87
N LYS B 567 4.21 20.13 -29.81
CA LYS B 567 2.74 20.14 -29.81
C LYS B 567 2.22 19.32 -28.66
N PHE B 568 1.52 19.98 -27.73
CA PHE B 568 0.78 19.30 -26.67
C PHE B 568 -0.55 18.77 -27.20
N ASN B 569 -1.23 17.99 -26.36
CA ASN B 569 -2.48 17.35 -26.72
C ASN B 569 -2.34 16.57 -28.02
N VAL B 570 -1.51 15.53 -27.96
CA VAL B 570 -1.21 14.72 -29.14
C VAL B 570 -2.41 13.87 -29.51
N GLY B 571 -2.67 13.74 -30.81
CA GLY B 571 -3.81 12.96 -31.26
C GLY B 571 -5.15 13.59 -31.00
N MET B 572 -5.20 14.76 -30.37
CA MET B 572 -6.43 15.49 -30.08
C MET B 572 -7.26 14.81 -29.00
N ASN B 573 -6.73 13.76 -28.38
CA ASN B 573 -7.51 13.02 -27.39
C ASN B 573 -7.85 13.85 -26.17
N GLY B 574 -7.08 14.89 -25.88
CA GLY B 574 -7.35 15.68 -24.71
C GLY B 574 -8.55 16.58 -24.91
N TYR B 575 -9.24 16.88 -23.80
CA TYR B 575 -10.44 17.71 -23.83
C TYR B 575 -10.11 19.13 -23.36
N TYR B 576 -9.23 19.78 -24.12
CA TYR B 576 -8.82 21.14 -23.85
C TYR B 576 -8.39 21.78 -25.17
N ILE B 577 -7.94 23.03 -25.04
CA ILE B 577 -7.40 23.85 -26.17
C ILE B 577 -6.00 24.30 -25.77
N VAL B 578 -5.01 24.05 -26.62
CA VAL B 578 -3.65 24.48 -26.34
C VAL B 578 -3.37 25.76 -27.12
N HIS B 579 -2.77 26.73 -26.43
CA HIS B 579 -2.29 27.97 -27.02
C HIS B 579 -0.81 28.10 -26.71
N TYR B 580 0.01 28.25 -27.74
CA TYR B 580 1.46 28.36 -27.59
C TYR B 580 1.86 29.83 -27.56
N GLU B 581 2.46 30.25 -26.45
CA GLU B 581 2.86 31.64 -26.33
C GLU B 581 4.01 31.95 -27.29
N ASP B 582 4.28 33.25 -27.45
CA ASP B 582 5.43 33.72 -28.25
C ASP B 582 5.36 33.06 -29.62
N ASP B 583 6.45 32.51 -30.15
CA ASP B 583 6.50 32.00 -31.50
C ASP B 583 6.08 30.53 -31.57
N GLY B 584 5.51 29.99 -30.50
CA GLY B 584 5.01 28.64 -30.54
C GLY B 584 4.19 28.34 -31.78
N TRP B 585 3.25 29.23 -32.11
CA TRP B 585 2.47 29.04 -33.33
C TRP B 585 3.37 29.11 -34.55
N ASP B 586 4.22 30.14 -34.64
CA ASP B 586 5.09 30.28 -35.79
C ASP B 586 5.78 28.96 -36.12
N SER B 587 6.59 28.46 -35.18
CA SER B 587 7.24 27.18 -35.39
C SER B 587 6.25 26.15 -35.95
N LEU B 588 5.16 25.91 -35.22
CA LEU B 588 4.18 24.92 -35.66
C LEU B 588 3.70 25.21 -37.08
N THR B 589 3.36 26.47 -37.37
CA THR B 589 3.00 26.86 -38.73
C THR B 589 4.05 26.35 -39.72
N GLY B 590 5.31 26.71 -39.50
CA GLY B 590 6.37 26.22 -40.35
C GLY B 590 6.28 24.73 -40.55
N LEU B 591 6.21 23.98 -39.44
CA LEU B 591 6.07 22.54 -39.53
C LEU B 591 4.98 22.17 -40.53
N LEU B 592 3.76 22.66 -40.29
CA LEU B 592 2.66 22.31 -41.18
C LEU B 592 3.01 22.63 -42.62
N LYS B 593 3.55 23.84 -42.87
CA LYS B 593 3.87 24.23 -44.23
C LYS B 593 5.02 23.42 -44.80
N GLY B 594 5.92 22.96 -43.95
CA GLY B 594 7.11 22.26 -44.41
C GLY B 594 6.92 20.79 -44.66
N THR B 595 6.25 20.09 -43.75
CA THR B 595 6.00 18.67 -43.94
C THR B 595 4.51 18.38 -43.81
N HIS B 596 3.90 18.82 -42.71
CA HIS B 596 2.50 18.59 -42.40
C HIS B 596 2.20 17.10 -42.21
N THR B 597 3.17 16.24 -42.49
CA THR B 597 3.06 14.83 -42.16
C THR B 597 3.79 14.47 -40.88
N ALA B 598 4.54 15.41 -40.30
CA ALA B 598 5.19 15.20 -39.02
C ALA B 598 4.19 15.15 -37.86
N VAL B 599 2.95 15.58 -38.09
CA VAL B 599 1.88 15.44 -37.10
C VAL B 599 0.69 14.79 -37.79
N SER B 600 -0.11 14.11 -36.98
CA SER B 600 -1.26 13.40 -37.52
C SER B 600 -2.27 14.39 -38.11
N SER B 601 -3.17 13.84 -38.93
CA SER B 601 -4.27 14.63 -39.46
C SER B 601 -5.11 15.23 -38.34
N ASN B 602 -5.41 14.43 -37.31
CA ASN B 602 -6.15 14.98 -36.19
C ASN B 602 -5.37 16.09 -35.51
N ASP B 603 -4.04 15.95 -35.42
CA ASP B 603 -3.24 17.00 -34.82
C ASP B 603 -3.38 18.30 -35.63
N ARG B 604 -3.38 18.18 -36.96
CA ARG B 604 -3.55 19.35 -37.80
C ARG B 604 -4.91 19.99 -37.57
N ALA B 605 -5.96 19.17 -37.42
CA ALA B 605 -7.28 19.70 -37.14
C ALA B 605 -7.31 20.42 -35.79
N SER B 606 -6.69 19.80 -34.77
CA SER B 606 -6.54 20.45 -33.47
C SER B 606 -5.92 21.83 -33.62
N LEU B 607 -4.87 21.92 -34.44
CA LEU B 607 -4.21 23.20 -34.59
C LEU B 607 -5.14 24.22 -35.21
N ILE B 608 -5.78 23.87 -36.33
CA ILE B 608 -6.67 24.82 -37.00
C ILE B 608 -7.73 25.31 -36.02
N ASN B 609 -8.42 24.36 -35.40
CA ASN B 609 -9.45 24.69 -34.43
C ASN B 609 -8.88 25.63 -33.39
N ASN B 610 -8.00 25.12 -32.52
CA ASN B 610 -7.47 25.91 -31.43
C ASN B 610 -7.09 27.31 -31.90
N ALA B 611 -6.45 27.42 -33.06
CA ALA B 611 -6.01 28.73 -33.51
C ALA B 611 -7.20 29.68 -33.67
N PHE B 612 -8.24 29.23 -34.39
CA PHE B 612 -9.40 30.10 -34.62
C PHE B 612 -10.27 30.25 -33.37
N GLN B 613 -10.31 29.23 -32.51
CA GLN B 613 -10.93 29.39 -31.20
C GLN B 613 -10.27 30.50 -30.42
N LEU B 614 -8.96 30.65 -30.57
CA LEU B 614 -8.25 31.70 -29.86
C LEU B 614 -8.42 33.06 -30.53
N VAL B 615 -8.52 33.09 -31.87
CA VAL B 615 -8.69 34.38 -32.52
C VAL B 615 -10.01 35.02 -32.12
N SER B 616 -10.96 34.22 -31.65
CA SER B 616 -12.23 34.78 -31.22
C SER B 616 -12.21 35.23 -29.77
N ILE B 617 -11.28 34.70 -28.96
CA ILE B 617 -11.10 35.16 -27.59
C ILE B 617 -9.93 36.12 -27.45
N GLY B 618 -9.31 36.51 -28.56
CA GLY B 618 -8.26 37.51 -28.53
C GLY B 618 -6.89 37.05 -28.06
N LYS B 619 -6.69 35.75 -27.82
CA LYS B 619 -5.37 35.28 -27.42
C LYS B 619 -4.39 35.28 -28.58
N LEU B 620 -4.91 35.15 -29.80
CA LEU B 620 -4.10 35.03 -31.01
C LEU B 620 -4.65 35.95 -32.08
N SER B 621 -3.74 36.62 -32.78
CA SER B 621 -4.13 37.56 -33.83
C SER B 621 -4.67 36.82 -35.04
N ILE B 622 -5.75 37.34 -35.62
CA ILE B 622 -6.43 36.68 -36.73
C ILE B 622 -5.49 36.47 -37.91
N GLU B 623 -4.57 37.40 -38.14
CA GLU B 623 -3.60 37.23 -39.22
C GLU B 623 -2.77 35.97 -39.02
N LYS B 624 -2.38 35.69 -37.78
CA LYS B 624 -1.58 34.49 -37.52
C LYS B 624 -2.39 33.22 -37.79
N ALA B 625 -3.68 33.23 -37.45
CA ALA B 625 -4.52 32.06 -37.72
C ALA B 625 -4.67 31.85 -39.22
N LEU B 626 -4.80 32.93 -39.98
CA LEU B 626 -4.88 32.78 -41.43
C LEU B 626 -3.56 32.28 -42.01
N ASP B 627 -2.44 32.83 -41.53
CA ASP B 627 -1.15 32.30 -41.96
C ASP B 627 -1.05 30.80 -41.71
N LEU B 628 -1.57 30.34 -40.56
CA LEU B 628 -1.60 28.91 -40.30
C LEU B 628 -2.48 28.18 -41.32
N SER B 629 -3.68 28.71 -41.58
CA SER B 629 -4.60 28.07 -42.50
C SER B 629 -4.10 28.04 -43.94
N LEU B 630 -3.05 28.80 -44.24
CA LEU B 630 -2.49 28.77 -45.59
C LEU B 630 -1.94 27.39 -45.97
N TYR B 631 -1.64 26.53 -44.99
CA TYR B 631 -1.06 25.23 -45.31
C TYR B 631 -2.06 24.29 -45.98
N LEU B 632 -3.36 24.60 -45.91
CA LEU B 632 -4.38 23.62 -46.24
C LEU B 632 -4.30 23.14 -47.68
N LYS B 633 -3.66 23.90 -48.57
CA LYS B 633 -3.54 23.46 -49.96
C LYS B 633 -2.93 22.08 -50.05
N HIS B 634 -1.90 21.80 -49.25
CA HIS B 634 -1.31 20.47 -49.25
C HIS B 634 -2.21 19.45 -48.57
N GLU B 635 -3.22 19.90 -47.83
CA GLU B 635 -3.97 18.99 -46.98
C GLU B 635 -4.80 18.02 -47.80
N THR B 636 -4.81 16.76 -47.36
CA THR B 636 -5.49 15.68 -48.06
C THR B 636 -6.57 15.01 -47.23
N GLU B 637 -6.69 15.32 -45.95
CA GLU B 637 -7.56 14.59 -45.04
C GLU B 637 -8.81 15.38 -44.69
N ILE B 638 -9.82 14.66 -44.25
CA ILE B 638 -11.15 15.24 -44.12
C ILE B 638 -11.24 16.13 -42.88
N MET B 639 -10.74 15.63 -41.74
CA MET B 639 -10.90 16.36 -40.48
C MET B 639 -10.28 17.74 -40.52
N PRO B 640 -9.02 17.91 -40.93
CA PRO B 640 -8.47 19.27 -41.04
C PRO B 640 -9.23 20.13 -42.03
N VAL B 641 -9.62 19.56 -43.17
CA VAL B 641 -10.33 20.36 -44.16
C VAL B 641 -11.62 20.90 -43.57
N PHE B 642 -12.37 20.05 -42.87
CA PHE B 642 -13.64 20.48 -42.32
C PHE B 642 -13.44 21.46 -41.18
N GLN B 643 -12.34 21.33 -40.43
CA GLN B 643 -12.01 22.39 -39.48
C GLN B 643 -11.79 23.72 -40.19
N GLY B 644 -11.00 23.69 -41.26
CA GLY B 644 -10.76 24.91 -42.02
C GLY B 644 -12.04 25.50 -42.56
N LEU B 645 -12.95 24.66 -43.04
CA LEU B 645 -14.20 25.16 -43.58
C LEU B 645 -15.05 25.75 -42.47
N ASN B 646 -15.28 24.98 -41.41
CA ASN B 646 -16.10 25.43 -40.30
C ASN B 646 -15.55 26.69 -39.65
N GLU B 647 -14.28 27.01 -39.89
CA GLU B 647 -13.71 28.22 -39.32
C GLU B 647 -13.52 29.35 -40.34
N LEU B 648 -13.51 29.06 -41.63
CA LEU B 648 -13.33 30.11 -42.62
C LEU B 648 -14.63 30.55 -43.29
N ILE B 649 -15.53 29.63 -43.63
CA ILE B 649 -16.75 30.02 -44.35
C ILE B 649 -17.65 30.87 -43.46
N PRO B 650 -17.72 30.64 -42.14
CA PRO B 650 -18.54 31.52 -41.30
C PRO B 650 -18.19 32.99 -41.42
N MET B 651 -16.99 33.33 -41.89
CA MET B 651 -16.60 34.74 -41.98
C MET B 651 -17.16 35.41 -43.24
N TYR B 652 -17.08 34.72 -44.38
CA TYR B 652 -17.71 35.28 -45.57
C TYR B 652 -19.24 35.24 -45.45
N LYS B 653 -19.77 34.26 -44.72
CA LYS B 653 -21.20 34.26 -44.44
C LYS B 653 -21.63 35.47 -43.63
N LEU B 654 -20.69 36.19 -43.01
CA LEU B 654 -20.96 37.48 -42.39
C LEU B 654 -20.67 38.66 -43.30
N MET B 655 -19.57 38.60 -44.06
CA MET B 655 -19.28 39.62 -45.05
C MET B 655 -20.46 39.84 -46.00
N GLU B 656 -21.23 38.78 -46.28
CA GLU B 656 -22.36 38.86 -47.19
C GLU B 656 -23.44 39.87 -46.76
N LYS B 657 -23.24 40.55 -45.63
CA LYS B 657 -24.26 41.45 -45.12
C LYS B 657 -23.67 42.82 -44.77
N ARG B 658 -22.70 43.27 -45.55
CA ARG B 658 -21.96 44.49 -45.26
C ARG B 658 -22.18 45.52 -46.37
N ASP B 659 -21.90 46.78 -46.03
CA ASP B 659 -21.93 47.84 -47.04
C ASP B 659 -20.72 47.76 -47.96
N MET B 660 -19.58 47.28 -47.45
CA MET B 660 -18.36 47.15 -48.22
C MET B 660 -18.18 45.68 -48.59
N ASN B 661 -18.22 45.40 -49.90
CA ASN B 661 -18.11 44.03 -50.41
C ASN B 661 -16.87 43.85 -51.29
N GLU B 662 -15.91 44.78 -51.22
CA GLU B 662 -14.73 44.69 -52.07
C GLU B 662 -13.80 43.57 -51.64
N VAL B 663 -13.77 43.24 -50.35
CA VAL B 663 -12.93 42.14 -49.87
C VAL B 663 -13.63 40.80 -49.93
N GLU B 664 -14.96 40.77 -50.01
CA GLU B 664 -15.69 39.51 -50.04
C GLU B 664 -15.31 38.67 -51.25
N THR B 665 -15.41 39.25 -52.44
CA THR B 665 -15.01 38.53 -53.65
C THR B 665 -13.59 38.00 -53.52
N GLN B 666 -12.67 38.85 -53.03
CA GLN B 666 -11.28 38.44 -52.93
C GLN B 666 -11.10 37.34 -51.89
N PHE B 667 -11.83 37.40 -50.77
CA PHE B 667 -11.72 36.37 -49.75
C PHE B 667 -12.21 35.02 -50.27
N LYS B 668 -13.33 35.01 -51.00
CA LYS B 668 -13.81 33.77 -51.57
C LYS B 668 -12.83 33.24 -52.61
N ALA B 669 -12.26 34.13 -53.42
CA ALA B 669 -11.24 33.71 -54.38
C ALA B 669 -10.08 33.05 -53.67
N PHE B 670 -9.69 33.59 -52.52
CA PHE B 670 -8.60 33.00 -51.74
C PHE B 670 -8.97 31.61 -51.23
N LEU B 671 -10.18 31.46 -50.70
CA LEU B 671 -10.60 30.15 -50.20
C LEU B 671 -10.56 29.10 -51.31
N ILE B 672 -11.06 29.45 -52.49
CA ILE B 672 -11.08 28.46 -53.56
C ILE B 672 -9.68 28.18 -54.07
N ARG B 673 -8.83 29.22 -54.15
CA ARG B 673 -7.43 29.00 -54.54
C ARG B 673 -6.73 28.11 -53.54
N LEU B 674 -7.18 28.13 -52.28
CA LEU B 674 -6.61 27.29 -51.24
C LEU B 674 -7.05 25.83 -51.39
N LEU B 675 -8.30 25.60 -51.78
CA LEU B 675 -8.83 24.24 -51.89
C LEU B 675 -8.80 23.67 -53.31
N ARG B 676 -8.21 24.41 -54.26
CA ARG B 676 -8.22 24.05 -55.67
C ARG B 676 -7.78 22.61 -55.91
N ASP B 677 -6.59 22.26 -55.42
CA ASP B 677 -6.00 20.97 -55.77
C ASP B 677 -6.90 19.82 -55.32
N LEU B 678 -7.31 19.84 -54.05
CA LEU B 678 -8.14 18.76 -53.52
C LEU B 678 -9.51 18.72 -54.19
N ILE B 679 -10.05 19.88 -54.57
CA ILE B 679 -11.29 19.86 -55.36
C ILE B 679 -11.04 19.09 -56.65
N ASP B 680 -10.07 19.54 -57.44
CA ASP B 680 -9.80 18.90 -58.73
C ASP B 680 -9.51 17.41 -58.58
N LYS B 681 -8.96 17.01 -57.43
CA LYS B 681 -8.78 15.57 -57.22
C LYS B 681 -10.11 14.87 -57.00
N GLN B 682 -11.09 15.57 -56.43
CA GLN B 682 -12.33 14.91 -56.02
C GLN B 682 -13.04 14.31 -57.22
N THR B 683 -13.29 13.00 -57.15
CA THR B 683 -14.07 12.29 -58.15
C THR B 683 -15.54 12.69 -58.04
N TRP B 684 -16.28 12.51 -59.15
CA TRP B 684 -17.71 12.82 -59.22
C TRP B 684 -18.56 11.58 -59.06
N THR B 685 -18.22 10.70 -58.12
CA THR B 685 -18.97 9.50 -57.84
C THR B 685 -19.33 9.39 -56.35
N ASP B 686 -19.77 8.21 -55.92
CA ASP B 686 -20.10 7.96 -54.51
C ASP B 686 -19.10 7.02 -53.86
N GLU B 687 -17.97 6.75 -54.50
CA GLU B 687 -16.98 5.81 -53.97
C GLU B 687 -16.49 6.27 -52.60
N GLY B 688 -15.82 5.37 -51.91
CA GLY B 688 -15.16 5.71 -50.66
C GLY B 688 -16.04 5.47 -49.45
N SER B 689 -15.63 6.05 -48.33
CA SER B 689 -16.33 5.94 -47.07
C SER B 689 -17.22 7.16 -46.85
N VAL B 690 -17.91 7.17 -45.71
CA VAL B 690 -18.82 8.28 -45.39
C VAL B 690 -18.04 9.59 -45.36
N SER B 691 -16.82 9.57 -44.84
CA SER B 691 -16.01 10.77 -44.75
C SER B 691 -15.66 11.29 -46.15
N GLU B 692 -15.17 10.39 -47.02
CA GLU B 692 -14.83 10.80 -48.37
C GLU B 692 -16.04 11.35 -49.11
N ARG B 693 -17.20 10.72 -48.93
CA ARG B 693 -18.40 11.19 -49.62
C ARG B 693 -18.84 12.56 -49.11
N MET B 694 -18.84 12.75 -47.78
CA MET B 694 -19.22 14.06 -47.26
C MET B 694 -18.26 15.15 -47.71
N LEU B 695 -16.96 14.84 -47.71
CA LEU B 695 -15.97 15.81 -48.18
C LEU B 695 -16.16 16.12 -49.66
N ARG B 696 -16.41 15.11 -50.48
CA ARG B 696 -16.69 15.35 -51.89
C ARG B 696 -17.93 16.22 -52.07
N SER B 697 -18.99 15.92 -51.32
CA SER B 697 -20.20 16.74 -51.38
C SER B 697 -19.88 18.19 -51.07
N GLU B 698 -19.24 18.44 -49.93
CA GLU B 698 -18.91 19.82 -49.55
C GLU B 698 -18.07 20.49 -50.61
N LEU B 699 -17.04 19.80 -51.11
CA LEU B 699 -16.11 20.42 -52.04
C LEU B 699 -16.80 20.76 -53.36
N LEU B 700 -17.53 19.82 -53.93
CA LEU B 700 -18.19 20.10 -55.20
C LEU B 700 -19.27 21.15 -55.04
N LEU B 701 -20.08 21.07 -53.98
CA LEU B 701 -21.13 22.06 -53.80
C LEU B 701 -20.54 23.45 -53.58
N LEU B 702 -19.44 23.53 -52.83
CA LEU B 702 -18.78 24.80 -52.61
C LEU B 702 -18.23 25.35 -53.93
N ALA B 703 -17.38 24.57 -54.59
CA ALA B 703 -16.76 25.01 -55.84
C ALA B 703 -17.82 25.46 -56.84
N CYS B 704 -18.98 24.79 -56.87
CA CYS B 704 -20.05 25.12 -57.82
CA CYS B 704 -19.99 25.16 -57.84
C CYS B 704 -20.88 26.31 -57.37
N VAL B 705 -20.91 26.60 -56.07
CA VAL B 705 -21.68 27.76 -55.63
C VAL B 705 -20.87 29.04 -55.78
N HIS B 706 -19.54 28.95 -55.74
CA HIS B 706 -18.66 30.10 -55.89
C HIS B 706 -18.20 30.33 -57.31
N ASN B 707 -18.71 29.56 -58.27
CA ASN B 707 -18.47 29.80 -59.69
C ASN B 707 -17.09 29.32 -60.13
N TYR B 708 -16.79 28.04 -59.86
CA TYR B 708 -15.58 27.41 -60.35
C TYR B 708 -15.84 26.85 -61.74
N GLN B 709 -15.09 27.34 -62.72
CA GLN B 709 -15.27 27.02 -64.13
C GLN B 709 -15.35 25.51 -64.37
N PRO B 710 -14.34 24.74 -63.96
CA PRO B 710 -14.39 23.29 -64.22
C PRO B 710 -15.61 22.61 -63.61
N CYS B 711 -15.83 22.80 -62.31
CA CYS B 711 -16.99 22.17 -61.69
CA CYS B 711 -17.00 22.21 -61.66
C CYS B 711 -18.29 22.69 -62.30
N VAL B 712 -18.37 23.98 -62.61
CA VAL B 712 -19.62 24.52 -63.13
C VAL B 712 -19.96 23.90 -64.48
N GLN B 713 -18.98 23.77 -65.38
CA GLN B 713 -19.31 23.19 -66.67
C GLN B 713 -19.49 21.68 -66.60
N ARG B 714 -18.80 21.03 -65.64
CA ARG B 714 -18.97 19.58 -65.38
C ARG B 714 -20.39 19.31 -64.89
N ALA B 715 -20.88 20.13 -63.96
CA ALA B 715 -22.23 20.03 -63.42
C ALA B 715 -23.27 20.45 -64.46
N GLU B 716 -22.95 21.43 -65.29
CA GLU B 716 -23.84 21.76 -66.39
C GLU B 716 -24.02 20.58 -67.33
N GLY B 717 -22.94 19.88 -67.64
CA GLY B 717 -23.07 18.68 -68.46
C GLY B 717 -23.95 17.63 -67.81
N TYR B 718 -23.72 17.37 -66.53
CA TYR B 718 -24.51 16.34 -65.84
C TYR B 718 -25.98 16.74 -65.75
N PHE B 719 -26.27 18.02 -65.53
CA PHE B 719 -27.66 18.47 -65.48
C PHE B 719 -28.29 18.47 -66.87
N ARG B 720 -27.51 18.85 -67.88
CA ARG B 720 -27.92 18.76 -69.28
C ARG B 720 -28.42 17.36 -69.60
N LYS B 721 -27.63 16.35 -69.22
CA LYS B 721 -28.02 14.97 -69.52
C LYS B 721 -29.12 14.46 -68.59
N TRP B 722 -29.22 15.01 -67.37
CA TRP B 722 -30.27 14.58 -66.45
C TRP B 722 -31.64 15.08 -66.88
N LYS B 723 -31.70 16.30 -67.41
CA LYS B 723 -32.98 16.86 -67.83
C LYS B 723 -33.58 16.03 -68.97
N GLU B 724 -32.73 15.52 -69.87
CA GLU B 724 -33.22 14.85 -71.07
C GLU B 724 -34.22 13.75 -70.73
N SER B 725 -33.86 12.84 -69.83
CA SER B 725 -34.78 11.82 -69.40
C SER B 725 -35.70 12.30 -68.27
N ASN B 726 -35.57 13.56 -67.82
CA ASN B 726 -36.32 14.04 -66.67
C ASN B 726 -35.95 13.29 -65.38
N GLY B 727 -37.01 12.87 -64.70
CA GLY B 727 -36.91 12.10 -63.47
C GLY B 727 -36.20 10.79 -63.65
N ASN B 728 -36.40 10.12 -64.79
CA ASN B 728 -35.83 8.79 -65.00
C ASN B 728 -34.31 8.79 -64.83
N LEU B 729 -33.64 9.84 -65.32
CA LEU B 729 -32.19 9.91 -65.22
C LEU B 729 -31.76 9.92 -63.76
N SER B 730 -30.74 9.12 -63.44
CA SER B 730 -30.22 9.00 -62.08
C SER B 730 -28.76 9.44 -62.05
N LEU B 731 -28.46 10.38 -61.16
CA LEU B 731 -27.12 10.90 -60.97
C LEU B 731 -26.56 10.40 -59.65
N PRO B 732 -25.23 10.38 -59.49
CA PRO B 732 -24.67 10.06 -58.18
C PRO B 732 -25.12 11.09 -57.15
N VAL B 733 -25.23 10.63 -55.90
CA VAL B 733 -25.86 11.46 -54.88
C VAL B 733 -24.93 12.58 -54.44
N ASP B 734 -23.65 12.26 -54.24
CA ASP B 734 -22.73 13.26 -53.70
C ASP B 734 -22.58 14.47 -54.60
N VAL B 735 -22.98 14.38 -55.86
CA VAL B 735 -22.82 15.50 -56.80
C VAL B 735 -24.13 16.18 -57.13
N THR B 736 -25.28 15.62 -56.71
CA THR B 736 -26.56 16.24 -57.01
C THR B 736 -26.68 17.59 -56.34
N LEU B 737 -26.17 17.72 -55.11
CA LEU B 737 -26.21 19.01 -54.45
C LEU B 737 -25.48 20.08 -55.24
N ALA B 738 -24.55 19.69 -56.10
CA ALA B 738 -23.81 20.66 -56.91
C ALA B 738 -24.47 20.91 -58.25
N VAL B 739 -24.91 19.84 -58.92
CA VAL B 739 -25.56 20.01 -60.23
C VAL B 739 -26.87 20.75 -60.08
N PHE B 740 -27.53 20.61 -58.93
CA PHE B 740 -28.76 21.35 -58.69
C PHE B 740 -28.47 22.82 -58.41
N ALA B 741 -27.44 23.12 -57.62
CA ALA B 741 -27.03 24.50 -57.45
C ALA B 741 -26.73 25.14 -58.80
N VAL B 742 -26.02 24.44 -59.68
CA VAL B 742 -25.69 25.00 -60.98
C VAL B 742 -26.89 25.01 -61.93
N GLY B 743 -27.92 24.23 -61.64
CA GLY B 743 -29.08 24.21 -62.50
C GLY B 743 -29.93 25.47 -62.39
N ALA B 744 -30.07 26.00 -61.18
CA ALA B 744 -30.90 27.18 -60.95
C ALA B 744 -30.31 28.47 -61.53
N GLN B 745 -29.16 28.40 -62.20
CA GLN B 745 -28.53 29.59 -62.77
C GLN B 745 -29.20 30.08 -64.04
N SER B 746 -30.23 29.38 -64.51
CA SER B 746 -30.99 29.77 -65.69
C SER B 746 -32.48 29.74 -65.37
N THR B 747 -33.25 30.57 -66.06
CA THR B 747 -34.67 30.69 -65.78
C THR B 747 -35.44 29.42 -66.11
N GLU B 748 -34.86 28.52 -66.92
CA GLU B 748 -35.56 27.32 -67.37
C GLU B 748 -35.23 26.08 -66.53
N GLY B 749 -33.96 25.85 -66.24
CA GLY B 749 -33.61 24.75 -65.35
C GLY B 749 -34.17 24.92 -63.96
N TRP B 750 -34.22 26.17 -63.48
CA TRP B 750 -34.90 26.46 -62.23
C TRP B 750 -36.38 26.13 -62.32
N ASP B 751 -37.00 26.41 -63.46
CA ASP B 751 -38.40 26.05 -63.65
C ASP B 751 -38.58 24.53 -63.59
N PHE B 752 -37.67 23.79 -64.22
CA PHE B 752 -37.72 22.33 -64.10
C PHE B 752 -37.64 21.91 -62.63
N LEU B 753 -36.64 22.41 -61.90
CA LEU B 753 -36.59 22.17 -60.47
C LEU B 753 -37.96 22.38 -59.84
N TYR B 754 -38.61 23.50 -60.18
CA TYR B 754 -39.94 23.78 -59.64
C TYR B 754 -40.92 22.67 -59.97
N SER B 755 -40.96 22.24 -61.22
CA SER B 755 -41.86 21.16 -61.63
C SER B 755 -41.63 19.92 -60.79
N LYS B 756 -40.44 19.34 -60.88
CA LYS B 756 -40.08 18.21 -60.03
C LYS B 756 -39.85 18.62 -58.59
N TYR B 757 -39.89 19.92 -58.27
CA TYR B 757 -39.78 20.37 -56.89
C TYR B 757 -40.64 19.51 -55.99
N GLN B 758 -41.91 19.33 -56.36
CA GLN B 758 -42.78 18.34 -55.75
C GLN B 758 -42.64 18.26 -54.24
N PHE B 759 -42.66 17.04 -53.73
CA PHE B 759 -42.70 16.73 -52.31
C PHE B 759 -41.53 15.81 -51.96
N SER B 760 -40.35 16.14 -52.49
CA SER B 760 -39.22 15.23 -52.49
C SER B 760 -39.05 14.55 -51.13
N LEU B 761 -38.83 13.24 -51.17
CA LEU B 761 -38.46 12.45 -50.01
C LEU B 761 -37.01 12.02 -50.09
N SER B 762 -36.83 10.74 -49.87
CA SER B 762 -35.51 10.17 -49.81
C SER B 762 -34.58 11.09 -49.05
N SER B 763 -35.02 11.63 -47.90
CA SER B 763 -34.24 12.56 -47.09
C SER B 763 -33.55 13.65 -47.90
N THR B 764 -32.33 13.37 -48.36
CA THR B 764 -31.50 14.41 -49.02
C THR B 764 -32.27 15.01 -50.19
N GLU B 765 -32.96 14.17 -50.95
CA GLU B 765 -33.73 14.67 -52.09
C GLU B 765 -34.67 15.79 -51.65
N LYS B 766 -35.45 15.54 -50.60
CA LYS B 766 -36.28 16.60 -50.03
C LYS B 766 -35.49 17.89 -49.87
N SER B 767 -34.32 17.81 -49.22
CA SER B 767 -33.45 18.98 -49.10
C SER B 767 -32.79 19.31 -50.44
N GLN B 768 -32.36 18.29 -51.19
CA GLN B 768 -31.49 18.55 -52.38
C GLN B 768 -32.16 19.53 -53.35
N ILE B 769 -33.42 19.31 -53.70
CA ILE B 769 -34.15 20.30 -54.48
C ILE B 769 -34.29 21.60 -53.68
N GLU B 770 -34.90 21.52 -52.49
CA GLU B 770 -35.13 22.69 -51.66
C GLU B 770 -33.92 23.60 -51.67
N PHE B 771 -32.82 23.13 -51.07
CA PHE B 771 -31.58 23.91 -51.03
C PHE B 771 -31.27 24.50 -52.40
N ALA B 772 -31.12 23.64 -53.42
CA ALA B 772 -30.75 24.13 -54.74
C ALA B 772 -31.69 25.25 -55.19
N LEU B 773 -33.00 25.09 -54.95
CA LEU B 773 -33.96 26.07 -55.43
C LEU B 773 -33.64 27.46 -54.89
N CYS B 774 -33.21 27.54 -53.62
CA CYS B 774 -32.94 28.83 -53.01
C CYS B 774 -31.60 29.41 -53.43
N ARG B 775 -30.77 28.66 -54.15
CA ARG B 775 -29.44 29.10 -54.55
C ARG B 775 -29.43 29.92 -55.83
N THR B 776 -30.59 30.19 -56.42
CA THR B 776 -30.64 30.96 -57.66
C THR B 776 -30.22 32.41 -57.41
N GLN B 777 -29.58 33.00 -58.41
CA GLN B 777 -29.07 34.36 -58.32
C GLN B 777 -30.10 35.41 -58.74
N ASN B 778 -31.32 35.01 -59.04
CA ASN B 778 -32.39 35.94 -59.43
C ASN B 778 -33.28 36.22 -58.22
N LYS B 779 -33.47 37.50 -57.92
CA LYS B 779 -34.23 37.87 -56.73
C LYS B 779 -35.72 37.59 -56.89
N GLU B 780 -36.26 37.83 -58.09
CA GLU B 780 -37.68 37.58 -58.31
C GLU B 780 -38.01 36.10 -58.15
N LYS B 781 -37.14 35.22 -58.66
CA LYS B 781 -37.32 33.78 -58.45
C LYS B 781 -37.41 33.46 -56.96
N LEU B 782 -36.50 34.03 -56.17
CA LEU B 782 -36.48 33.76 -54.74
C LEU B 782 -37.72 34.31 -54.06
N GLN B 783 -38.21 35.46 -54.50
CA GLN B 783 -39.44 36.02 -53.92
C GLN B 783 -40.64 35.12 -54.21
N TRP B 784 -40.74 34.63 -55.44
CA TRP B 784 -41.83 33.73 -55.80
C TRP B 784 -41.77 32.45 -54.98
N LEU B 785 -40.56 31.88 -54.82
CA LEU B 785 -40.40 30.70 -53.98
C LEU B 785 -40.79 30.98 -52.54
N LEU B 786 -40.45 32.17 -52.03
CA LEU B 786 -40.85 32.53 -50.68
C LEU B 786 -42.36 32.53 -50.54
N ASP B 787 -43.06 33.14 -51.50
CA ASP B 787 -44.51 33.22 -51.42
C ASP B 787 -45.15 31.83 -51.46
N GLU B 788 -44.65 30.97 -52.35
CA GLU B 788 -45.18 29.60 -52.39
C GLU B 788 -44.85 28.83 -51.11
N SER B 789 -43.68 29.08 -50.52
CA SER B 789 -43.37 28.48 -49.23
C SER B 789 -44.36 28.92 -48.17
N PHE B 790 -44.69 30.21 -48.14
CA PHE B 790 -45.74 30.70 -47.26
C PHE B 790 -47.02 29.91 -47.47
N LYS B 791 -47.46 29.81 -48.72
CA LYS B 791 -48.67 29.05 -49.00
C LYS B 791 -48.57 27.62 -48.49
N GLY B 792 -47.35 27.04 -48.51
CA GLY B 792 -47.19 25.64 -48.14
C GLY B 792 -47.07 25.40 -46.65
N ASP B 793 -46.46 26.34 -45.92
CA ASP B 793 -46.34 26.22 -44.48
C ASP B 793 -47.61 26.71 -43.78
N ILE B 803 -37.44 26.84 -43.01
CA ILE B 803 -36.93 26.33 -44.29
C ILE B 803 -36.56 27.52 -45.15
N LEU B 804 -36.92 28.71 -44.68
CA LEU B 804 -36.51 29.96 -45.30
C LEU B 804 -35.05 30.30 -45.01
N THR B 805 -34.43 29.60 -44.07
CA THR B 805 -33.04 29.87 -43.75
C THR B 805 -32.15 29.78 -44.98
N LEU B 806 -32.46 28.88 -45.91
CA LEU B 806 -31.65 28.73 -47.11
C LEU B 806 -31.66 30.01 -47.93
N ILE B 807 -32.84 30.55 -48.21
CA ILE B 807 -32.91 31.80 -48.97
C ILE B 807 -32.26 32.93 -48.17
N GLY B 808 -32.40 32.91 -46.85
CA GLY B 808 -31.73 33.91 -46.03
C GLY B 808 -30.22 33.90 -46.21
N ARG B 809 -29.62 32.71 -46.23
CA ARG B 809 -28.17 32.62 -46.38
C ARG B 809 -27.71 33.11 -47.74
N ASN B 810 -28.57 33.03 -48.75
CA ASN B 810 -28.19 33.41 -50.10
C ASN B 810 -27.72 34.86 -50.12
N PRO B 811 -26.65 35.18 -50.83
CA PRO B 811 -26.20 36.58 -50.87
C PRO B 811 -27.15 37.48 -51.65
N VAL B 812 -27.89 36.94 -52.62
CA VAL B 812 -28.78 37.78 -53.41
C VAL B 812 -30.13 37.99 -52.76
N GLY B 813 -30.39 37.36 -51.62
CA GLY B 813 -31.70 37.47 -51.01
C GLY B 813 -31.76 37.42 -49.50
N TYR B 814 -30.68 37.78 -48.82
CA TYR B 814 -30.74 37.84 -47.36
C TYR B 814 -31.67 38.94 -46.87
N PRO B 815 -31.61 40.17 -47.40
CA PRO B 815 -32.54 41.21 -46.91
C PRO B 815 -33.96 40.97 -47.38
N LEU B 816 -34.08 40.41 -48.59
CA LEU B 816 -35.41 40.06 -49.14
C LEU B 816 -35.99 38.98 -48.22
N ALA B 817 -35.15 38.03 -47.79
CA ALA B 817 -35.59 36.97 -46.89
C ALA B 817 -36.05 37.51 -45.55
N TRP B 818 -35.32 38.49 -44.99
CA TRP B 818 -35.68 38.95 -43.66
C TRP B 818 -36.92 39.84 -43.69
N GLN B 819 -37.08 40.67 -44.73
CA GLN B 819 -38.30 41.47 -44.82
C GLN B 819 -39.52 40.58 -45.02
N PHE B 820 -39.38 39.57 -45.89
CA PHE B 820 -40.39 38.52 -46.01
C PHE B 820 -40.67 37.88 -44.66
N LEU B 821 -39.62 37.69 -43.85
CA LEU B 821 -39.78 37.07 -42.53
C LEU B 821 -40.56 37.96 -41.57
N ARG B 822 -40.35 39.27 -41.67
CA ARG B 822 -41.11 40.22 -40.86
C ARG B 822 -42.59 40.19 -41.22
N LYS B 823 -42.90 40.27 -42.53
CA LYS B 823 -44.27 40.11 -42.97
C LYS B 823 -44.87 38.79 -42.49
N ASN B 824 -44.09 37.71 -42.58
CA ASN B 824 -44.44 36.40 -42.06
C ASN B 824 -44.89 36.47 -40.61
N TRP B 825 -43.94 36.82 -39.74
CA TRP B 825 -44.23 36.93 -38.31
C TRP B 825 -45.50 37.74 -38.08
N ASN B 826 -45.70 38.81 -38.85
CA ASN B 826 -46.95 39.55 -38.75
C ASN B 826 -48.14 38.66 -39.06
N LYS B 827 -48.06 37.89 -40.15
CA LYS B 827 -49.18 37.02 -40.55
C LYS B 827 -49.24 35.73 -39.75
N LEU B 828 -48.10 35.22 -39.28
CA LEU B 828 -48.03 33.99 -38.49
C LEU B 828 -47.82 34.25 -37.01
N VAL B 829 -48.38 35.34 -36.48
CA VAL B 829 -48.37 35.55 -35.03
C VAL B 829 -49.00 34.36 -34.32
N GLN B 830 -50.17 33.92 -34.81
CA GLN B 830 -50.83 32.74 -34.29
C GLN B 830 -50.97 31.62 -35.31
N LYS B 831 -50.74 31.88 -36.60
CA LYS B 831 -50.84 30.84 -37.61
C LYS B 831 -49.74 29.80 -37.44
N PHE B 832 -48.53 30.24 -37.08
CA PHE B 832 -47.42 29.31 -36.91
C PHE B 832 -47.63 28.41 -35.70
N GLU B 833 -47.80 29.01 -34.52
CA GLU B 833 -47.90 28.27 -33.26
C GLU B 833 -46.70 27.33 -33.12
N LEU B 834 -45.52 27.94 -33.20
CA LEU B 834 -44.29 27.15 -33.31
C LEU B 834 -43.90 26.52 -31.98
N GLY B 835 -43.98 27.26 -30.88
CA GLY B 835 -43.55 26.78 -29.59
C GLY B 835 -42.08 27.08 -29.33
N SER B 836 -41.68 26.89 -28.07
CA SER B 836 -40.33 27.27 -27.64
C SER B 836 -39.26 26.58 -28.49
N SER B 837 -39.25 25.24 -28.49
CA SER B 837 -38.17 24.49 -29.14
C SER B 837 -38.11 24.79 -30.65
N SER B 838 -39.22 25.18 -31.25
CA SER B 838 -39.28 25.46 -32.69
C SER B 838 -39.12 26.95 -33.01
N ILE B 839 -39.69 27.83 -32.19
CA ILE B 839 -39.48 29.26 -32.38
C ILE B 839 -38.01 29.60 -32.22
N ALA B 840 -37.33 28.93 -31.28
CA ALA B 840 -35.94 29.25 -30.97
C ALA B 840 -35.05 29.12 -32.21
N HIS B 841 -35.09 27.95 -32.84
CA HIS B 841 -34.16 27.69 -33.95
C HIS B 841 -34.40 28.65 -35.11
N MET B 842 -35.66 28.88 -35.47
CA MET B 842 -35.92 29.77 -36.60
C MET B 842 -35.50 31.20 -36.29
N VAL B 843 -35.81 31.69 -35.09
CA VAL B 843 -35.37 33.04 -34.70
C VAL B 843 -33.86 33.14 -34.80
N MET B 844 -33.14 32.14 -34.29
CA MET B 844 -31.69 32.18 -34.29
C MET B 844 -31.12 32.12 -35.71
N GLY B 845 -31.70 31.27 -36.56
CA GLY B 845 -31.14 31.08 -37.89
C GLY B 845 -31.42 32.22 -38.83
N THR B 846 -32.58 32.88 -38.71
CA THR B 846 -32.88 33.98 -39.60
C THR B 846 -31.93 35.15 -39.40
N THR B 847 -31.53 35.40 -38.15
CA THR B 847 -30.85 36.64 -37.77
C THR B 847 -29.40 36.44 -37.36
N ASN B 848 -28.90 35.20 -37.36
CA ASN B 848 -27.56 34.96 -36.81
C ASN B 848 -26.49 35.77 -37.54
N GLN B 849 -26.46 35.67 -38.87
CA GLN B 849 -25.41 36.30 -39.68
C GLN B 849 -25.82 37.73 -40.03
N PHE B 850 -25.47 38.67 -39.14
CA PHE B 850 -25.75 40.08 -39.34
C PHE B 850 -24.57 40.88 -38.81
N SER B 851 -23.91 41.63 -39.70
CA SER B 851 -22.62 42.25 -39.40
C SER B 851 -22.65 43.76 -39.37
N THR B 852 -23.80 44.39 -39.59
CA THR B 852 -23.93 45.85 -39.60
C THR B 852 -24.62 46.32 -38.33
N ARG B 853 -23.99 47.26 -37.62
CA ARG B 853 -24.65 47.89 -36.49
C ARG B 853 -26.03 48.42 -36.90
N THR B 854 -26.12 48.95 -38.12
CA THR B 854 -27.40 49.45 -38.63
C THR B 854 -28.47 48.36 -38.61
N ARG B 855 -28.12 47.16 -39.08
CA ARG B 855 -29.07 46.05 -39.01
C ARG B 855 -29.25 45.53 -37.59
N LEU B 856 -28.19 45.63 -36.78
CA LEU B 856 -28.27 45.27 -35.37
C LEU B 856 -29.40 46.00 -34.67
N GLU B 857 -29.50 47.31 -34.92
CA GLU B 857 -30.51 48.11 -34.24
C GLU B 857 -31.92 47.72 -34.69
N GLU B 858 -32.10 47.39 -35.97
CA GLU B 858 -33.39 46.89 -36.44
C GLU B 858 -33.78 45.59 -35.76
N VAL B 859 -32.81 44.66 -35.64
CA VAL B 859 -33.06 43.41 -34.92
C VAL B 859 -33.53 43.71 -33.49
N LYS B 860 -32.83 44.64 -32.82
CA LYS B 860 -33.21 45.03 -31.47
C LYS B 860 -34.66 45.50 -31.42
N GLY B 861 -35.04 46.39 -32.34
CA GLY B 861 -36.41 46.91 -32.33
C GLY B 861 -37.45 45.81 -32.48
N PHE B 862 -37.27 44.95 -33.49
CA PHE B 862 -38.21 43.86 -33.72
C PHE B 862 -38.36 42.99 -32.47
N PHE B 863 -37.22 42.51 -31.93
CA PHE B 863 -37.27 41.61 -30.78
C PHE B 863 -37.91 42.28 -29.57
N SER B 864 -37.62 43.57 -29.35
CA SER B 864 -38.15 44.25 -28.18
C SER B 864 -39.67 44.41 -28.27
N SER B 865 -40.18 44.81 -29.45
CA SER B 865 -41.63 44.90 -29.61
C SER B 865 -42.28 43.54 -29.34
N LEU B 866 -41.74 42.49 -29.96
CA LEU B 866 -42.28 41.15 -29.74
C LEU B 866 -42.33 40.81 -28.26
N LYS B 867 -41.20 41.01 -27.56
CA LYS B 867 -41.15 40.68 -26.13
C LYS B 867 -42.20 41.45 -25.35
N GLU B 868 -42.24 42.78 -25.51
CA GLU B 868 -43.14 43.59 -24.71
C GLU B 868 -44.61 43.30 -25.00
N ASN B 869 -44.92 42.74 -26.18
CA ASN B 869 -46.33 42.46 -26.48
C ASN B 869 -46.93 41.38 -25.58
N GLY B 870 -46.12 40.41 -25.13
CA GLY B 870 -46.67 39.31 -24.36
C GLY B 870 -45.85 38.90 -23.15
N SER B 871 -44.54 39.04 -23.24
CA SER B 871 -43.64 38.67 -22.14
C SER B 871 -42.19 38.82 -22.57
N GLN B 872 -41.58 37.73 -23.04
CA GLN B 872 -40.21 37.77 -23.55
C GLN B 872 -39.83 36.40 -24.11
N LEU B 873 -39.39 36.37 -25.36
CA LEU B 873 -38.99 35.11 -25.98
C LEU B 873 -37.91 34.43 -25.15
N ARG B 874 -37.95 33.10 -25.10
CA ARG B 874 -37.03 32.36 -24.26
C ARG B 874 -35.58 32.62 -24.66
N CYS B 875 -35.29 32.54 -25.97
CA CYS B 875 -33.92 32.62 -26.47
C CYS B 875 -33.65 33.92 -27.23
N VAL B 876 -34.50 34.93 -27.06
CA VAL B 876 -34.22 36.22 -27.67
C VAL B 876 -32.92 36.81 -27.13
N GLN B 877 -32.68 36.62 -25.82
CA GLN B 877 -31.44 37.08 -25.21
C GLN B 877 -30.23 36.44 -25.87
N GLN B 878 -30.27 35.12 -26.09
CA GLN B 878 -29.16 34.45 -26.75
C GLN B 878 -28.91 35.01 -28.15
N THR B 879 -29.99 35.24 -28.91
CA THR B 879 -29.85 35.78 -30.26
C THR B 879 -29.16 37.14 -30.24
N ILE B 880 -29.63 38.04 -29.38
CA ILE B 880 -29.05 39.38 -29.34
C ILE B 880 -27.59 39.30 -28.91
N GLU B 881 -27.27 38.43 -27.94
CA GLU B 881 -25.89 38.31 -27.49
C GLU B 881 -24.99 37.84 -28.62
N THR B 882 -25.45 36.87 -29.41
CA THR B 882 -24.59 36.38 -30.50
C THR B 882 -24.40 37.46 -31.56
N ILE B 883 -25.44 38.22 -31.88
CA ILE B 883 -25.25 39.28 -32.88
C ILE B 883 -24.30 40.35 -32.35
N GLU B 884 -24.35 40.61 -31.05
CA GLU B 884 -23.43 41.55 -30.42
C GLU B 884 -21.99 41.08 -30.56
N GLU B 885 -21.74 39.81 -30.22
CA GLU B 885 -20.38 39.27 -30.37
C GLU B 885 -19.95 39.25 -31.84
N ASN B 886 -20.91 39.13 -32.76
CA ASN B 886 -20.60 39.28 -34.17
C ASN B 886 -20.04 40.67 -34.46
N ILE B 887 -20.75 41.71 -34.05
CA ILE B 887 -20.28 43.06 -34.33
C ILE B 887 -18.94 43.29 -33.66
N GLY B 888 -18.72 42.69 -32.50
CA GLY B 888 -17.41 42.79 -31.86
C GLY B 888 -16.30 42.22 -32.72
N TRP B 889 -16.44 40.95 -33.09
CA TRP B 889 -15.48 40.31 -33.98
C TRP B 889 -15.23 41.15 -35.23
N MET B 890 -16.30 41.72 -35.79
CA MET B 890 -16.18 42.52 -37.00
C MET B 890 -15.32 43.75 -36.76
N ASP B 891 -15.78 44.64 -35.88
CA ASP B 891 -15.03 45.84 -35.58
C ASP B 891 -13.63 45.55 -35.06
N LYS B 892 -13.31 44.29 -34.75
CA LYS B 892 -11.95 43.95 -34.35
C LYS B 892 -11.09 43.38 -35.47
N ASN B 893 -11.69 42.76 -36.50
CA ASN B 893 -10.89 42.06 -37.51
C ASN B 893 -11.12 42.47 -38.96
N PHE B 894 -12.08 43.36 -39.24
CA PHE B 894 -12.37 43.74 -40.63
C PHE B 894 -11.12 44.24 -41.34
N ASP B 895 -10.56 45.37 -40.86
CA ASP B 895 -9.39 45.95 -41.50
C ASP B 895 -8.22 44.98 -41.52
N LYS B 896 -8.02 44.23 -40.42
CA LYS B 896 -6.93 43.27 -40.36
C LYS B 896 -7.02 42.29 -41.51
N ILE B 897 -8.24 41.80 -41.79
CA ILE B 897 -8.41 40.83 -42.87
C ILE B 897 -8.21 41.50 -44.22
N ARG B 898 -8.71 42.73 -44.36
CA ARG B 898 -8.51 43.44 -45.62
C ARG B 898 -7.03 43.53 -45.97
N VAL B 899 -6.20 43.92 -44.99
CA VAL B 899 -4.78 44.11 -45.26
C VAL B 899 -4.06 42.77 -45.41
N TRP B 900 -4.46 41.77 -44.63
CA TRP B 900 -3.87 40.44 -44.75
C TRP B 900 -4.07 39.90 -46.17
N LEU B 901 -5.29 40.00 -46.70
CA LEU B 901 -5.53 39.54 -48.07
C LEU B 901 -4.60 40.23 -49.06
N GLN B 902 -4.14 41.44 -48.75
CA GLN B 902 -3.28 42.17 -49.67
C GLN B 902 -1.84 41.69 -49.58
N SER B 903 -1.23 41.83 -48.40
CA SER B 903 0.22 41.63 -48.31
C SER B 903 0.61 40.17 -48.54
N GLU B 904 -0.18 39.23 -48.04
CA GLU B 904 0.20 37.82 -48.11
C GLU B 904 0.01 37.25 -49.51
N LYS B 905 -0.95 37.77 -50.27
CA LYS B 905 -1.20 37.30 -51.63
C LYS B 905 0.05 37.46 -52.51
N SER C 10 -2.17 -8.51 59.42
CA SER C 10 -3.06 -7.45 59.00
C SER C 10 -2.87 -6.20 59.87
N ASP C 11 -1.68 -5.60 59.79
CA ASP C 11 -1.39 -4.39 60.55
C ASP C 11 0.03 -3.89 60.24
N GLY C 12 0.22 -2.57 60.23
CA GLY C 12 1.53 -1.99 60.01
C GLY C 12 1.56 -1.12 58.76
N THR C 13 2.72 -1.10 58.11
CA THR C 13 2.92 -0.26 56.93
C THR C 13 2.14 -0.81 55.74
N PRO C 14 1.73 0.05 54.81
CA PRO C 14 0.91 -0.40 53.68
C PRO C 14 1.75 -1.03 52.57
N PHE C 15 1.06 -1.72 51.67
CA PHE C 15 1.69 -2.35 50.52
C PHE C 15 1.73 -1.37 49.36
N PRO C 16 2.90 -1.03 48.81
CA PRO C 16 2.96 -0.02 47.74
C PRO C 16 2.00 -0.27 46.59
N TRP C 17 1.96 -1.48 46.04
CA TRP C 17 1.16 -1.78 44.85
C TRP C 17 -0.22 -2.27 45.24
N ASN C 18 -1.26 -1.74 44.58
CA ASN C 18 -2.62 -2.25 44.77
C ASN C 18 -3.31 -2.46 43.42
N LYS C 19 -2.68 -3.28 42.59
CA LYS C 19 -3.28 -3.73 41.34
C LYS C 19 -2.90 -5.19 41.14
N ILE C 20 -3.70 -5.88 40.33
CA ILE C 20 -3.48 -7.32 40.14
C ILE C 20 -2.28 -7.57 39.22
N ARG C 21 -2.12 -6.76 38.17
CA ARG C 21 -0.97 -6.90 37.28
C ARG C 21 0.24 -6.21 37.89
N LEU C 22 1.41 -6.80 37.68
CA LEU C 22 2.64 -6.20 38.15
C LEU C 22 2.83 -4.83 37.49
N PRO C 23 3.61 -3.95 38.12
CA PRO C 23 3.96 -2.71 37.45
C PRO C 23 4.88 -2.96 36.27
N GLU C 24 4.71 -2.14 35.23
CA GLU C 24 5.43 -2.30 33.98
C GLU C 24 6.81 -1.65 33.98
N TYR C 25 7.11 -0.75 34.95
CA TYR C 25 8.36 -0.01 34.95
C TYR C 25 9.54 -0.82 35.58
N VAL C 26 9.38 -2.12 35.74
CA VAL C 26 10.50 -2.96 36.15
C VAL C 26 10.46 -4.30 35.42
N ILE C 27 11.50 -4.61 34.66
CA ILE C 27 11.47 -5.85 33.89
C ILE C 27 12.65 -6.74 34.24
N PRO C 28 12.44 -8.06 34.30
CA PRO C 28 13.53 -8.99 34.52
C PRO C 28 14.17 -9.39 33.20
N VAL C 29 15.46 -9.69 33.27
CA VAL C 29 16.23 -10.09 32.12
C VAL C 29 16.66 -11.55 32.19
N HIS C 30 17.08 -11.99 33.37
CA HIS C 30 17.67 -13.32 33.54
C HIS C 30 17.41 -13.80 34.96
N TYR C 31 16.97 -15.05 35.11
CA TYR C 31 16.81 -15.68 36.42
C TYR C 31 17.92 -16.70 36.64
N ASP C 32 18.44 -16.76 37.87
CA ASP C 32 19.42 -17.77 38.24
C ASP C 32 18.83 -18.55 39.40
N LEU C 33 18.03 -19.56 39.08
CA LEU C 33 17.30 -20.29 40.11
C LEU C 33 18.14 -21.42 40.67
N LEU C 34 18.08 -21.58 42.00
CA LEU C 34 18.67 -22.70 42.70
C LEU C 34 17.60 -23.30 43.60
N ILE C 35 17.29 -24.59 43.39
CA ILE C 35 16.25 -25.26 44.16
C ILE C 35 16.84 -26.51 44.79
N HIS C 36 16.61 -26.69 46.09
CA HIS C 36 17.09 -27.83 46.84
C HIS C 36 15.89 -28.35 47.64
N ALA C 37 15.25 -29.39 47.15
CA ALA C 37 14.08 -29.96 47.80
C ALA C 37 14.45 -31.29 48.44
N ASN C 38 13.91 -31.53 49.63
CA ASN C 38 14.02 -32.80 50.31
C ASN C 38 12.70 -33.54 50.14
N LEU C 39 12.74 -34.67 49.42
CA LEU C 39 11.54 -35.44 49.12
C LEU C 39 11.07 -36.30 50.30
N THR C 40 11.99 -36.70 51.19
CA THR C 40 11.59 -37.43 52.39
C THR C 40 11.11 -36.50 53.50
N THR C 41 11.51 -35.23 53.48
CA THR C 41 10.94 -34.24 54.39
C THR C 41 9.75 -33.49 53.77
N LEU C 42 9.64 -33.48 52.43
CA LEU C 42 8.60 -32.74 51.72
C LEU C 42 8.84 -31.23 51.76
N THR C 43 10.09 -30.80 51.88
CA THR C 43 10.37 -29.39 52.11
C THR C 43 11.55 -28.94 51.27
N PHE C 44 11.38 -27.86 50.52
CA PHE C 44 12.46 -27.36 49.69
C PHE C 44 12.84 -25.95 50.11
N TRP C 45 14.02 -25.53 49.71
CA TRP C 45 14.41 -24.14 49.88
C TRP C 45 15.19 -23.70 48.65
N GLY C 46 15.16 -22.40 48.38
CA GLY C 46 15.76 -21.89 47.17
C GLY C 46 16.40 -20.54 47.35
N THR C 47 17.25 -20.21 46.39
CA THR C 47 17.91 -18.89 46.31
C THR C 47 17.82 -18.44 44.86
N THR C 48 16.90 -17.51 44.57
CA THR C 48 16.77 -17.00 43.20
C THR C 48 17.47 -15.65 43.10
N LYS C 49 17.93 -15.32 41.90
CA LYS C 49 18.66 -14.07 41.66
C LYS C 49 18.18 -13.53 40.32
N VAL C 50 17.32 -12.52 40.37
CA VAL C 50 16.72 -11.96 39.18
C VAL C 50 17.49 -10.69 38.80
N GLU C 51 17.88 -10.60 37.53
CA GLU C 51 18.56 -9.41 37.05
C GLU C 51 17.53 -8.47 36.46
N ILE C 52 17.62 -7.21 36.83
CA ILE C 52 16.49 -6.29 36.74
C ILE C 52 16.92 -5.02 36.03
N THR C 53 15.95 -4.38 35.38
CA THR C 53 16.08 -3.02 34.90
C THR C 53 14.81 -2.27 35.28
N ALA C 54 14.93 -0.96 35.47
CA ALA C 54 13.75 -0.14 35.71
C ALA C 54 13.64 0.93 34.63
N SER C 55 12.45 1.06 34.04
CA SER C 55 12.23 2.07 33.01
C SER C 55 11.93 3.46 33.57
N GLN C 56 11.70 3.57 34.88
CA GLN C 56 11.53 4.84 35.55
C GLN C 56 11.96 4.67 37.00
N PRO C 57 12.52 5.71 37.62
CA PRO C 57 13.10 5.55 38.96
C PRO C 57 12.03 5.15 39.96
N THR C 58 12.36 4.13 40.77
CA THR C 58 11.45 3.64 41.79
C THR C 58 12.27 3.12 42.96
N SER C 59 11.67 3.13 44.14
CA SER C 59 12.32 2.58 45.31
C SER C 59 11.82 1.19 45.64
N THR C 60 10.64 0.82 45.16
CA THR C 60 10.00 -0.44 45.50
C THR C 60 9.90 -1.32 44.27
N ILE C 61 10.14 -2.62 44.47
CA ILE C 61 10.03 -3.61 43.42
C ILE C 61 8.93 -4.60 43.81
N ILE C 62 7.97 -4.82 42.92
CA ILE C 62 6.84 -5.70 43.19
C ILE C 62 6.98 -6.94 42.31
N LEU C 63 6.91 -8.13 42.92
CA LEU C 63 6.89 -9.37 42.15
C LEU C 63 6.12 -10.45 42.90
N HIS C 64 5.77 -11.53 42.20
CA HIS C 64 4.84 -12.47 42.80
C HIS C 64 5.56 -13.44 43.75
N SER C 65 4.78 -14.06 44.62
CA SER C 65 5.26 -15.14 45.47
C SER C 65 4.05 -15.74 46.17
N HIS C 66 4.08 -17.03 46.46
CA HIS C 66 2.91 -17.65 47.07
C HIS C 66 3.34 -18.79 47.98
N HIS C 67 2.94 -18.72 49.26
CA HIS C 67 3.27 -19.72 50.27
C HIS C 67 4.78 -19.91 50.43
N LEU C 68 5.58 -18.97 49.91
CA LEU C 68 7.02 -18.96 50.05
C LEU C 68 7.43 -17.99 51.15
N GLN C 69 8.18 -18.49 52.13
CA GLN C 69 8.70 -17.68 53.23
C GLN C 69 10.03 -17.06 52.82
N ILE C 70 10.04 -15.74 52.61
CA ILE C 70 11.25 -15.05 52.17
C ILE C 70 12.18 -14.91 53.36
N SER C 71 13.34 -15.59 53.29
CA SER C 71 14.33 -15.48 54.35
C SER C 71 15.06 -14.15 54.30
N ARG C 72 15.49 -13.74 53.11
CA ARG C 72 16.06 -12.39 52.99
C ARG C 72 16.26 -12.02 51.52
N ALA C 73 16.42 -10.72 51.27
CA ALA C 73 16.57 -10.19 49.92
C ALA C 73 17.57 -9.06 49.91
N THR C 74 18.40 -9.03 48.87
CA THR C 74 19.47 -8.06 48.74
C THR C 74 19.51 -7.53 47.32
N LEU C 75 19.80 -6.24 47.20
CA LEU C 75 19.92 -5.55 45.93
C LEU C 75 21.39 -5.28 45.66
N ARG C 76 21.93 -5.92 44.62
CA ARG C 76 23.32 -5.73 44.20
C ARG C 76 23.38 -4.85 42.95
N LYS C 77 24.37 -3.97 42.93
CA LYS C 77 24.62 -3.10 41.79
C LYS C 77 26.12 -2.90 41.64
N GLY C 78 26.60 -2.94 40.41
CA GLY C 78 28.01 -2.79 40.14
C GLY C 78 28.76 -4.11 40.26
N ALA C 79 29.96 -4.13 39.68
CA ALA C 79 30.79 -5.32 39.71
C ALA C 79 32.25 -4.90 39.83
N GLY C 80 33.08 -5.86 40.24
CA GLY C 80 34.51 -5.61 40.34
C GLY C 80 34.84 -4.90 41.63
N GLU C 81 35.59 -3.80 41.52
CA GLU C 81 36.00 -3.05 42.70
C GLU C 81 34.78 -2.46 43.41
N ARG C 82 33.81 -1.96 42.65
CA ARG C 82 32.68 -1.22 43.18
C ARG C 82 31.41 -2.07 43.27
N LEU C 83 31.55 -3.38 43.50
CA LEU C 83 30.39 -4.24 43.67
C LEU C 83 29.70 -3.92 45.00
N SER C 84 28.42 -3.57 44.94
CA SER C 84 27.68 -3.16 46.11
C SER C 84 26.47 -4.07 46.31
N GLU C 85 26.10 -4.29 47.58
CA GLU C 85 24.93 -5.07 47.94
C GLU C 85 24.31 -4.46 49.18
N GLU C 86 23.00 -4.21 49.12
CA GLU C 86 22.27 -3.64 50.24
C GLU C 86 21.09 -4.51 50.61
N PRO C 87 20.70 -4.53 51.87
CA PRO C 87 19.51 -5.29 52.25
C PRO C 87 18.26 -4.60 51.74
N LEU C 88 17.21 -5.39 51.52
CA LEU C 88 15.93 -4.91 51.03
C LEU C 88 14.85 -5.33 52.01
N GLN C 89 13.97 -4.39 52.37
CA GLN C 89 12.89 -4.71 53.30
C GLN C 89 11.76 -5.41 52.56
N VAL C 90 11.32 -6.57 53.06
CA VAL C 90 10.34 -7.39 52.36
C VAL C 90 8.97 -7.17 52.97
N LEU C 91 8.03 -6.70 52.15
CA LEU C 91 6.62 -6.62 52.51
C LEU C 91 5.83 -7.64 51.72
N GLU C 92 4.86 -8.27 52.35
CA GLU C 92 4.05 -9.29 51.70
C GLU C 92 2.62 -8.81 51.56
N HIS C 93 2.01 -9.06 50.38
CA HIS C 93 0.56 -8.94 50.21
C HIS C 93 0.07 -10.28 49.70
N PRO C 94 -0.29 -11.21 50.59
CA PRO C 94 -0.60 -12.58 50.16
C PRO C 94 -1.87 -12.67 49.34
N ARG C 95 -2.92 -11.93 49.72
CA ARG C 95 -4.14 -11.94 48.94
C ARG C 95 -3.84 -11.67 47.47
N GLN C 96 -2.97 -10.72 47.18
CA GLN C 96 -2.60 -10.42 45.80
C GLN C 96 -1.44 -11.26 45.32
N GLU C 97 -1.02 -12.23 46.11
CA GLU C 97 0.08 -13.11 45.74
C GLU C 97 1.31 -12.30 45.32
N GLN C 98 1.63 -11.27 46.11
CA GLN C 98 2.74 -10.40 45.74
C GLN C 98 3.62 -10.10 46.94
N ILE C 99 4.86 -9.70 46.65
CA ILE C 99 5.75 -9.12 47.64
C ILE C 99 6.40 -7.88 47.07
N ALA C 100 6.78 -6.98 47.97
CA ALA C 100 7.40 -5.70 47.66
C ALA C 100 8.77 -5.65 48.34
N LEU C 101 9.82 -5.48 47.55
CA LEU C 101 11.16 -5.28 48.03
C LEU C 101 11.45 -3.78 48.06
N LEU C 102 11.57 -3.22 49.27
CA LEU C 102 11.85 -1.80 49.44
C LEU C 102 13.36 -1.58 49.56
N ALA C 103 13.94 -0.89 48.56
CA ALA C 103 15.34 -0.50 48.37
C ALA C 103 15.64 0.81 49.12
N PRO C 104 16.86 0.90 49.67
CA PRO C 104 17.22 2.13 50.40
C PRO C 104 17.10 3.38 49.55
N GLU C 105 17.72 3.38 48.38
CA GLU C 105 17.70 4.48 47.43
C GLU C 105 16.91 4.10 46.18
N PRO C 106 16.35 5.09 45.48
CA PRO C 106 15.70 4.79 44.20
C PRO C 106 16.68 4.14 43.23
N LEU C 107 16.15 3.35 42.30
CA LEU C 107 16.98 2.72 41.29
C LEU C 107 17.36 3.73 40.21
N LEU C 108 18.46 3.47 39.52
CA LEU C 108 18.92 4.31 38.43
C LEU C 108 18.42 3.71 37.12
N VAL C 109 17.65 4.49 36.37
CA VAL C 109 17.07 3.97 35.14
C VAL C 109 18.16 3.42 34.25
N GLY C 110 17.85 2.32 33.56
CA GLY C 110 18.75 1.74 32.59
C GLY C 110 19.88 0.95 33.20
N LEU C 111 20.20 1.23 34.46
CA LEU C 111 21.30 0.56 35.12
C LEU C 111 20.92 -0.88 35.46
N PRO C 112 21.82 -1.85 35.27
CA PRO C 112 21.49 -3.25 35.58
C PRO C 112 21.63 -3.51 37.08
N TYR C 113 20.57 -4.04 37.67
CA TYR C 113 20.58 -4.41 39.08
C TYR C 113 20.40 -5.92 39.23
N THR C 114 20.61 -6.43 40.43
CA THR C 114 20.35 -7.83 40.72
C THR C 114 19.69 -7.98 42.08
N VAL C 115 18.65 -8.79 42.14
CA VAL C 115 17.87 -9.04 43.35
C VAL C 115 18.11 -10.48 43.75
N VAL C 116 18.61 -10.69 44.96
CA VAL C 116 18.86 -12.03 45.50
C VAL C 116 17.83 -12.28 46.59
N ILE C 117 17.13 -13.40 46.49
CA ILE C 117 16.07 -13.73 47.43
C ILE C 117 16.32 -15.16 47.89
N HIS C 118 16.65 -15.31 49.18
CA HIS C 118 16.69 -16.62 49.80
C HIS C 118 15.36 -16.88 50.46
N TYR C 119 14.74 -18.02 50.13
CA TYR C 119 13.43 -18.38 50.62
C TYR C 119 13.38 -19.87 50.93
N ALA C 120 12.28 -20.29 51.55
CA ALA C 120 12.01 -21.70 51.77
C ALA C 120 10.50 -21.94 51.69
N GLY C 121 10.13 -23.18 51.40
CA GLY C 121 8.73 -23.56 51.28
C GLY C 121 8.55 -25.06 51.36
N ASN C 122 7.29 -25.50 51.27
CA ASN C 122 6.95 -26.91 51.33
C ASN C 122 6.50 -27.40 49.96
N LEU C 123 6.86 -28.64 49.61
CA LEU C 123 6.37 -29.22 48.37
C LEU C 123 4.85 -29.31 48.41
N SER C 124 4.22 -28.97 47.29
CA SER C 124 2.77 -28.86 47.28
C SER C 124 2.10 -30.22 47.42
N GLU C 125 0.99 -30.24 48.14
CA GLU C 125 0.10 -31.39 48.21
C GLU C 125 -1.18 -31.17 47.40
N THR C 126 -1.26 -30.09 46.63
CA THR C 126 -2.40 -29.79 45.78
C THR C 126 -2.13 -30.11 44.30
N PHE C 127 -1.02 -30.77 43.99
CA PHE C 127 -0.69 -31.18 42.64
C PHE C 127 -0.53 -30.00 41.69
N HIS C 128 -0.24 -28.82 42.26
CA HIS C 128 0.06 -27.61 41.53
C HIS C 128 1.38 -27.06 42.05
N GLY C 129 2.01 -26.19 41.27
CA GLY C 129 3.25 -25.60 41.76
C GLY C 129 4.35 -26.64 41.77
N PHE C 130 5.14 -26.65 42.85
CA PHE C 130 6.21 -27.63 43.04
C PHE C 130 5.65 -28.68 43.98
N TYR C 131 5.23 -29.83 43.42
CA TYR C 131 4.37 -30.74 44.17
C TYR C 131 4.95 -32.14 44.28
N LYS C 132 4.39 -32.89 45.23
CA LYS C 132 4.78 -34.26 45.49
C LYS C 132 3.87 -35.20 44.70
N SER C 133 4.47 -36.25 44.15
CA SER C 133 3.76 -37.29 43.41
C SER C 133 4.38 -38.61 43.80
N THR C 134 3.58 -39.50 44.37
CA THR C 134 4.10 -40.80 44.80
C THR C 134 3.49 -41.91 43.96
N TYR C 135 4.23 -43.01 43.84
CA TYR C 135 3.75 -44.19 43.12
C TYR C 135 4.24 -45.44 43.83
N ARG C 136 3.80 -46.60 43.34
CA ARG C 136 4.07 -47.89 43.97
C ARG C 136 4.69 -48.82 42.94
N THR C 137 5.77 -49.50 43.31
CA THR C 137 6.47 -50.37 42.38
C THR C 137 5.78 -51.73 42.27
N LYS C 138 6.25 -52.53 41.31
CA LYS C 138 5.73 -53.89 41.16
C LYS C 138 5.87 -54.68 42.45
N GLU C 139 6.94 -54.44 43.20
CA GLU C 139 7.16 -55.13 44.46
C GLU C 139 6.36 -54.52 45.61
N GLY C 140 5.75 -53.36 45.41
CA GLY C 140 4.87 -52.76 46.40
C GLY C 140 5.47 -51.64 47.23
N GLU C 141 6.69 -51.23 46.94
CA GLU C 141 7.31 -50.13 47.67
C GLU C 141 6.74 -48.79 47.23
N LEU C 142 6.60 -47.87 48.17
CA LEU C 142 6.10 -46.53 47.89
C LEU C 142 7.29 -45.60 47.67
N ARG C 143 7.36 -44.98 46.49
CA ARG C 143 8.47 -44.09 46.18
C ARG C 143 7.92 -42.73 45.73
N ILE C 144 8.66 -41.68 46.07
CA ILE C 144 8.22 -40.30 45.95
C ILE C 144 9.01 -39.57 44.88
N LEU C 145 8.39 -38.56 44.27
CA LEU C 145 9.03 -37.71 43.29
C LEU C 145 8.45 -36.30 43.42
N ALA C 146 9.19 -35.31 42.94
CA ALA C 146 8.73 -33.94 42.90
C ALA C 146 8.63 -33.47 41.46
N SER C 147 7.55 -32.76 41.15
CA SER C 147 7.30 -32.31 39.79
C SER C 147 6.79 -30.87 39.84
N THR C 148 6.67 -30.26 38.66
CA THR C 148 6.21 -28.89 38.56
C THR C 148 5.00 -28.79 37.65
N GLN C 149 4.10 -27.85 37.98
CA GLN C 149 2.97 -27.49 37.13
C GLN C 149 2.66 -26.01 37.38
N PHE C 150 3.10 -25.12 36.46
CA PHE C 150 3.06 -23.69 36.70
C PHE C 150 1.95 -22.94 35.98
N GLU C 151 1.42 -23.46 34.88
CA GLU C 151 0.30 -22.81 34.25
C GLU C 151 -0.91 -22.85 35.18
N PRO C 152 -1.62 -21.73 35.37
CA PRO C 152 -1.32 -20.46 34.72
C PRO C 152 -0.42 -19.54 35.58
N THR C 153 -0.50 -19.65 36.92
CA THR C 153 0.23 -18.75 37.79
C THR C 153 0.88 -19.49 38.96
N ALA C 154 1.30 -20.75 38.76
CA ALA C 154 1.91 -21.55 39.81
C ALA C 154 3.43 -21.37 39.91
N ALA C 155 4.07 -20.65 38.98
CA ALA C 155 5.49 -20.35 39.13
C ALA C 155 5.79 -19.67 40.46
N ARG C 156 4.83 -18.90 40.96
CA ARG C 156 5.03 -18.14 42.21
C ARG C 156 5.28 -19.10 43.38
N MET C 157 4.78 -20.33 43.27
CA MET C 157 4.92 -21.28 44.37
C MET C 157 6.29 -21.94 44.41
N ALA C 158 7.08 -21.84 43.35
CA ALA C 158 8.41 -22.41 43.37
C ALA C 158 9.50 -21.37 43.59
N PHE C 159 9.30 -20.14 43.13
CA PHE C 159 10.35 -19.14 43.29
C PHE C 159 9.83 -17.74 42.97
N PRO C 160 10.19 -16.74 43.75
CA PRO C 160 9.65 -15.40 43.50
C PRO C 160 10.07 -14.91 42.13
N CYS C 161 9.14 -14.26 41.44
CA CYS C 161 9.41 -13.83 40.07
C CYS C 161 8.26 -12.96 39.58
N PHE C 162 8.47 -12.39 38.39
CA PHE C 162 7.47 -11.58 37.68
C PHE C 162 6.59 -12.52 36.88
N ASP C 163 5.70 -13.21 37.60
CA ASP C 163 4.96 -14.34 37.05
C ASP C 163 3.83 -13.83 36.14
N GLU C 164 4.22 -13.37 34.95
CA GLU C 164 3.32 -12.97 33.86
C GLU C 164 3.90 -13.34 32.50
N PRO C 165 3.07 -13.81 31.57
CA PRO C 165 3.63 -14.30 30.30
C PRO C 165 4.47 -13.26 29.58
N ALA C 166 4.11 -11.98 29.68
CA ALA C 166 4.84 -11.00 28.89
C ALA C 166 6.21 -10.66 29.45
N PHE C 167 6.46 -10.98 30.72
CA PHE C 167 7.79 -10.77 31.32
C PHE C 167 8.71 -11.92 30.98
N LYS C 168 8.97 -12.10 29.69
CA LYS C 168 9.86 -13.17 29.27
C LYS C 168 11.27 -12.90 29.78
N ALA C 169 12.07 -13.97 29.87
CA ALA C 169 13.42 -13.91 30.40
C ALA C 169 14.11 -15.26 30.19
N SER C 170 15.38 -15.33 30.58
CA SER C 170 16.21 -16.53 30.46
C SER C 170 16.48 -17.12 31.83
N PHE C 171 16.43 -18.45 31.93
CA PHE C 171 16.47 -19.14 33.20
C PHE C 171 17.68 -20.07 33.24
N SER C 172 18.51 -19.90 34.27
CA SER C 172 19.65 -20.76 34.53
C SER C 172 19.33 -21.53 35.81
N ILE C 173 18.74 -22.72 35.64
CA ILE C 173 18.29 -23.58 36.74
C ILE C 173 19.44 -24.42 37.26
N LYS C 174 19.39 -24.73 38.56
CA LYS C 174 20.36 -25.62 39.21
C LYS C 174 19.60 -26.39 40.28
N ILE C 175 19.55 -27.71 40.14
CA ILE C 175 18.70 -28.56 40.98
C ILE C 175 19.61 -29.42 41.84
N ARG C 176 19.37 -29.42 43.15
CA ARG C 176 20.13 -30.29 44.06
C ARG C 176 19.31 -31.52 44.43
N ARG C 177 19.91 -32.69 44.25
CA ARG C 177 19.21 -33.94 44.47
C ARG C 177 20.15 -34.95 45.10
N GLU C 178 19.57 -36.03 45.57
CA GLU C 178 20.35 -37.11 46.13
C GLU C 178 20.78 -38.08 45.04
N PRO C 179 21.88 -38.82 45.25
CA PRO C 179 22.33 -39.79 44.23
C PRO C 179 21.24 -40.78 43.81
N ARG C 180 20.22 -40.99 44.65
CA ARG C 180 19.05 -41.82 44.33
C ARG C 180 18.13 -41.19 43.30
N HIS C 181 18.33 -39.92 42.96
CA HIS C 181 17.42 -39.15 42.13
C HIS C 181 18.14 -38.55 40.93
N LEU C 182 17.35 -38.24 39.90
CA LEU C 182 17.79 -37.50 38.73
C LEU C 182 16.88 -36.30 38.55
N ALA C 183 17.47 -35.20 38.09
CA ALA C 183 16.75 -33.97 37.79
C ALA C 183 16.77 -33.74 36.28
N ILE C 184 15.59 -33.52 35.71
CA ILE C 184 15.46 -33.08 34.32
C ILE C 184 14.76 -31.72 34.33
N SER C 185 14.96 -30.98 33.24
CA SER C 185 14.42 -29.63 33.16
C SER C 185 14.30 -29.23 31.69
N ASN C 186 13.90 -27.98 31.47
CA ASN C 186 13.71 -27.48 30.11
C ASN C 186 14.92 -27.77 29.25
N MET C 187 16.10 -27.36 29.72
CA MET C 187 17.30 -27.41 28.92
C MET C 187 18.15 -28.62 29.30
N PRO C 188 19.10 -29.01 28.45
CA PRO C 188 19.97 -30.14 28.81
C PRO C 188 20.84 -29.79 30.00
N LEU C 189 21.16 -30.80 30.79
CA LEU C 189 22.05 -30.64 31.93
C LEU C 189 23.48 -30.49 31.43
N VAL C 190 24.14 -29.42 31.88
CA VAL C 190 25.51 -29.17 31.42
C VAL C 190 26.55 -29.76 32.37
N LYS C 191 26.23 -29.93 33.66
CA LYS C 191 27.21 -30.63 34.48
C LYS C 191 26.60 -31.04 35.81
N SER C 192 26.97 -32.24 36.28
CA SER C 192 26.60 -32.71 37.62
C SER C 192 27.83 -32.65 38.52
N VAL C 193 27.72 -31.86 39.59
CA VAL C 193 28.83 -31.58 40.50
C VAL C 193 28.45 -32.04 41.90
N THR C 194 29.42 -32.59 42.63
CA THR C 194 29.16 -33.06 43.99
C THR C 194 29.51 -31.98 45.00
N VAL C 195 28.55 -31.65 45.87
CA VAL C 195 28.68 -30.57 46.83
C VAL C 195 28.88 -31.09 48.25
N ALA C 196 28.15 -32.13 48.65
CA ALA C 196 28.25 -32.69 50.00
C ALA C 196 28.10 -34.21 49.90
N GLU C 197 27.80 -34.83 51.04
CA GLU C 197 27.67 -36.28 51.10
C GLU C 197 26.63 -36.77 50.11
N GLY C 198 25.36 -36.56 50.43
CA GLY C 198 24.31 -37.02 49.54
C GLY C 198 23.68 -35.90 48.75
N LEU C 199 24.47 -34.91 48.34
CA LEU C 199 23.97 -33.77 47.58
C LEU C 199 24.73 -33.66 46.28
N ILE C 200 24.00 -33.63 45.18
CA ILE C 200 24.55 -33.43 43.85
C ILE C 200 23.82 -32.26 43.21
N GLU C 201 24.58 -31.32 42.68
CA GLU C 201 24.06 -30.12 42.03
C GLU C 201 24.10 -30.32 40.53
N ASP C 202 22.94 -30.25 39.88
CA ASP C 202 22.80 -30.35 38.44
C ASP C 202 22.68 -28.94 37.86
N HIS C 203 23.68 -28.55 37.07
CA HIS C 203 23.69 -27.28 36.35
C HIS C 203 23.12 -27.52 34.97
N PHE C 204 21.99 -26.88 34.68
CA PHE C 204 21.31 -26.99 33.39
C PHE C 204 21.62 -25.76 32.55
N ASP C 205 21.71 -25.96 31.25
CA ASP C 205 22.11 -24.87 30.36
C ASP C 205 21.09 -23.75 30.41
N VAL C 206 21.54 -22.54 30.04
CA VAL C 206 20.69 -21.37 30.13
C VAL C 206 19.65 -21.39 29.03
N THR C 207 18.40 -21.13 29.38
CA THR C 207 17.35 -21.25 28.38
C THR C 207 17.38 -20.03 27.46
N VAL C 208 16.39 -19.97 26.58
CA VAL C 208 16.17 -18.82 25.74
C VAL C 208 15.09 -17.97 26.40
N LYS C 209 14.94 -16.74 25.92
CA LYS C 209 13.93 -15.83 26.43
C LYS C 209 12.57 -16.52 26.45
N MET C 210 12.00 -16.75 27.65
CA MET C 210 10.77 -17.52 27.77
C MET C 210 9.93 -16.98 28.93
N SER C 211 8.77 -17.60 29.14
CA SER C 211 7.79 -17.14 30.12
C SER C 211 7.87 -17.99 31.37
N THR C 212 7.64 -17.37 32.53
CA THR C 212 7.74 -18.12 33.78
C THR C 212 6.88 -19.37 33.75
N TYR C 213 5.67 -19.28 33.21
CA TYR C 213 4.80 -20.44 33.39
C TYR C 213 5.21 -21.63 32.57
N LEU C 214 6.37 -21.65 31.91
CA LEU C 214 6.77 -22.78 31.09
C LEU C 214 8.07 -23.42 31.56
N VAL C 215 8.63 -23.00 32.69
CA VAL C 215 9.82 -23.65 33.21
C VAL C 215 9.41 -24.87 34.00
N ALA C 216 10.19 -25.95 33.86
CA ALA C 216 9.92 -27.23 34.48
C ALA C 216 11.19 -27.80 35.07
N PHE C 217 11.02 -28.64 36.09
CA PHE C 217 12.11 -29.46 36.59
C PHE C 217 11.53 -30.61 37.40
N ILE C 218 11.94 -31.83 37.06
CA ILE C 218 11.45 -33.05 37.68
C ILE C 218 12.57 -33.71 38.44
N ILE C 219 12.24 -34.21 39.62
CA ILE C 219 13.16 -34.98 40.44
C ILE C 219 12.53 -36.35 40.66
N SER C 220 13.18 -37.39 40.14
CA SER C 220 12.55 -38.71 40.19
C SER C 220 13.61 -39.78 39.95
N ASP C 221 13.13 -41.02 39.85
CA ASP C 221 13.97 -42.16 39.51
C ASP C 221 13.48 -42.82 38.23
N PHE C 222 13.16 -42.01 37.24
CA PHE C 222 12.54 -42.50 36.02
C PHE C 222 13.57 -43.25 35.17
N GLU C 223 13.05 -44.09 34.27
CA GLU C 223 13.81 -44.60 33.15
C GLU C 223 13.44 -43.83 31.90
N SER C 224 14.42 -43.59 31.04
CA SER C 224 14.16 -42.92 29.77
C SER C 224 14.61 -43.79 28.61
N VAL C 225 13.88 -43.66 27.50
CA VAL C 225 14.27 -44.26 26.23
C VAL C 225 14.28 -43.16 25.18
N SER C 226 15.38 -43.06 24.43
CA SER C 226 15.66 -41.90 23.57
C SER C 226 15.72 -42.28 22.09
N LYS C 227 15.73 -41.24 21.28
CA LYS C 227 15.76 -41.35 19.83
C LYS C 227 16.04 -39.96 19.30
N ILE C 228 16.83 -39.87 18.23
CA ILE C 228 17.23 -38.58 17.69
C ILE C 228 16.44 -38.31 16.42
N THR C 229 16.03 -37.05 16.23
CA THR C 229 15.33 -36.67 15.01
C THR C 229 16.33 -36.36 13.90
N LYS C 230 15.79 -36.15 12.70
CA LYS C 230 16.57 -35.85 11.47
C LYS C 230 17.30 -34.53 11.69
N SER C 231 16.64 -33.60 12.40
CA SER C 231 17.18 -32.27 12.76
C SER C 231 18.43 -32.44 13.64
N GLY C 232 18.43 -33.44 14.52
CA GLY C 232 19.46 -33.60 15.56
C GLY C 232 18.87 -33.36 16.94
N VAL C 233 17.57 -33.14 17.02
CA VAL C 233 16.92 -32.89 18.34
C VAL C 233 16.73 -34.23 19.05
N LYS C 234 17.37 -34.37 20.22
CA LYS C 234 17.29 -35.57 21.04
C LYS C 234 15.93 -35.61 21.73
N VAL C 235 15.11 -36.59 21.36
CA VAL C 235 13.81 -36.80 21.98
C VAL C 235 13.95 -37.94 22.98
N SER C 236 13.44 -37.74 24.18
CA SER C 236 13.49 -38.76 25.22
C SER C 236 12.12 -38.91 25.85
N VAL C 237 11.78 -40.13 26.25
CA VAL C 237 10.57 -40.38 27.03
C VAL C 237 11.01 -40.89 28.39
N TYR C 238 10.56 -40.22 29.45
CA TYR C 238 10.79 -40.61 30.83
C TYR C 238 9.52 -41.22 31.41
N ALA C 239 9.67 -42.26 32.22
CA ALA C 239 8.54 -42.94 32.85
C ALA C 239 9.05 -43.70 34.07
N VAL C 240 8.14 -44.33 34.80
CA VAL C 240 8.53 -45.13 35.95
C VAL C 240 9.30 -46.36 35.50
N PRO C 241 10.30 -46.80 36.27
CA PRO C 241 11.17 -47.88 35.78
C PRO C 241 10.43 -49.13 35.35
N ASP C 242 9.35 -49.48 36.06
CA ASP C 242 8.61 -50.70 35.76
C ASP C 242 7.77 -50.58 34.49
N LYS C 243 7.65 -49.39 33.92
CA LYS C 243 6.82 -49.16 32.74
C LYS C 243 7.58 -48.64 31.53
N ILE C 244 8.83 -48.21 31.69
CA ILE C 244 9.56 -47.55 30.61
C ILE C 244 9.53 -48.42 29.35
N ASN C 245 9.19 -49.69 29.50
CA ASN C 245 8.99 -50.56 28.35
C ASN C 245 7.77 -50.18 27.52
N GLN C 246 6.97 -49.22 27.99
CA GLN C 246 5.74 -48.85 27.34
C GLN C 246 5.84 -47.53 26.59
N ALA C 247 7.03 -46.95 26.50
CA ALA C 247 7.19 -45.60 25.97
C ALA C 247 7.61 -45.56 24.50
N ASP C 248 7.80 -46.72 23.88
CA ASP C 248 8.31 -46.75 22.51
C ASP C 248 7.37 -46.05 21.53
N TYR C 249 6.08 -46.39 21.56
CA TYR C 249 5.15 -45.77 20.64
C TYR C 249 5.13 -44.25 20.80
N ALA C 250 5.07 -43.78 22.04
CA ALA C 250 5.08 -42.34 22.28
C ALA C 250 6.37 -41.73 21.76
N LEU C 251 7.49 -42.44 21.84
CA LEU C 251 8.76 -41.93 21.34
C LEU C 251 8.72 -41.76 19.82
N ASP C 252 8.27 -42.79 19.11
CA ASP C 252 8.11 -42.68 17.66
C ASP C 252 7.17 -41.52 17.30
N ALA C 253 6.01 -41.45 17.96
CA ALA C 253 5.07 -40.38 17.70
C ALA C 253 5.73 -39.02 17.90
N ALA C 254 6.49 -38.87 18.98
CA ALA C 254 7.11 -37.58 19.26
C ALA C 254 8.12 -37.22 18.18
N VAL C 255 8.93 -38.18 17.73
CA VAL C 255 9.93 -37.88 16.72
C VAL C 255 9.27 -37.52 15.39
N THR C 256 8.29 -38.33 14.98
CA THR C 256 7.55 -38.06 13.74
C THR C 256 6.90 -36.69 13.78
N LEU C 257 6.21 -36.38 14.87
CA LEU C 257 5.52 -35.11 15.00
C LEU C 257 6.50 -33.93 15.00
N LEU C 258 7.61 -34.05 15.73
CA LEU C 258 8.62 -32.97 15.72
C LEU C 258 9.13 -32.70 14.31
N GLU C 259 9.45 -33.75 13.56
CA GLU C 259 9.86 -33.56 12.18
C GLU C 259 8.76 -32.87 11.38
N PHE C 260 7.51 -33.34 11.52
CA PHE C 260 6.42 -32.71 10.80
C PHE C 260 6.31 -31.23 11.13
N TYR C 261 6.52 -30.88 12.40
CA TYR C 261 6.30 -29.50 12.84
C TYR C 261 7.42 -28.59 12.37
N GLU C 262 8.65 -29.10 12.44
CA GLU C 262 9.81 -28.32 11.95
C GLU C 262 9.55 -28.07 10.46
N ASP C 263 8.98 -29.05 9.77
CA ASP C 263 8.74 -28.88 8.34
C ASP C 263 7.63 -27.86 8.09
N TYR C 264 6.51 -28.00 8.81
CA TYR C 264 5.33 -27.17 8.58
C TYR C 264 5.63 -25.72 8.93
N PHE C 265 5.89 -25.42 10.21
CA PHE C 265 6.13 -24.04 10.59
C PHE C 265 7.35 -23.42 9.91
N SER C 266 8.22 -24.23 9.32
CA SER C 266 9.44 -23.73 8.67
C SER C 266 10.36 -23.03 9.66
N ILE C 267 10.35 -23.47 10.92
CA ILE C 267 11.17 -22.90 11.97
C ILE C 267 11.76 -24.06 12.78
N PRO C 268 13.08 -24.21 12.82
CA PRO C 268 13.66 -25.38 13.48
C PRO C 268 13.44 -25.35 14.99
N TYR C 269 13.09 -26.50 15.55
CA TYR C 269 12.77 -26.63 16.96
C TYR C 269 13.76 -25.81 17.78
N PRO C 270 13.29 -24.89 18.63
CA PRO C 270 14.21 -23.90 19.22
C PRO C 270 15.13 -24.49 20.27
N LEU C 271 14.70 -25.49 20.99
CA LEU C 271 15.53 -25.99 22.07
C LEU C 271 16.35 -27.19 21.61
N PRO C 272 17.38 -27.58 22.36
CA PRO C 272 18.25 -28.66 21.88
C PRO C 272 17.59 -30.03 21.97
N LYS C 273 16.78 -30.29 22.99
CA LYS C 273 16.16 -31.60 23.19
C LYS C 273 14.70 -31.45 23.60
N GLN C 274 13.99 -32.56 23.55
CA GLN C 274 12.58 -32.61 23.89
C GLN C 274 12.35 -33.83 24.77
N ASP C 275 11.85 -33.62 25.97
CA ASP C 275 11.67 -34.69 26.96
C ASP C 275 10.19 -34.79 27.29
N LEU C 276 9.58 -35.91 26.94
CA LEU C 276 8.19 -36.20 27.32
C LEU C 276 8.22 -37.08 28.57
N ALA C 277 7.63 -36.59 29.66
CA ALA C 277 7.71 -37.30 30.93
C ALA C 277 6.32 -37.71 31.39
N ALA C 278 6.12 -39.01 31.60
CA ALA C 278 4.86 -39.56 32.12
C ALA C 278 4.88 -39.52 33.63
N ILE C 279 4.10 -38.60 34.21
CA ILE C 279 4.12 -38.36 35.65
C ILE C 279 2.91 -39.04 36.28
N PRO C 280 3.10 -39.91 37.27
CA PRO C 280 1.96 -40.45 38.01
C PRO C 280 1.15 -39.35 38.68
N ASP C 281 -0.16 -39.57 38.80
CA ASP C 281 -1.10 -38.68 39.47
C ASP C 281 -1.23 -37.33 38.79
N PHE C 282 -0.73 -37.17 37.56
CA PHE C 282 -0.80 -35.88 36.88
C PHE C 282 -2.24 -35.45 36.69
N GLN C 283 -2.65 -34.37 37.38
CA GLN C 283 -4.03 -33.93 37.44
C GLN C 283 -4.35 -32.83 36.42
N SER C 284 -3.41 -32.51 35.54
CA SER C 284 -3.59 -31.44 34.56
C SER C 284 -3.69 -31.98 33.13
N GLY C 285 -3.81 -33.30 32.97
CA GLY C 285 -3.88 -33.88 31.64
C GLY C 285 -2.54 -33.93 30.95
N ALA C 286 -2.05 -32.78 30.50
CA ALA C 286 -0.71 -32.65 29.94
C ALA C 286 -0.33 -31.19 30.00
N MET C 287 0.93 -30.91 29.69
CA MET C 287 1.44 -29.56 29.83
C MET C 287 2.60 -29.36 28.88
N GLU C 288 2.55 -28.27 28.11
CA GLU C 288 3.55 -27.97 27.09
C GLU C 288 4.77 -27.21 27.63
N ASN C 289 5.29 -27.59 28.82
CA ASN C 289 6.53 -27.01 29.31
C ASN C 289 7.62 -27.09 28.25
N TRP C 290 8.19 -25.94 27.90
CA TRP C 290 9.11 -25.86 26.78
C TRP C 290 10.28 -26.81 26.99
N GLY C 291 10.39 -27.81 26.11
CA GLY C 291 11.45 -28.79 26.20
C GLY C 291 11.24 -29.89 27.23
N LEU C 292 10.17 -29.83 28.02
CA LEU C 292 9.94 -30.84 29.07
C LEU C 292 8.43 -30.98 29.25
N THR C 293 7.80 -31.67 28.30
CA THR C 293 6.34 -31.77 28.29
C THR C 293 5.89 -32.88 29.25
N THR C 294 5.11 -32.48 30.24
CA THR C 294 4.61 -33.41 31.24
C THR C 294 3.27 -33.98 30.77
N TYR C 295 3.08 -35.27 30.98
CA TYR C 295 1.88 -35.97 30.55
C TYR C 295 1.32 -36.83 31.70
N ARG C 296 0.02 -37.11 31.60
CA ARG C 296 -0.59 -38.15 32.41
C ARG C 296 -0.29 -39.51 31.78
N GLU C 297 0.04 -40.49 32.62
CA GLU C 297 0.54 -41.77 32.11
C GLU C 297 -0.39 -42.35 31.05
N SER C 298 -1.69 -42.43 31.35
CA SER C 298 -2.64 -42.99 30.40
C SER C 298 -2.64 -42.28 29.06
N ALA C 299 -1.92 -41.17 28.91
CA ALA C 299 -1.88 -40.40 27.68
C ALA C 299 -0.53 -40.46 26.98
N LEU C 300 0.38 -41.30 27.45
CA LEU C 300 1.69 -41.43 26.82
C LEU C 300 2.12 -42.89 26.79
N LEU C 301 1.93 -43.61 27.90
CA LEU C 301 2.30 -45.01 27.97
C LEU C 301 1.25 -45.87 27.29
N PHE C 302 1.71 -46.97 26.69
CA PHE C 302 0.87 -47.91 25.96
C PHE C 302 1.23 -49.32 26.36
N ASP C 303 0.21 -50.18 26.47
CA ASP C 303 0.38 -51.54 26.98
C ASP C 303 0.09 -52.56 25.88
N ALA C 304 0.69 -53.75 26.05
CA ALA C 304 0.44 -54.86 25.13
C ALA C 304 -1.04 -55.16 25.00
N GLU C 305 -1.72 -55.38 26.13
CA GLU C 305 -3.17 -55.43 26.12
C GLU C 305 -3.73 -54.02 25.94
N LYS C 306 -4.72 -53.87 25.07
CA LYS C 306 -5.28 -52.56 24.75
C LYS C 306 -5.79 -51.86 26.01
N SER C 307 -5.02 -50.89 26.52
CA SER C 307 -5.53 -50.05 27.60
C SER C 307 -6.87 -49.45 27.24
N SER C 308 -7.09 -49.18 25.96
CA SER C 308 -8.34 -48.73 25.41
C SER C 308 -8.25 -48.85 23.90
N ALA C 309 -9.39 -49.12 23.26
CA ALA C 309 -9.40 -49.13 21.80
C ALA C 309 -8.75 -47.88 21.24
N SER C 310 -9.02 -46.72 21.86
CA SER C 310 -8.55 -45.43 21.38
C SER C 310 -7.29 -44.95 22.11
N SER C 311 -6.49 -45.88 22.62
CA SER C 311 -5.31 -45.48 23.38
C SER C 311 -4.27 -44.82 22.48
N LYS C 312 -3.89 -45.50 21.40
CA LYS C 312 -2.89 -44.93 20.52
C LYS C 312 -3.35 -43.60 19.94
N LEU C 313 -4.64 -43.47 19.63
CA LEU C 313 -5.14 -42.20 19.11
C LEU C 313 -4.95 -41.09 20.13
N ASP C 314 -5.34 -41.33 21.37
CA ASP C 314 -5.23 -40.29 22.39
C ASP C 314 -3.76 -39.93 22.63
N ILE C 315 -2.90 -40.94 22.72
CA ILE C 315 -1.48 -40.71 22.88
C ILE C 315 -0.96 -39.79 21.76
N THR C 316 -1.26 -40.17 20.51
CA THR C 316 -0.74 -39.40 19.38
C THR C 316 -1.26 -37.98 19.42
N MET C 317 -2.56 -37.80 19.65
CA MET C 317 -3.09 -36.45 19.63
C MET C 317 -2.50 -35.61 20.75
N THR C 318 -2.21 -36.23 21.90
CA THR C 318 -1.69 -35.45 23.02
C THR C 318 -0.24 -35.03 22.79
N VAL C 319 0.59 -35.98 22.34
CA VAL C 319 1.97 -35.62 21.99
C VAL C 319 1.96 -34.56 20.90
N ALA C 320 1.02 -34.67 19.95
CA ALA C 320 0.98 -33.71 18.85
C ALA C 320 0.59 -32.33 19.35
N HIS C 321 -0.36 -32.26 20.28
CA HIS C 321 -0.75 -30.98 20.84
C HIS C 321 0.41 -30.32 21.57
N GLU C 322 1.01 -31.05 22.53
CA GLU C 322 2.09 -30.48 23.32
C GLU C 322 3.27 -30.09 22.46
N LEU C 323 3.55 -30.84 21.40
CA LEU C 323 4.64 -30.46 20.51
C LEU C 323 4.28 -29.21 19.71
N ALA C 324 3.04 -29.12 19.19
CA ALA C 324 2.62 -27.92 18.50
C ALA C 324 2.86 -26.69 19.36
N HIS C 325 2.62 -26.81 20.66
CA HIS C 325 2.89 -25.67 21.53
C HIS C 325 4.36 -25.25 21.50
N GLN C 326 5.29 -26.17 21.24
CA GLN C 326 6.71 -25.81 21.32
C GLN C 326 7.05 -24.66 20.38
N TRP C 327 6.35 -24.54 19.25
CA TRP C 327 6.45 -23.33 18.43
C TRP C 327 5.35 -22.35 18.83
N PHE C 328 4.09 -22.71 18.52
CA PHE C 328 2.92 -21.88 18.79
C PHE C 328 2.55 -22.02 20.26
N GLY C 329 2.88 -21.00 21.06
CA GLY C 329 2.74 -21.09 22.50
C GLY C 329 3.99 -20.69 23.29
N ASN C 330 5.15 -21.26 22.95
CA ASN C 330 6.38 -21.00 23.68
C ASN C 330 7.32 -20.09 22.93
N LEU C 331 7.50 -20.33 21.62
CA LEU C 331 8.30 -19.42 20.81
C LEU C 331 7.58 -18.10 20.62
N VAL C 332 6.27 -18.14 20.43
CA VAL C 332 5.40 -16.99 20.47
C VAL C 332 4.36 -17.29 21.54
N THR C 333 4.27 -16.45 22.56
CA THR C 333 3.35 -16.67 23.66
C THR C 333 2.37 -15.50 23.77
N MET C 334 1.12 -15.83 24.13
CA MET C 334 0.09 -14.83 24.34
C MET C 334 0.59 -13.71 25.22
N GLU C 335 0.26 -12.47 24.82
CA GLU C 335 0.61 -11.33 25.65
C GLU C 335 -0.13 -11.35 26.99
N TRP C 336 -1.32 -11.97 27.04
CA TRP C 336 -2.04 -12.11 28.30
C TRP C 336 -3.12 -13.17 28.13
N TRP C 337 -3.70 -13.58 29.27
CA TRP C 337 -4.60 -14.73 29.27
C TRP C 337 -5.89 -14.46 28.51
N ASN C 338 -6.21 -13.20 28.22
CA ASN C 338 -7.36 -12.96 27.37
C ASN C 338 -7.28 -13.73 26.04
N ASP C 339 -6.07 -14.14 25.61
CA ASP C 339 -5.87 -14.84 24.35
C ASP C 339 -5.60 -16.34 24.53
N LEU C 340 -5.87 -16.88 25.71
CA LEU C 340 -5.66 -18.32 25.91
C LEU C 340 -6.40 -19.13 24.86
N TRP C 341 -7.63 -18.73 24.52
CA TRP C 341 -8.40 -19.46 23.53
C TRP C 341 -7.59 -19.70 22.27
N LEU C 342 -6.85 -18.69 21.80
CA LEU C 342 -6.12 -18.85 20.56
C LEU C 342 -5.02 -19.88 20.70
N ASN C 343 -4.39 -19.95 21.87
CA ASN C 343 -3.31 -20.91 22.07
C ASN C 343 -3.85 -22.32 21.94
N GLU C 344 -4.68 -22.72 22.89
CA GLU C 344 -5.28 -24.04 22.84
C GLU C 344 -5.99 -24.26 21.50
N GLY C 345 -6.84 -23.31 21.12
CA GLY C 345 -7.52 -23.35 19.85
C GLY C 345 -6.59 -23.79 18.73
N PHE C 346 -5.39 -23.22 18.67
CA PHE C 346 -4.51 -23.54 17.56
C PHE C 346 -3.95 -24.95 17.68
N ALA C 347 -3.48 -25.31 18.89
CA ALA C 347 -2.87 -26.62 19.04
C ALA C 347 -3.87 -27.73 18.76
N LYS C 348 -5.12 -27.50 19.18
CA LYS C 348 -6.20 -28.49 18.94
C LYS C 348 -6.32 -28.69 17.42
N PHE C 349 -6.26 -27.59 16.66
CA PHE C 349 -6.25 -27.71 15.21
C PHE C 349 -5.02 -28.44 14.71
N MET C 350 -3.85 -28.15 15.29
CA MET C 350 -2.66 -28.86 14.88
C MET C 350 -2.68 -30.32 15.28
N GLU C 351 -3.44 -30.71 16.31
CA GLU C 351 -3.65 -32.13 16.56
C GLU C 351 -4.20 -32.80 15.32
N PHE C 352 -5.03 -32.10 14.56
CA PHE C 352 -5.75 -32.64 13.42
C PHE C 352 -4.92 -32.54 12.14
N VAL C 353 -4.31 -31.39 11.92
CA VAL C 353 -3.48 -31.20 10.74
C VAL C 353 -2.28 -32.13 10.78
N SER C 354 -1.70 -32.35 11.96
CA SER C 354 -0.44 -33.07 12.01
C SER C 354 -0.65 -34.57 11.94
N VAL C 355 -1.52 -35.11 12.81
CA VAL C 355 -1.68 -36.55 12.86
C VAL C 355 -2.25 -37.08 11.56
N SER C 356 -3.05 -36.27 10.86
CA SER C 356 -3.56 -36.71 9.56
C SER C 356 -2.42 -37.09 8.63
N VAL C 357 -1.27 -36.45 8.79
CA VAL C 357 -0.11 -36.70 7.94
C VAL C 357 0.81 -37.75 8.54
N THR C 358 1.21 -37.56 9.81
CA THR C 358 2.16 -38.48 10.41
C THR C 358 1.57 -39.87 10.58
N HIS C 359 0.41 -39.96 11.24
CA HIS C 359 -0.24 -41.25 11.45
C HIS C 359 -1.53 -41.35 10.66
N PRO C 360 -1.46 -41.62 9.35
CA PRO C 360 -2.70 -41.73 8.57
C PRO C 360 -3.60 -42.88 9.01
N GLU C 361 -3.04 -43.94 9.60
CA GLU C 361 -3.86 -45.11 9.94
C GLU C 361 -4.94 -44.76 10.96
N LEU C 362 -4.59 -43.99 11.99
CA LEU C 362 -5.61 -43.46 12.89
C LEU C 362 -6.58 -42.58 12.10
N LYS C 363 -7.85 -42.60 12.49
CA LYS C 363 -8.87 -41.83 11.77
C LYS C 363 -9.18 -40.52 12.52
N VAL C 364 -8.18 -39.64 12.53
CA VAL C 364 -8.25 -38.47 13.39
C VAL C 364 -9.31 -37.49 12.90
N GLY C 365 -9.62 -37.49 11.60
CA GLY C 365 -10.63 -36.58 11.08
C GLY C 365 -11.98 -36.82 11.69
N ASP C 366 -12.36 -38.10 11.83
CA ASP C 366 -13.65 -38.42 12.46
C ASP C 366 -13.74 -37.79 13.84
N TYR C 367 -12.71 -38.01 14.66
CA TYR C 367 -12.69 -37.41 15.99
C TYR C 367 -12.82 -35.89 15.93
N PHE C 368 -11.99 -35.25 15.11
CA PHE C 368 -12.00 -33.78 15.07
C PHE C 368 -13.38 -33.25 14.70
N PHE C 369 -14.02 -33.86 13.71
CA PHE C 369 -15.29 -33.33 13.24
C PHE C 369 -16.43 -33.65 14.17
N GLY C 370 -16.39 -34.80 14.85
CA GLY C 370 -17.31 -35.02 15.94
C GLY C 370 -17.16 -33.96 17.01
N LYS C 371 -15.92 -33.52 17.23
CA LYS C 371 -15.61 -32.44 18.21
C LYS C 371 -16.30 -31.15 17.75
N CYS C 372 -16.23 -30.82 16.46
CA CYS C 372 -16.93 -29.65 15.94
C CYS C 372 -18.43 -29.79 16.10
N PHE C 373 -18.97 -30.97 15.77
CA PHE C 373 -20.39 -31.18 15.92
C PHE C 373 -20.83 -30.88 17.34
N ASP C 374 -20.13 -31.46 18.32
CA ASP C 374 -20.56 -31.32 19.70
C ASP C 374 -20.44 -29.88 20.17
N ALA C 375 -19.36 -29.20 19.77
CA ALA C 375 -19.23 -27.78 20.08
C ALA C 375 -20.40 -26.99 19.52
N MET C 376 -20.84 -27.34 18.31
CA MET C 376 -21.99 -26.64 17.75
C MET C 376 -23.25 -26.92 18.56
N GLU C 377 -23.43 -28.18 18.97
CA GLU C 377 -24.67 -28.46 19.74
C GLU C 377 -24.65 -27.62 21.02
N VAL C 378 -23.50 -27.50 21.68
CA VAL C 378 -23.47 -26.69 22.90
C VAL C 378 -23.70 -25.22 22.58
N ASP C 379 -23.01 -24.70 21.56
CA ASP C 379 -23.10 -23.28 21.22
C ASP C 379 -24.52 -22.89 20.82
N ALA C 380 -25.25 -23.80 20.18
CA ALA C 380 -26.61 -23.48 19.77
C ALA C 380 -27.48 -23.18 20.96
N LEU C 381 -27.26 -23.87 22.07
CA LEU C 381 -28.10 -23.67 23.24
C LEU C 381 -27.84 -22.30 23.85
N ASN C 382 -28.84 -21.81 24.58
CA ASN C 382 -28.71 -20.51 25.24
C ASN C 382 -27.40 -20.42 26.00
N SER C 383 -27.12 -21.42 26.84
CA SER C 383 -25.92 -21.45 27.68
C SER C 383 -24.69 -21.63 26.78
N SER C 384 -23.97 -20.55 26.57
CA SER C 384 -22.74 -20.56 25.79
C SER C 384 -22.12 -19.18 25.87
N HIS C 385 -20.79 -19.15 25.85
CA HIS C 385 -20.00 -17.94 25.94
C HIS C 385 -19.15 -17.79 24.68
N PRO C 386 -18.85 -16.55 24.29
CA PRO C 386 -18.02 -16.34 23.11
C PRO C 386 -16.60 -16.83 23.35
N VAL C 387 -15.93 -17.13 22.25
CA VAL C 387 -14.58 -17.67 22.36
C VAL C 387 -13.62 -16.66 22.97
N SER C 388 -13.73 -15.39 22.57
CA SER C 388 -12.80 -14.35 23.03
C SER C 388 -13.48 -13.51 24.10
N THR C 389 -13.04 -13.70 25.34
CA THR C 389 -13.59 -12.99 26.48
C THR C 389 -12.47 -12.29 27.23
N PRO C 390 -12.73 -11.11 27.79
CA PRO C 390 -11.73 -10.47 28.65
C PRO C 390 -11.51 -11.28 29.92
N VAL C 391 -10.24 -11.34 30.35
CA VAL C 391 -9.84 -12.06 31.56
C VAL C 391 -9.06 -11.10 32.44
N GLU C 392 -9.59 -10.82 33.62
CA GLU C 392 -8.93 -9.97 34.61
C GLU C 392 -8.10 -10.79 35.59
N ASN C 393 -8.64 -11.92 36.04
CA ASN C 393 -7.90 -12.83 36.97
C ASN C 393 -7.66 -14.13 36.20
N PRO C 394 -6.42 -14.63 36.06
CA PRO C 394 -6.21 -15.84 35.25
C PRO C 394 -6.66 -17.12 35.93
N ALA C 395 -6.49 -17.24 37.24
CA ALA C 395 -6.84 -18.50 37.89
C ALA C 395 -8.35 -18.66 38.01
N GLN C 396 -8.99 -17.70 38.68
CA GLN C 396 -10.43 -17.76 38.88
C GLN C 396 -11.19 -17.78 37.55
N ILE C 397 -10.87 -16.84 36.66
CA ILE C 397 -11.55 -16.79 35.37
C ILE C 397 -11.13 -17.96 34.49
N ARG C 398 -9.92 -18.49 34.69
CA ARG C 398 -9.44 -19.59 33.88
C ARG C 398 -10.21 -20.87 34.17
N GLU C 399 -10.56 -21.10 35.44
CA GLU C 399 -11.41 -22.24 35.75
C GLU C 399 -12.75 -22.17 35.01
N MET C 400 -13.26 -20.96 34.79
CA MET C 400 -14.60 -20.82 34.22
C MET C 400 -14.65 -21.24 32.75
N PHE C 401 -13.60 -20.94 31.99
CA PHE C 401 -13.56 -21.34 30.60
C PHE C 401 -13.51 -22.86 30.48
N ASP C 402 -14.18 -23.38 29.44
CA ASP C 402 -14.28 -24.85 29.21
C ASP C 402 -13.61 -25.19 27.88
N ASP C 403 -13.28 -26.48 27.69
CA ASP C 403 -12.60 -27.00 26.48
C ASP C 403 -13.47 -26.81 25.22
N VAL C 404 -14.80 -26.83 25.36
CA VAL C 404 -15.71 -26.68 24.19
C VAL C 404 -15.38 -25.34 23.51
N SER C 405 -15.13 -24.27 24.27
CA SER C 405 -14.75 -23.03 23.62
C SER C 405 -13.48 -23.21 22.79
N TYR C 406 -12.49 -23.92 23.34
CA TYR C 406 -11.29 -24.20 22.57
C TYR C 406 -11.59 -25.06 21.35
N ASP C 407 -12.58 -25.95 21.47
CA ASP C 407 -12.99 -26.73 20.31
C ASP C 407 -13.56 -25.83 19.22
N LYS C 408 -14.42 -24.90 19.61
CA LYS C 408 -14.96 -23.95 18.64
C LYS C 408 -13.84 -23.17 17.97
N GLY C 409 -12.82 -22.79 18.73
CA GLY C 409 -11.66 -22.12 18.14
C GLY C 409 -10.94 -23.00 17.13
N ALA C 410 -10.78 -24.28 17.44
CA ALA C 410 -10.18 -25.19 16.46
C ALA C 410 -11.01 -25.28 15.19
N CYS C 411 -12.33 -25.36 15.33
CA CYS C 411 -13.19 -25.40 14.14
C CYS C 411 -13.06 -24.11 13.33
N ILE C 412 -13.14 -22.96 14.00
CA ILE C 412 -12.93 -21.67 13.35
C ILE C 412 -11.61 -21.67 12.57
N LEU C 413 -10.54 -22.18 13.17
CA LEU C 413 -9.27 -22.21 12.45
C LEU C 413 -9.36 -23.09 11.21
N ASN C 414 -10.00 -24.27 11.35
CA ASN C 414 -10.14 -25.12 10.18
C ASN C 414 -10.89 -24.40 9.07
N MET C 415 -11.94 -23.66 9.42
CA MET C 415 -12.74 -22.97 8.43
C MET C 415 -11.93 -21.90 7.73
N LEU C 416 -11.21 -21.09 8.53
CA LEU C 416 -10.36 -20.07 7.94
C LEU C 416 -9.34 -20.69 6.99
N ARG C 417 -8.73 -21.80 7.40
CA ARG C 417 -7.77 -22.48 6.53
C ARG C 417 -8.41 -22.89 5.22
N GLU C 418 -9.55 -23.58 5.28
CA GLU C 418 -10.16 -24.05 4.04
C GLU C 418 -10.57 -22.88 3.15
N TYR C 419 -11.00 -21.77 3.72
CA TYR C 419 -11.46 -20.66 2.87
C TYR C 419 -10.29 -20.00 2.14
N LEU C 420 -9.26 -19.61 2.89
CA LEU C 420 -7.98 -19.29 2.28
C LEU C 420 -7.44 -20.54 1.62
N SER C 421 -6.41 -20.38 0.81
CA SER C 421 -5.69 -21.57 0.42
C SER C 421 -5.14 -22.24 1.68
N ALA C 422 -4.76 -23.52 1.54
CA ALA C 422 -4.05 -24.18 2.64
C ALA C 422 -2.62 -23.66 2.74
N ASP C 423 -1.94 -23.53 1.60
CA ASP C 423 -0.61 -22.94 1.61
C ASP C 423 -0.64 -21.49 2.07
N ALA C 424 -1.71 -20.76 1.78
CA ALA C 424 -1.81 -19.38 2.24
C ALA C 424 -1.92 -19.31 3.76
N PHE C 425 -2.77 -20.16 4.34
CA PHE C 425 -2.83 -20.27 5.80
C PHE C 425 -1.45 -20.60 6.37
N LYS C 426 -0.78 -21.59 5.77
CA LYS C 426 0.52 -22.01 6.29
C LYS C 426 1.53 -20.85 6.20
N SER C 427 1.47 -20.08 5.12
CA SER C 427 2.35 -18.92 4.98
C SER C 427 2.09 -17.91 6.08
N GLY C 428 0.81 -17.62 6.33
CA GLY C 428 0.47 -16.75 7.44
C GLY C 428 1.06 -17.24 8.74
N ILE C 429 0.90 -18.54 9.01
CA ILE C 429 1.37 -19.08 10.28
C ILE C 429 2.88 -18.94 10.38
N VAL C 430 3.60 -19.27 9.31
CA VAL C 430 5.06 -19.16 9.32
C VAL C 430 5.47 -17.72 9.59
N GLN C 431 4.98 -16.80 8.76
CA GLN C 431 5.34 -15.40 8.92
C GLN C 431 5.06 -14.94 10.35
N TYR C 432 3.94 -15.35 10.92
CA TYR C 432 3.64 -15.02 12.31
C TYR C 432 4.76 -15.51 13.23
N LEU C 433 5.02 -16.81 13.19
CA LEU C 433 6.02 -17.36 14.11
C LEU C 433 7.38 -16.71 13.90
N GLN C 434 7.63 -16.17 12.71
CA GLN C 434 8.95 -15.61 12.50
C GLN C 434 9.02 -14.17 12.98
N LYS C 435 8.04 -13.35 12.59
CA LYS C 435 8.05 -11.96 13.00
C LYS C 435 7.98 -11.80 14.52
N HIS C 436 7.46 -12.80 15.23
CA HIS C 436 7.25 -12.65 16.67
C HIS C 436 8.05 -13.66 17.48
N SER C 437 9.10 -14.23 16.91
CA SER C 437 9.91 -15.18 17.67
C SER C 437 10.39 -14.55 18.97
N TYR C 438 10.20 -15.29 20.07
CA TYR C 438 10.69 -14.93 21.40
C TYR C 438 10.09 -13.62 21.90
N LYS C 439 8.89 -13.31 21.43
CA LYS C 439 8.15 -12.14 21.87
C LYS C 439 6.70 -12.56 22.13
N ASN C 440 5.82 -11.57 22.34
CA ASN C 440 4.42 -11.80 22.71
C ASN C 440 3.49 -11.12 21.71
N THR C 441 2.30 -11.69 21.55
CA THR C 441 1.34 -11.25 20.54
C THR C 441 -0.03 -11.10 21.17
N LYS C 442 -0.87 -10.31 20.51
CA LYS C 442 -2.29 -10.28 20.79
C LYS C 442 -3.02 -11.12 19.76
N ASN C 443 -4.29 -11.40 20.03
CA ASN C 443 -5.09 -12.18 19.10
C ASN C 443 -4.97 -11.64 17.66
N GLU C 444 -5.22 -10.34 17.48
CA GLU C 444 -5.23 -9.73 16.16
C GLU C 444 -3.88 -9.74 15.46
N ASP C 445 -2.77 -9.98 16.17
CA ASP C 445 -1.50 -10.08 15.48
C ASP C 445 -1.48 -11.26 14.51
N LEU C 446 -2.08 -12.39 14.90
CA LEU C 446 -2.13 -13.53 14.00
C LEU C 446 -3.03 -13.25 12.81
N TRP C 447 -4.14 -12.54 13.04
CA TRP C 447 -5.01 -12.21 11.92
C TRP C 447 -4.28 -11.28 10.96
N ASP C 448 -3.52 -10.33 11.49
CA ASP C 448 -2.76 -9.44 10.62
C ASP C 448 -1.76 -10.24 9.80
N SER C 449 -1.11 -11.23 10.41
CA SER C 449 -0.18 -12.06 9.65
C SER C 449 -0.90 -12.83 8.55
N MET C 450 -2.05 -13.44 8.87
CA MET C 450 -2.81 -14.15 7.84
C MET C 450 -3.18 -13.23 6.69
N ALA C 451 -3.61 -12.01 7.00
CA ALA C 451 -4.11 -11.10 5.97
C ALA C 451 -3.03 -10.66 4.98
N SER C 452 -1.76 -10.95 5.23
CA SER C 452 -0.69 -10.44 4.37
C SER C 452 -0.19 -11.47 3.37
N ILE C 453 -1.06 -12.39 2.94
CA ILE C 453 -0.68 -13.45 2.02
C ILE C 453 -1.33 -13.17 0.65
N CYS C 454 -0.66 -13.64 -0.42
CA CYS C 454 -1.06 -13.39 -1.80
C CYS C 454 -2.22 -14.30 -2.20
N PRO C 455 -3.20 -13.77 -2.96
CA PRO C 455 -4.35 -14.59 -3.37
C PRO C 455 -4.19 -15.15 -4.78
N THR C 456 -4.51 -16.44 -4.94
CA THR C 456 -4.45 -17.14 -6.22
C THR C 456 -3.24 -16.69 -7.05
N ASP C 457 -3.46 -16.35 -8.32
CA ASP C 457 -2.38 -15.88 -9.18
C ASP C 457 -1.29 -16.93 -9.34
N GLU C 481 -8.44 -10.22 -4.37
CA GLU C 481 -9.18 -9.46 -3.35
C GLU C 481 -8.60 -9.74 -1.96
N ARG C 482 -8.03 -8.71 -1.34
CA ARG C 482 -7.58 -8.84 0.04
C ARG C 482 -8.71 -9.35 0.92
N VAL C 483 -8.38 -10.25 1.85
CA VAL C 483 -9.42 -10.98 2.58
C VAL C 483 -9.88 -10.24 3.83
N ASP C 484 -8.95 -9.60 4.56
CA ASP C 484 -9.25 -8.88 5.79
C ASP C 484 -9.71 -9.85 6.88
N VAL C 485 -8.72 -10.60 7.38
CA VAL C 485 -9.02 -11.69 8.29
C VAL C 485 -9.45 -11.17 9.65
N LYS C 486 -8.86 -10.06 10.12
CA LYS C 486 -9.18 -9.58 11.45
C LYS C 486 -10.68 -9.34 11.61
N THR C 487 -11.24 -8.54 10.70
CA THR C 487 -12.64 -8.18 10.81
C THR C 487 -13.52 -9.40 10.83
N MET C 488 -13.17 -10.40 10.01
CA MET C 488 -13.98 -11.62 9.93
C MET C 488 -13.87 -12.42 11.21
N MET C 489 -12.65 -12.69 11.66
CA MET C 489 -12.46 -13.55 12.82
C MET C 489 -13.03 -12.92 14.09
N ASN C 490 -13.06 -11.60 14.17
CA ASN C 490 -13.63 -11.03 15.39
C ASN C 490 -15.10 -11.36 15.52
N THR C 491 -15.81 -11.47 14.39
CA THR C 491 -17.21 -11.86 14.43
C THR C 491 -17.40 -13.30 14.84
N TRP C 492 -16.40 -14.15 14.64
CA TRP C 492 -16.52 -15.53 15.08
C TRP C 492 -16.01 -15.75 16.49
N THR C 493 -15.25 -14.80 17.03
CA THR C 493 -14.72 -14.94 18.38
C THR C 493 -15.44 -14.09 19.41
N LEU C 494 -15.98 -12.94 19.04
CA LEU C 494 -16.61 -12.05 20.01
C LEU C 494 -18.12 -12.22 20.09
N GLN C 495 -18.70 -13.14 19.32
CA GLN C 495 -20.14 -13.39 19.30
C GLN C 495 -20.40 -14.85 19.64
N ARG C 496 -21.31 -15.09 20.57
CA ARG C 496 -21.68 -16.46 20.90
C ARG C 496 -22.60 -17.04 19.83
N GLY C 497 -22.48 -18.34 19.61
CA GLY C 497 -23.31 -19.01 18.63
C GLY C 497 -22.71 -18.95 17.24
N PHE C 498 -23.49 -19.47 16.27
CA PHE C 498 -23.14 -19.52 14.85
C PHE C 498 -24.34 -19.22 13.98
N PRO C 499 -24.15 -18.99 12.68
CA PRO C 499 -25.27 -18.66 11.80
C PRO C 499 -25.89 -19.87 11.12
N LEU C 500 -27.15 -19.69 10.74
CA LEU C 500 -27.85 -20.56 9.81
C LEU C 500 -27.91 -19.87 8.46
N ILE C 501 -27.45 -20.57 7.42
CA ILE C 501 -27.47 -20.06 6.06
C ILE C 501 -28.66 -20.67 5.33
N THR C 502 -29.43 -19.85 4.63
CA THR C 502 -30.62 -20.27 3.91
C THR C 502 -30.39 -19.97 2.43
N ILE C 503 -30.12 -21.00 1.64
CA ILE C 503 -29.90 -20.84 0.20
C ILE C 503 -31.25 -20.99 -0.51
N THR C 504 -31.73 -19.91 -1.14
CA THR C 504 -32.89 -19.96 -2.03
C THR C 504 -32.42 -19.75 -3.46
N VAL C 505 -32.65 -20.74 -4.31
CA VAL C 505 -32.15 -20.73 -5.68
C VAL C 505 -33.31 -20.42 -6.63
N ARG C 506 -33.08 -19.49 -7.55
CA ARG C 506 -34.08 -19.10 -8.55
C ARG C 506 -33.35 -18.99 -9.89
N GLY C 507 -33.44 -20.04 -10.70
CA GLY C 507 -32.76 -20.08 -11.97
C GLY C 507 -31.26 -20.09 -11.83
N ARG C 508 -30.62 -18.93 -12.01
CA ARG C 508 -29.20 -18.76 -11.78
C ARG C 508 -28.90 -17.85 -10.60
N ASN C 509 -29.91 -17.30 -9.94
CA ASN C 509 -29.70 -16.43 -8.78
C ASN C 509 -29.72 -17.28 -7.53
N VAL C 510 -28.55 -17.51 -6.95
CA VAL C 510 -28.44 -18.16 -5.65
C VAL C 510 -28.47 -17.04 -4.60
N HIS C 511 -29.56 -16.96 -3.85
CA HIS C 511 -29.76 -15.92 -2.84
C HIS C 511 -29.46 -16.51 -1.46
N MET C 512 -28.52 -15.89 -0.75
CA MET C 512 -28.08 -16.36 0.56
C MET C 512 -28.53 -15.43 1.66
N LYS C 513 -28.88 -16.03 2.80
CA LYS C 513 -29.37 -15.35 3.98
C LYS C 513 -28.75 -15.99 5.21
N GLN C 514 -28.49 -15.18 6.22
CA GLN C 514 -27.90 -15.67 7.46
C GLN C 514 -28.75 -15.19 8.63
N GLU C 515 -28.91 -16.05 9.61
CA GLU C 515 -29.55 -15.68 10.86
C GLU C 515 -28.84 -16.38 12.01
N HIS C 516 -29.06 -15.91 13.22
CA HIS C 516 -28.45 -16.55 14.37
C HIS C 516 -29.19 -17.85 14.69
N TYR C 517 -28.50 -18.98 14.60
CA TYR C 517 -29.11 -20.27 14.83
C TYR C 517 -29.35 -20.46 16.33
N MET C 518 -30.63 -20.56 16.72
CA MET C 518 -31.01 -20.78 18.13
C MET C 518 -31.91 -22.01 18.26
N LYS C 519 -31.46 -23.03 19.00
CA LYS C 519 -32.24 -24.28 19.20
C LYS C 519 -33.51 -24.03 20.03
N GLY C 520 -33.39 -23.21 21.09
CA GLY C 520 -34.52 -22.94 22.02
C GLY C 520 -35.70 -22.24 21.38
N SER C 521 -36.91 -22.71 21.68
CA SER C 521 -38.17 -22.12 21.15
C SER C 521 -38.90 -21.29 22.23
N ASP C 522 -38.36 -21.23 23.44
CA ASP C 522 -38.98 -20.45 24.54
C ASP C 522 -38.25 -19.11 24.66
N GLY C 523 -38.97 -17.99 24.66
CA GLY C 523 -38.28 -16.70 24.72
C GLY C 523 -37.38 -16.60 23.49
N ALA C 524 -36.07 -16.38 23.71
CA ALA C 524 -35.11 -16.33 22.58
C ALA C 524 -35.56 -15.33 21.51
N PRO C 525 -35.87 -14.07 21.87
CA PRO C 525 -36.25 -13.05 20.88
C PRO C 525 -35.22 -12.93 19.74
N ASP C 526 -35.67 -12.47 18.57
CA ASP C 526 -34.81 -12.40 17.36
C ASP C 526 -33.51 -11.65 17.67
N THR C 527 -32.40 -12.26 17.27
CA THR C 527 -31.04 -11.76 17.48
C THR C 527 -30.68 -10.74 16.40
N GLY C 528 -29.62 -9.98 16.65
CA GLY C 528 -29.11 -9.06 15.66
C GLY C 528 -27.72 -9.39 15.19
N TYR C 529 -27.34 -10.66 15.34
CA TYR C 529 -25.98 -11.11 15.06
C TYR C 529 -25.71 -11.17 13.56
N LEU C 530 -24.46 -10.90 13.19
CA LEU C 530 -24.00 -10.99 11.80
C LEU C 530 -22.54 -11.42 11.76
N TRP C 531 -22.24 -12.36 10.87
CA TRP C 531 -20.90 -12.90 10.70
C TRP C 531 -20.39 -12.59 9.30
N HIS C 532 -19.07 -12.71 9.12
CA HIS C 532 -18.46 -12.72 7.80
C HIS C 532 -18.25 -14.19 7.40
N VAL C 533 -19.34 -14.79 6.94
CA VAL C 533 -19.35 -16.24 6.69
C VAL C 533 -18.58 -16.56 5.42
N PRO C 534 -17.49 -17.32 5.50
CA PRO C 534 -16.70 -17.67 4.30
C PRO C 534 -17.29 -18.86 3.56
N LEU C 535 -18.45 -18.66 2.93
CA LEU C 535 -19.14 -19.76 2.29
C LEU C 535 -18.26 -20.40 1.22
N THR C 536 -18.33 -21.72 1.16
CA THR C 536 -17.83 -22.49 0.03
C THR C 536 -18.96 -23.38 -0.48
N PHE C 537 -18.98 -23.59 -1.79
CA PHE C 537 -20.05 -24.39 -2.37
C PHE C 537 -19.53 -25.10 -3.62
N ILE C 538 -20.21 -26.18 -3.97
CA ILE C 538 -20.02 -26.88 -5.25
C ILE C 538 -21.38 -27.09 -5.90
N THR C 539 -21.35 -27.48 -7.18
CA THR C 539 -22.57 -27.72 -7.93
C THR C 539 -22.41 -28.95 -8.80
N SER C 540 -23.55 -29.47 -9.26
CA SER C 540 -23.55 -30.67 -10.08
C SER C 540 -22.66 -30.52 -11.31
N LYS C 541 -22.66 -29.32 -11.92
CA LYS C 541 -21.92 -29.15 -13.16
C LYS C 541 -20.43 -28.99 -12.91
N SER C 542 -20.06 -28.28 -11.84
CA SER C 542 -18.68 -27.92 -11.57
C SER C 542 -18.11 -28.78 -10.45
N ASP C 543 -16.97 -29.40 -10.73
CA ASP C 543 -16.21 -30.11 -9.71
C ASP C 543 -15.36 -29.17 -8.86
N MET C 544 -15.22 -27.92 -9.28
CA MET C 544 -14.41 -26.94 -8.57
C MET C 544 -15.07 -26.57 -7.24
N VAL C 545 -14.33 -25.86 -6.41
CA VAL C 545 -14.84 -25.40 -5.12
C VAL C 545 -14.91 -23.88 -5.18
N HIS C 546 -16.11 -23.34 -5.19
CA HIS C 546 -16.29 -21.90 -5.30
C HIS C 546 -16.45 -21.27 -3.92
N ARG C 547 -16.03 -20.02 -3.81
CA ARG C 547 -16.03 -19.31 -2.55
C ARG C 547 -16.86 -18.04 -2.67
N PHE C 548 -17.54 -17.68 -1.59
CA PHE C 548 -18.27 -16.42 -1.54
C PHE C 548 -18.29 -15.96 -0.10
N LEU C 549 -17.87 -14.73 0.14
CA LEU C 549 -17.82 -14.19 1.49
C LEU C 549 -19.13 -13.45 1.74
N LEU C 550 -20.03 -14.08 2.49
CA LEU C 550 -21.28 -13.44 2.87
C LEU C 550 -21.03 -12.51 4.05
N LYS C 551 -21.10 -11.20 3.80
CA LYS C 551 -20.80 -10.21 4.84
C LYS C 551 -22.02 -9.53 5.42
N THR C 552 -23.20 -9.78 4.87
CA THR C 552 -24.39 -9.05 5.27
C THR C 552 -25.53 -10.02 5.55
N LYS C 553 -26.68 -9.44 5.90
CA LYS C 553 -27.85 -10.25 6.20
C LYS C 553 -28.27 -11.07 4.99
N THR C 554 -28.05 -10.53 3.80
CA THR C 554 -28.57 -11.07 2.55
C THR C 554 -27.66 -10.71 1.39
N ASP C 555 -27.37 -11.67 0.51
CA ASP C 555 -26.61 -11.37 -0.69
C ASP C 555 -26.96 -12.39 -1.78
N VAL C 556 -26.43 -12.16 -2.98
CA VAL C 556 -26.87 -12.94 -4.14
C VAL C 556 -25.70 -13.16 -5.08
N LEU C 557 -25.54 -14.41 -5.51
CA LEU C 557 -24.55 -14.84 -6.50
C LEU C 557 -25.28 -15.32 -7.74
N ILE C 558 -24.64 -15.25 -8.90
CA ILE C 558 -25.24 -15.74 -10.14
C ILE C 558 -24.34 -16.80 -10.75
N LEU C 559 -24.89 -17.99 -10.94
CA LEU C 559 -24.15 -19.07 -11.57
C LEU C 559 -24.17 -18.90 -13.09
N PRO C 560 -23.11 -19.36 -13.77
CA PRO C 560 -23.13 -19.32 -15.24
C PRO C 560 -24.32 -20.01 -15.86
N GLU C 561 -24.78 -21.10 -15.28
CA GLU C 561 -25.90 -21.86 -15.83
C GLU C 561 -26.66 -22.49 -14.68
N GLU C 562 -27.91 -22.88 -14.97
CA GLU C 562 -28.67 -23.63 -13.97
C GLU C 562 -27.93 -24.89 -13.58
N VAL C 563 -28.16 -25.35 -12.36
CA VAL C 563 -27.52 -26.55 -11.86
C VAL C 563 -28.56 -27.43 -11.19
N GLU C 564 -28.51 -28.74 -11.48
CA GLU C 564 -29.45 -29.67 -10.89
C GLU C 564 -29.39 -29.66 -9.37
N TRP C 565 -28.24 -29.31 -8.79
CA TRP C 565 -28.14 -29.26 -7.34
C TRP C 565 -26.89 -28.50 -6.94
N ILE C 566 -26.98 -27.83 -5.79
CA ILE C 566 -25.86 -27.08 -5.24
C ILE C 566 -25.74 -27.44 -3.77
N LYS C 567 -24.52 -27.36 -3.24
CA LYS C 567 -24.26 -27.70 -1.85
C LYS C 567 -23.21 -26.75 -1.27
N PHE C 568 -23.55 -26.15 -0.14
CA PHE C 568 -22.66 -25.22 0.56
C PHE C 568 -21.93 -25.93 1.69
N ASN C 569 -20.96 -25.22 2.26
CA ASN C 569 -20.11 -25.72 3.33
C ASN C 569 -19.42 -27.01 2.92
N VAL C 570 -18.61 -26.90 1.88
CA VAL C 570 -18.01 -28.09 1.27
C VAL C 570 -17.06 -28.75 2.25
N GLY C 571 -17.06 -30.07 2.25
CA GLY C 571 -16.19 -30.82 3.13
C GLY C 571 -16.53 -30.73 4.60
N MET C 572 -17.57 -29.99 4.95
CA MET C 572 -17.98 -29.83 6.34
C MET C 572 -16.96 -29.04 7.16
N ASN C 573 -16.23 -28.14 6.52
CA ASN C 573 -15.18 -27.41 7.21
C ASN C 573 -15.63 -26.08 7.76
N GLY C 574 -16.85 -25.65 7.49
CA GLY C 574 -17.34 -24.39 7.97
C GLY C 574 -18.10 -24.62 9.25
N TYR C 575 -18.14 -23.59 10.09
CA TYR C 575 -18.85 -23.66 11.36
C TYR C 575 -20.21 -22.98 11.23
N TYR C 576 -21.07 -23.59 10.43
CA TYR C 576 -22.43 -23.11 10.29
C TYR C 576 -23.33 -24.25 9.83
N ILE C 577 -24.63 -23.98 9.79
CA ILE C 577 -25.60 -24.91 9.23
C ILE C 577 -26.22 -24.27 7.99
N VAL C 578 -26.55 -25.08 7.00
CA VAL C 578 -27.21 -24.60 5.79
C VAL C 578 -28.55 -25.31 5.63
N HIS C 579 -29.55 -24.51 5.26
CA HIS C 579 -30.91 -24.97 5.00
C HIS C 579 -31.26 -24.61 3.57
N TYR C 580 -31.47 -25.62 2.73
CA TYR C 580 -31.77 -25.42 1.32
C TYR C 580 -33.27 -25.20 1.17
N GLU C 581 -33.64 -24.00 0.72
CA GLU C 581 -35.04 -23.65 0.61
C GLU C 581 -35.68 -24.34 -0.60
N ASP C 582 -37.00 -24.38 -0.62
CA ASP C 582 -37.74 -24.98 -1.73
C ASP C 582 -37.21 -26.40 -1.93
N ASP C 583 -36.94 -26.85 -3.16
CA ASP C 583 -36.64 -28.24 -3.44
C ASP C 583 -35.18 -28.59 -3.23
N GLY C 584 -34.40 -27.67 -2.67
CA GLY C 584 -32.99 -27.95 -2.46
C GLY C 584 -32.79 -29.29 -1.79
N TRP C 585 -33.48 -29.50 -0.66
CA TRP C 585 -33.30 -30.74 0.07
C TRP C 585 -33.75 -31.92 -0.78
N ASP C 586 -34.80 -31.74 -1.58
CA ASP C 586 -35.22 -32.80 -2.47
C ASP C 586 -34.10 -33.22 -3.41
N SER C 587 -33.48 -32.27 -4.10
CA SER C 587 -32.43 -32.62 -5.05
C SER C 587 -31.22 -33.23 -4.36
N LEU C 588 -30.87 -32.72 -3.18
CA LEU C 588 -29.77 -33.35 -2.47
C LEU C 588 -30.14 -34.78 -2.05
N THR C 589 -31.41 -35.02 -1.70
CA THR C 589 -31.81 -36.37 -1.35
C THR C 589 -31.70 -37.28 -2.55
N GLY C 590 -32.14 -36.77 -3.70
CA GLY C 590 -31.97 -37.53 -4.93
C GLY C 590 -30.51 -37.84 -5.19
N LEU C 591 -29.63 -36.88 -4.92
CA LEU C 591 -28.21 -37.10 -5.17
C LEU C 591 -27.68 -38.21 -4.27
N LEU C 592 -27.92 -38.09 -2.97
CA LEU C 592 -27.44 -39.12 -2.05
C LEU C 592 -28.02 -40.48 -2.38
N LYS C 593 -29.28 -40.52 -2.86
CA LYS C 593 -29.88 -41.81 -3.17
C LYS C 593 -29.40 -42.38 -4.50
N GLY C 594 -28.92 -41.51 -5.40
CA GLY C 594 -28.54 -41.96 -6.72
C GLY C 594 -27.10 -42.39 -6.80
N THR C 595 -26.22 -41.65 -6.13
CA THR C 595 -24.81 -41.99 -6.15
C THR C 595 -24.27 -42.07 -4.72
N HIS C 596 -24.17 -40.92 -4.06
CA HIS C 596 -23.79 -40.79 -2.66
C HIS C 596 -22.27 -40.69 -2.56
N THR C 597 -21.56 -41.11 -3.61
CA THR C 597 -20.11 -40.94 -3.65
C THR C 597 -19.70 -39.66 -4.34
N ALA C 598 -20.66 -38.81 -4.74
CA ALA C 598 -20.37 -37.56 -5.42
C ALA C 598 -20.00 -36.44 -4.46
N VAL C 599 -20.18 -36.63 -3.16
CA VAL C 599 -19.72 -35.69 -2.16
C VAL C 599 -18.98 -36.46 -1.08
N SER C 600 -18.04 -35.79 -0.41
CA SER C 600 -17.21 -36.47 0.57
C SER C 600 -18.07 -37.07 1.66
N SER C 601 -17.58 -38.19 2.24
CA SER C 601 -18.28 -38.79 3.36
C SER C 601 -18.62 -37.74 4.40
N ASN C 602 -17.71 -36.80 4.64
CA ASN C 602 -18.02 -35.71 5.54
C ASN C 602 -19.15 -34.85 5.01
N ASP C 603 -19.24 -34.68 3.70
CA ASP C 603 -20.36 -33.89 3.18
C ASP C 603 -21.68 -34.58 3.42
N ARG C 604 -21.73 -35.90 3.26
CA ARG C 604 -22.97 -36.61 3.53
C ARG C 604 -23.30 -36.57 5.02
N ALA C 605 -22.30 -36.69 5.88
CA ALA C 605 -22.55 -36.50 7.31
C ALA C 605 -23.14 -35.12 7.58
N SER C 606 -22.55 -34.09 6.96
CA SER C 606 -23.10 -32.74 7.01
C SER C 606 -24.58 -32.74 6.65
N LEU C 607 -24.93 -33.40 5.55
CA LEU C 607 -26.31 -33.37 5.10
C LEU C 607 -27.23 -34.04 6.11
N ILE C 608 -26.91 -35.27 6.51
CA ILE C 608 -27.75 -35.96 7.49
C ILE C 608 -27.94 -35.09 8.72
N ASN C 609 -26.84 -34.57 9.25
CA ASN C 609 -26.90 -33.80 10.48
C ASN C 609 -27.75 -32.55 10.30
N ASN C 610 -27.48 -31.77 9.26
CA ASN C 610 -28.23 -30.53 9.04
C ASN C 610 -29.71 -30.81 8.84
N ALA C 611 -30.04 -31.76 7.95
CA ALA C 611 -31.44 -32.05 7.71
C ALA C 611 -32.15 -32.36 9.02
N PHE C 612 -31.55 -33.22 9.86
CA PHE C 612 -32.21 -33.58 11.11
C PHE C 612 -32.15 -32.45 12.14
N GLN C 613 -31.22 -31.51 12.01
CA GLN C 613 -31.23 -30.35 12.90
C GLN C 613 -32.29 -29.35 12.50
N LEU C 614 -32.70 -29.38 11.24
CA LEU C 614 -33.73 -28.46 10.81
C LEU C 614 -35.11 -29.06 10.97
N VAL C 615 -35.22 -30.39 10.92
CA VAL C 615 -36.51 -31.01 11.22
C VAL C 615 -36.86 -30.77 12.67
N SER C 616 -35.90 -30.34 13.48
CA SER C 616 -36.15 -30.12 14.89
C SER C 616 -36.37 -28.65 15.23
N ILE C 617 -36.29 -27.75 14.26
CA ILE C 617 -36.54 -26.34 14.50
C ILE C 617 -37.62 -25.77 13.59
N GLY C 618 -38.36 -26.64 12.90
CA GLY C 618 -39.46 -26.19 12.07
C GLY C 618 -39.10 -25.73 10.68
N LYS C 619 -37.87 -26.00 10.22
CA LYS C 619 -37.49 -25.62 8.86
C LYS C 619 -37.68 -26.75 7.87
N LEU C 620 -37.56 -28.00 8.30
CA LEU C 620 -37.71 -29.12 7.40
C LEU C 620 -38.77 -30.07 7.95
N SER C 621 -39.45 -30.79 7.04
CA SER C 621 -40.48 -31.75 7.43
C SER C 621 -39.86 -33.11 7.70
N ILE C 622 -40.33 -33.77 8.77
CA ILE C 622 -39.64 -34.94 9.28
C ILE C 622 -39.53 -36.03 8.22
N GLU C 623 -40.55 -36.16 7.37
CA GLU C 623 -40.47 -37.19 6.36
C GLU C 623 -39.37 -36.88 5.35
N LYS C 624 -39.08 -35.61 5.09
CA LYS C 624 -38.01 -35.28 4.15
C LYS C 624 -36.68 -35.78 4.68
N ALA C 625 -36.42 -35.56 5.97
CA ALA C 625 -35.17 -36.03 6.55
C ALA C 625 -35.14 -37.55 6.61
N LEU C 626 -36.27 -38.19 6.84
CA LEU C 626 -36.27 -39.66 6.85
C LEU C 626 -35.99 -40.23 5.45
N ASP C 627 -36.60 -39.64 4.41
CA ASP C 627 -36.23 -40.00 3.05
C ASP C 627 -34.73 -39.80 2.84
N LEU C 628 -34.19 -38.69 3.30
CA LEU C 628 -32.76 -38.46 3.14
C LEU C 628 -31.96 -39.57 3.78
N SER C 629 -32.37 -40.00 4.98
CA SER C 629 -31.63 -41.03 5.69
C SER C 629 -31.81 -42.40 5.07
N LEU C 630 -32.85 -42.59 4.25
CA LEU C 630 -33.04 -43.87 3.58
C LEU C 630 -31.78 -44.33 2.86
N TYR C 631 -30.94 -43.40 2.41
CA TYR C 631 -29.77 -43.78 1.61
C TYR C 631 -28.71 -44.51 2.42
N LEU C 632 -28.83 -44.55 3.75
CA LEU C 632 -27.78 -45.18 4.56
C LEU C 632 -27.63 -46.67 4.30
N LYS C 633 -28.60 -47.31 3.64
CA LYS C 633 -28.42 -48.69 3.22
C LYS C 633 -27.09 -48.88 2.52
N HIS C 634 -26.72 -47.92 1.66
CA HIS C 634 -25.48 -48.03 0.90
C HIS C 634 -24.32 -47.33 1.55
N GLU C 635 -24.53 -46.67 2.70
CA GLU C 635 -23.46 -45.92 3.33
C GLU C 635 -22.41 -46.84 3.94
N THR C 636 -21.14 -46.51 3.72
CA THR C 636 -20.03 -47.33 4.17
C THR C 636 -19.10 -46.67 5.18
N GLU C 637 -19.07 -45.34 5.25
CA GLU C 637 -18.19 -44.62 6.15
C GLU C 637 -18.84 -44.46 7.53
N ILE C 638 -17.98 -44.21 8.53
CA ILE C 638 -18.44 -44.25 9.91
C ILE C 638 -19.23 -42.98 10.27
N MET C 639 -18.64 -41.82 9.98
CA MET C 639 -19.23 -40.53 10.37
C MET C 639 -20.69 -40.40 9.97
N PRO C 640 -21.08 -40.66 8.72
CA PRO C 640 -22.51 -40.50 8.36
C PRO C 640 -23.41 -41.46 9.10
N VAL C 641 -22.98 -42.71 9.27
CA VAL C 641 -23.82 -43.66 10.00
C VAL C 641 -24.01 -43.20 11.44
N PHE C 642 -22.94 -42.70 12.07
CA PHE C 642 -23.06 -42.23 13.45
C PHE C 642 -23.98 -41.03 13.54
N GLN C 643 -23.92 -40.12 12.56
CA GLN C 643 -24.86 -39.01 12.56
C GLN C 643 -26.29 -39.52 12.46
N GLY C 644 -26.54 -40.43 11.51
CA GLY C 644 -27.86 -41.00 11.39
C GLY C 644 -28.35 -41.61 12.68
N LEU C 645 -27.47 -42.34 13.37
CA LEU C 645 -27.89 -42.98 14.63
C LEU C 645 -28.21 -41.92 15.68
N ASN C 646 -27.29 -40.99 15.92
CA ASN C 646 -27.55 -39.92 16.89
C ASN C 646 -28.83 -39.17 16.59
N GLU C 647 -29.31 -39.20 15.34
CA GLU C 647 -30.56 -38.51 15.04
C GLU C 647 -31.79 -39.42 15.08
N LEU C 648 -31.61 -40.72 14.91
CA LEU C 648 -32.73 -41.65 14.83
C LEU C 648 -33.03 -42.34 16.17
N ILE C 649 -32.01 -42.85 16.84
CA ILE C 649 -32.25 -43.58 18.10
C ILE C 649 -33.10 -42.77 19.08
N PRO C 650 -32.80 -41.51 19.37
CA PRO C 650 -33.61 -40.77 20.35
C PRO C 650 -35.08 -40.79 20.05
N MET C 651 -35.47 -40.82 18.77
CA MET C 651 -36.88 -40.74 18.44
C MET C 651 -37.62 -42.00 18.90
N TYR C 652 -37.09 -43.17 18.57
CA TYR C 652 -37.76 -44.37 19.03
C TYR C 652 -37.63 -44.54 20.53
N LYS C 653 -36.57 -43.98 21.14
CA LYS C 653 -36.51 -44.00 22.60
C LYS C 653 -37.62 -43.16 23.22
N LEU C 654 -37.96 -42.04 22.56
CA LEU C 654 -39.11 -41.22 22.98
C LEU C 654 -40.41 -41.99 22.81
N MET C 655 -40.50 -42.79 21.75
CA MET C 655 -41.69 -43.61 21.54
C MET C 655 -41.81 -44.73 22.59
N GLU C 656 -40.68 -45.22 23.12
CA GLU C 656 -40.74 -46.26 24.13
C GLU C 656 -41.55 -45.83 25.35
N LYS C 657 -41.45 -44.55 25.73
CA LYS C 657 -42.17 -44.02 26.88
C LYS C 657 -43.56 -43.50 26.52
N ARG C 658 -43.95 -43.63 25.27
CA ARG C 658 -45.28 -43.22 24.83
C ARG C 658 -46.31 -44.28 25.22
N ASP C 659 -47.58 -43.88 25.21
CA ASP C 659 -48.64 -44.79 25.65
C ASP C 659 -48.98 -45.81 24.58
N MET C 660 -48.93 -45.44 23.30
CA MET C 660 -49.33 -46.31 22.22
C MET C 660 -48.11 -46.70 21.38
N ASN C 661 -47.93 -48.01 21.19
CA ASN C 661 -46.72 -48.56 20.57
C ASN C 661 -46.99 -49.17 19.20
N GLU C 662 -48.03 -48.73 18.49
CA GLU C 662 -48.33 -49.30 17.19
C GLU C 662 -47.24 -48.94 16.17
N VAL C 663 -46.93 -47.66 16.03
CA VAL C 663 -45.93 -47.23 15.05
C VAL C 663 -44.51 -47.46 15.53
N GLU C 664 -44.29 -47.64 16.84
CA GLU C 664 -42.93 -47.82 17.33
C GLU C 664 -42.31 -49.09 16.77
N THR C 665 -43.10 -50.15 16.67
CA THR C 665 -42.59 -51.38 16.08
C THR C 665 -42.10 -51.12 14.67
N GLN C 666 -42.92 -50.46 13.86
CA GLN C 666 -42.54 -50.18 12.49
C GLN C 666 -41.27 -49.33 12.44
N PHE C 667 -41.12 -48.40 13.39
CA PHE C 667 -39.94 -47.55 13.35
C PHE C 667 -38.67 -48.36 13.63
N LYS C 668 -38.73 -49.20 14.66
CA LYS C 668 -37.57 -50.03 14.97
C LYS C 668 -37.25 -50.96 13.82
N ALA C 669 -38.30 -51.48 13.15
CA ALA C 669 -38.07 -52.33 11.99
C ALA C 669 -37.42 -51.56 10.86
N PHE C 670 -37.84 -50.31 10.65
CA PHE C 670 -37.21 -49.47 9.64
C PHE C 670 -35.71 -49.31 9.93
N LEU C 671 -35.38 -48.96 11.18
CA LEU C 671 -33.98 -48.74 11.51
C LEU C 671 -33.16 -50.01 11.29
N ILE C 672 -33.67 -51.15 11.73
CA ILE C 672 -32.91 -52.38 11.54
C ILE C 672 -32.76 -52.71 10.06
N ARG C 673 -33.80 -52.46 9.26
CA ARG C 673 -33.68 -52.69 7.83
C ARG C 673 -32.57 -51.83 7.26
N LEU C 674 -32.53 -50.58 7.66
CA LEU C 674 -31.53 -49.66 7.11
C LEU C 674 -30.12 -50.15 7.44
N LEU C 675 -29.88 -50.52 8.70
CA LEU C 675 -28.54 -50.86 9.13
C LEU C 675 -28.22 -52.35 9.01
N ARG C 676 -29.10 -53.14 8.40
CA ARG C 676 -28.92 -54.58 8.27
C ARG C 676 -27.57 -54.98 7.69
N ASP C 677 -27.36 -54.69 6.40
CA ASP C 677 -26.16 -55.11 5.71
C ASP C 677 -24.90 -54.50 6.32
N LEU C 678 -25.02 -53.37 7.00
CA LEU C 678 -23.88 -52.83 7.71
C LEU C 678 -23.59 -53.62 8.99
N ILE C 679 -24.65 -54.08 9.68
CA ILE C 679 -24.46 -54.93 10.85
C ILE C 679 -23.81 -56.24 10.46
N ASP C 680 -24.27 -56.84 9.36
CA ASP C 680 -23.75 -58.13 8.94
C ASP C 680 -22.25 -58.07 8.71
N LYS C 681 -21.78 -57.08 7.96
CA LYS C 681 -20.36 -56.92 7.65
C LYS C 681 -19.52 -56.57 8.87
N GLN C 682 -20.11 -56.45 10.05
CA GLN C 682 -19.37 -56.19 11.26
C GLN C 682 -18.80 -57.51 11.77
N THR C 683 -17.48 -57.67 11.73
CA THR C 683 -16.87 -58.81 12.37
C THR C 683 -16.91 -58.66 13.88
N TRP C 684 -16.83 -59.79 14.58
CA TRP C 684 -16.86 -59.79 16.04
C TRP C 684 -15.45 -59.81 16.63
N THR C 685 -14.66 -58.85 16.16
CA THR C 685 -13.25 -58.69 16.53
C THR C 685 -13.01 -57.29 17.08
N ASP C 686 -11.74 -56.96 17.29
CA ASP C 686 -11.31 -55.62 17.71
C ASP C 686 -10.36 -55.01 16.69
N GLU C 687 -10.50 -55.40 15.43
CA GLU C 687 -9.64 -54.93 14.36
C GLU C 687 -10.07 -53.54 13.88
N GLY C 688 -9.11 -52.82 13.29
CA GLY C 688 -9.40 -51.55 12.66
C GLY C 688 -9.23 -50.36 13.59
N SER C 689 -9.31 -49.17 13.00
CA SER C 689 -9.17 -47.92 13.74
C SER C 689 -10.23 -47.81 14.84
N VAL C 690 -10.10 -46.77 15.65
CA VAL C 690 -11.04 -46.55 16.74
C VAL C 690 -12.44 -46.27 16.22
N SER C 691 -12.55 -45.63 15.05
CA SER C 691 -13.85 -45.42 14.45
C SER C 691 -14.53 -46.75 14.12
N GLU C 692 -13.80 -47.64 13.45
CA GLU C 692 -14.38 -48.93 13.08
C GLU C 692 -14.84 -49.69 14.32
N ARG C 693 -13.99 -49.76 15.34
CA ARG C 693 -14.32 -50.54 16.52
C ARG C 693 -15.48 -49.93 17.30
N MET C 694 -15.50 -48.60 17.39
CA MET C 694 -16.62 -47.95 18.06
C MET C 694 -17.93 -48.26 17.33
N LEU C 695 -17.95 -48.07 16.01
CA LEU C 695 -19.16 -48.38 15.24
C LEU C 695 -19.53 -49.85 15.39
N ARG C 696 -18.53 -50.73 15.48
CA ARG C 696 -18.82 -52.15 15.61
C ARG C 696 -19.55 -52.44 16.91
N SER C 697 -18.99 -51.97 18.02
CA SER C 697 -19.67 -52.16 19.30
C SER C 697 -21.09 -51.60 19.24
N GLU C 698 -21.23 -50.38 18.69
CA GLU C 698 -22.54 -49.74 18.62
C GLU C 698 -23.53 -50.59 17.82
N LEU C 699 -23.14 -51.02 16.62
CA LEU C 699 -24.03 -51.78 15.77
C LEU C 699 -24.39 -53.12 16.38
N LEU C 700 -23.40 -53.85 16.90
CA LEU C 700 -23.70 -55.15 17.49
C LEU C 700 -24.69 -55.01 18.64
N LEU C 701 -24.46 -54.05 19.54
CA LEU C 701 -25.37 -53.89 20.66
C LEU C 701 -26.75 -53.47 20.16
N LEU C 702 -26.80 -52.65 19.10
CA LEU C 702 -28.07 -52.26 18.51
C LEU C 702 -28.83 -53.46 17.95
N ALA C 703 -28.14 -54.32 17.22
CA ALA C 703 -28.81 -55.46 16.62
C ALA C 703 -29.31 -56.42 17.69
N CYS C 704 -28.48 -56.72 18.67
CA CYS C 704 -28.86 -57.68 19.72
CA CYS C 704 -28.89 -57.70 19.67
C CYS C 704 -29.95 -57.13 20.62
N VAL C 705 -29.96 -55.81 20.85
CA VAL C 705 -30.99 -55.23 21.70
C VAL C 705 -32.35 -55.21 21.02
N HIS C 706 -32.38 -55.24 19.69
CA HIS C 706 -33.63 -55.26 18.93
C HIS C 706 -33.92 -56.62 18.32
N ASN C 707 -33.37 -57.68 18.90
CA ASN C 707 -33.70 -59.05 18.55
C ASN C 707 -33.42 -59.36 17.08
N TYR C 708 -32.26 -58.91 16.60
CA TYR C 708 -31.75 -59.33 15.31
C TYR C 708 -31.18 -60.73 15.48
N GLN C 709 -31.93 -61.75 15.05
CA GLN C 709 -31.55 -63.12 15.38
C GLN C 709 -30.14 -63.47 14.94
N PRO C 710 -29.67 -63.14 13.73
CA PRO C 710 -28.25 -63.36 13.43
C PRO C 710 -27.32 -62.73 14.45
N CYS C 711 -27.71 -61.64 15.11
CA CYS C 711 -26.88 -61.09 16.16
CA CYS C 711 -26.92 -61.03 16.18
C CYS C 711 -27.16 -61.72 17.52
N VAL C 712 -28.44 -61.95 17.85
CA VAL C 712 -28.79 -62.50 19.16
C VAL C 712 -28.19 -63.89 19.32
N GLN C 713 -28.17 -64.68 18.24
CA GLN C 713 -27.65 -66.04 18.31
C GLN C 713 -26.13 -66.07 18.41
N ARG C 714 -25.43 -65.24 17.65
CA ARG C 714 -23.98 -65.21 17.81
C ARG C 714 -23.59 -64.62 19.16
N ALA C 715 -24.34 -63.62 19.64
CA ALA C 715 -24.06 -63.05 20.95
C ALA C 715 -24.34 -64.06 22.06
N GLU C 716 -25.41 -64.84 21.93
CA GLU C 716 -25.67 -65.89 22.92
C GLU C 716 -24.70 -67.06 22.78
N GLY C 717 -24.17 -67.29 21.58
CA GLY C 717 -23.09 -68.26 21.45
C GLY C 717 -21.85 -67.83 22.19
N TYR C 718 -21.45 -66.57 22.02
CA TYR C 718 -20.36 -66.03 22.82
C TYR C 718 -20.68 -66.09 24.31
N PHE C 719 -21.92 -65.78 24.68
CA PHE C 719 -22.29 -65.76 26.10
C PHE C 719 -22.22 -67.15 26.71
N ARG C 720 -22.71 -68.17 25.99
CA ARG C 720 -22.70 -69.54 26.50
C ARG C 720 -21.31 -70.16 26.46
N LYS C 721 -20.56 -69.94 25.37
CA LYS C 721 -19.17 -70.36 25.32
C LYS C 721 -18.35 -69.68 26.41
N TRP C 722 -18.73 -68.46 26.80
CA TRP C 722 -18.06 -67.75 27.87
C TRP C 722 -18.48 -68.23 29.25
N LYS C 723 -19.75 -68.63 29.39
CA LYS C 723 -20.20 -69.26 30.64
C LYS C 723 -19.46 -70.57 30.88
N GLU C 724 -19.47 -71.48 29.88
CA GLU C 724 -18.66 -72.68 29.99
C GLU C 724 -17.19 -72.33 30.15
N SER C 725 -16.74 -71.23 29.55
CA SER C 725 -15.41 -70.70 29.83
C SER C 725 -15.32 -70.24 31.27
N ASN C 726 -16.32 -69.49 31.74
CA ASN C 726 -16.39 -69.05 33.13
C ASN C 726 -15.23 -68.12 33.48
N GLY C 727 -14.93 -67.19 32.57
CA GLY C 727 -13.83 -66.26 32.78
C GLY C 727 -12.50 -66.72 32.25
N ASN C 728 -12.38 -67.99 31.85
CA ASN C 728 -11.10 -68.48 31.32
C ASN C 728 -10.79 -67.81 29.98
N LEU C 729 -11.80 -67.56 29.17
CA LEU C 729 -11.65 -66.89 27.88
C LEU C 729 -12.35 -65.55 27.92
N SER C 730 -11.64 -64.50 27.53
CA SER C 730 -12.17 -63.14 27.52
C SER C 730 -12.63 -62.77 26.12
N LEU C 731 -13.88 -62.34 26.00
CA LEU C 731 -14.46 -61.99 24.71
C LEU C 731 -13.90 -60.66 24.23
N PRO C 732 -14.13 -60.31 22.97
CA PRO C 732 -13.68 -58.99 22.48
C PRO C 732 -14.45 -57.86 23.15
N VAL C 733 -13.73 -56.79 23.46
CA VAL C 733 -14.30 -55.68 24.23
C VAL C 733 -15.52 -55.10 23.52
N ASP C 734 -15.46 -55.01 22.19
CA ASP C 734 -16.57 -54.40 21.45
C ASP C 734 -17.84 -55.24 21.54
N VAL C 735 -17.72 -56.57 21.42
CA VAL C 735 -18.88 -57.46 21.41
C VAL C 735 -19.34 -57.85 22.81
N THR C 736 -18.60 -57.46 23.85
CA THR C 736 -18.93 -57.86 25.21
C THR C 736 -20.30 -57.32 25.62
N LEU C 737 -20.60 -56.07 25.30
CA LEU C 737 -21.88 -55.52 25.73
C LEU C 737 -23.04 -56.25 25.07
N ALA C 738 -22.92 -56.56 23.78
CA ALA C 738 -23.96 -57.35 23.13
C ALA C 738 -24.11 -58.70 23.80
N VAL C 739 -22.99 -59.43 23.97
CA VAL C 739 -23.10 -60.78 24.51
C VAL C 739 -23.70 -60.74 25.91
N PHE C 740 -23.38 -59.71 26.70
CA PHE C 740 -23.88 -59.67 28.08
C PHE C 740 -25.34 -59.26 28.12
N ALA C 741 -25.73 -58.25 27.34
CA ALA C 741 -27.13 -57.86 27.32
C ALA C 741 -28.01 -58.99 26.83
N VAL C 742 -27.51 -59.84 25.93
CA VAL C 742 -28.31 -60.95 25.45
C VAL C 742 -28.32 -62.09 26.48
N GLY C 743 -27.17 -62.34 27.13
CA GLY C 743 -27.13 -63.37 28.15
C GLY C 743 -28.00 -63.06 29.34
N ALA C 744 -28.14 -61.79 29.70
CA ALA C 744 -29.02 -61.43 30.81
C ALA C 744 -30.49 -61.64 30.50
N GLN C 745 -30.83 -62.00 29.25
CA GLN C 745 -32.22 -62.27 28.89
C GLN C 745 -32.77 -63.52 29.55
N SER C 746 -31.91 -64.35 30.16
CA SER C 746 -32.32 -65.56 30.84
C SER C 746 -31.82 -65.52 32.29
N THR C 747 -32.63 -66.04 33.21
CA THR C 747 -32.25 -66.03 34.62
C THR C 747 -31.01 -66.90 34.86
N GLU C 748 -30.94 -68.06 34.22
CA GLU C 748 -29.81 -68.96 34.40
C GLU C 748 -28.49 -68.27 34.09
N GLY C 749 -28.47 -67.39 33.09
CA GLY C 749 -27.28 -66.64 32.77
C GLY C 749 -27.27 -65.29 33.47
N TRP C 750 -28.44 -64.84 33.90
CA TRP C 750 -28.55 -63.55 34.58
C TRP C 750 -27.88 -63.60 35.94
N ASP C 751 -28.28 -64.55 36.79
CA ASP C 751 -27.61 -64.70 38.08
C ASP C 751 -26.13 -65.01 37.90
N PHE C 752 -25.79 -65.70 36.81
CA PHE C 752 -24.39 -65.98 36.48
C PHE C 752 -23.61 -64.67 36.28
N LEU C 753 -24.15 -63.76 35.46
CA LEU C 753 -23.54 -62.45 35.29
C LEU C 753 -23.45 -61.72 36.62
N TYR C 754 -24.49 -61.79 37.44
CA TYR C 754 -24.47 -61.06 38.71
C TYR C 754 -23.36 -61.57 39.62
N SER C 755 -23.19 -62.89 39.69
CA SER C 755 -22.14 -63.46 40.53
C SER C 755 -20.76 -63.12 39.97
N LYS C 756 -20.64 -63.10 38.65
CA LYS C 756 -19.35 -62.69 38.04
C LYS C 756 -19.09 -61.22 38.41
N TYR C 757 -20.14 -60.40 38.35
CA TYR C 757 -20.09 -58.94 38.61
C TYR C 757 -19.70 -58.53 40.04
N GLN C 758 -20.27 -59.17 41.07
CA GLN C 758 -20.02 -58.72 42.43
C GLN C 758 -18.61 -59.08 42.91
N PHE C 759 -18.03 -60.17 42.40
CA PHE C 759 -16.72 -60.61 42.85
C PHE C 759 -15.56 -60.07 42.02
N SER C 760 -15.81 -59.72 40.76
CA SER C 760 -14.74 -59.27 39.87
C SER C 760 -14.44 -57.79 40.07
N LEU C 761 -13.20 -57.41 39.74
CA LEU C 761 -12.75 -56.02 39.76
C LEU C 761 -12.08 -55.74 38.40
N SER C 762 -12.89 -55.72 37.35
CA SER C 762 -12.37 -55.59 35.99
C SER C 762 -12.05 -54.16 35.59
N SER C 763 -12.59 -53.17 36.31
CA SER C 763 -12.34 -51.76 35.99
C SER C 763 -13.01 -51.35 34.68
N THR C 764 -13.49 -52.34 33.93
CA THR C 764 -14.22 -52.07 32.70
C THR C 764 -15.49 -52.91 32.65
N GLU C 765 -15.35 -54.23 32.83
CA GLU C 765 -16.53 -55.08 32.92
C GLU C 765 -17.36 -54.77 34.17
N LYS C 766 -16.79 -54.02 35.11
CA LYS C 766 -17.51 -53.69 36.34
C LYS C 766 -18.88 -53.10 36.03
N SER C 767 -18.94 -52.18 35.06
CA SER C 767 -20.20 -51.62 34.63
C SER C 767 -20.79 -52.34 33.42
N GLN C 768 -20.01 -53.14 32.70
CA GLN C 768 -20.57 -53.87 31.58
C GLN C 768 -21.53 -54.97 32.05
N ILE C 769 -21.13 -55.70 33.09
CA ILE C 769 -22.03 -56.68 33.69
C ILE C 769 -23.27 -55.99 34.24
N GLU C 770 -23.08 -54.81 34.84
CA GLU C 770 -24.22 -54.05 35.35
C GLU C 770 -25.17 -53.66 34.23
N PHE C 771 -24.61 -53.16 33.12
CA PHE C 771 -25.42 -52.83 31.96
C PHE C 771 -26.20 -54.03 31.48
N ALA C 772 -25.53 -55.19 31.35
CA ALA C 772 -26.24 -56.40 30.97
C ALA C 772 -27.41 -56.65 31.91
N LEU C 773 -27.16 -56.54 33.21
CA LEU C 773 -28.21 -56.82 34.18
C LEU C 773 -29.32 -55.77 34.17
N CYS C 774 -29.06 -54.61 33.59
CA CYS C 774 -30.10 -53.58 33.53
C CYS C 774 -30.97 -53.70 32.28
N ARG C 775 -30.64 -54.60 31.35
CA ARG C 775 -31.41 -54.78 30.13
C ARG C 775 -32.30 -56.01 30.15
N THR C 776 -32.48 -56.61 31.32
CA THR C 776 -33.32 -57.81 31.41
C THR C 776 -34.78 -57.45 31.11
N GLN C 777 -35.45 -58.34 30.37
CA GLN C 777 -36.86 -58.14 30.08
C GLN C 777 -37.72 -58.34 31.32
N ASN C 778 -37.42 -59.34 32.14
CA ASN C 778 -38.22 -59.61 33.33
C ASN C 778 -38.01 -58.51 34.38
N LYS C 779 -39.08 -57.79 34.69
CA LYS C 779 -39.01 -56.69 35.65
C LYS C 779 -38.72 -57.16 37.07
N GLU C 780 -38.91 -58.45 37.36
CA GLU C 780 -38.70 -58.92 38.73
C GLU C 780 -37.22 -58.93 39.09
N LYS C 781 -36.37 -59.42 38.18
CA LYS C 781 -34.93 -59.38 38.44
C LYS C 781 -34.43 -57.94 38.51
N LEU C 782 -34.91 -57.08 37.61
CA LEU C 782 -34.56 -55.67 37.68
C LEU C 782 -35.00 -55.06 39.01
N GLN C 783 -36.14 -55.50 39.56
CA GLN C 783 -36.63 -54.95 40.81
C GLN C 783 -35.77 -55.41 41.98
N TRP C 784 -35.40 -56.70 42.01
CA TRP C 784 -34.42 -57.19 42.98
C TRP C 784 -33.17 -56.32 42.96
N LEU C 785 -32.60 -56.12 41.77
CA LEU C 785 -31.41 -55.29 41.63
C LEU C 785 -31.64 -53.88 42.19
N LEU C 786 -32.72 -53.24 41.74
CA LEU C 786 -33.03 -51.89 42.22
C LEU C 786 -33.12 -51.84 43.73
N ASP C 787 -33.76 -52.85 44.33
CA ASP C 787 -33.91 -52.88 45.79
C ASP C 787 -32.55 -52.94 46.48
N GLU C 788 -31.64 -53.77 45.97
CA GLU C 788 -30.30 -53.82 46.55
C GLU C 788 -29.57 -52.48 46.39
N SER C 789 -28.32 -52.53 45.93
CA SER C 789 -27.55 -51.32 45.60
C SER C 789 -27.44 -50.37 46.80
N PHE C 790 -27.06 -50.92 47.95
CA PHE C 790 -26.96 -50.12 49.17
C PHE C 790 -28.31 -49.55 49.57
N ILE C 795 -18.81 -49.28 47.17
CA ILE C 795 -19.19 -48.97 45.81
C ILE C 795 -20.68 -49.16 45.61
N LYS C 796 -21.38 -49.48 46.71
CA LYS C 796 -22.83 -49.64 46.63
C LYS C 796 -23.52 -48.32 46.29
N THR C 797 -23.03 -47.22 46.85
CA THR C 797 -23.61 -45.91 46.55
C THR C 797 -23.45 -45.57 45.07
N GLN C 798 -22.24 -45.75 44.51
CA GLN C 798 -22.09 -45.55 43.07
C GLN C 798 -22.92 -46.55 42.29
N GLU C 799 -23.09 -47.75 42.81
CA GLU C 799 -23.92 -48.75 42.14
C GLU C 799 -25.33 -48.22 41.92
N PHE C 800 -25.96 -47.67 42.98
CA PHE C 800 -27.36 -47.28 42.86
C PHE C 800 -27.62 -46.24 41.78
N PRO C 801 -27.04 -45.04 41.83
CA PRO C 801 -27.26 -44.08 40.73
C PRO C 801 -27.04 -44.64 39.34
N GLN C 802 -25.95 -45.38 39.12
CA GLN C 802 -25.71 -45.94 37.79
C GLN C 802 -26.79 -46.96 37.41
N ILE C 803 -27.21 -47.79 38.37
CA ILE C 803 -28.28 -48.76 38.10
C ILE C 803 -29.58 -48.05 37.75
N LEU C 804 -29.89 -46.96 38.46
CA LEU C 804 -31.12 -46.21 38.19
C LEU C 804 -31.07 -45.56 36.82
N THR C 805 -29.95 -44.92 36.48
CA THR C 805 -29.80 -44.32 35.16
C THR C 805 -29.90 -45.38 34.07
N LEU C 806 -29.33 -46.57 34.30
CA LEU C 806 -29.41 -47.62 33.30
C LEU C 806 -30.85 -48.10 33.13
N ILE C 807 -31.56 -48.30 34.23
CA ILE C 807 -32.94 -48.79 34.13
C ILE C 807 -33.83 -47.76 33.44
N GLY C 808 -33.65 -46.48 33.78
CA GLY C 808 -34.46 -45.43 33.18
C GLY C 808 -34.53 -45.49 31.66
N ARG C 809 -33.51 -46.10 31.06
CA ARG C 809 -33.44 -46.28 29.61
C ARG C 809 -34.00 -47.62 29.14
N ASN C 810 -34.63 -48.41 30.04
CA ASN C 810 -35.15 -49.73 29.68
C ASN C 810 -36.59 -49.60 29.18
N PRO C 811 -36.91 -50.17 28.01
CA PRO C 811 -38.28 -50.03 27.48
C PRO C 811 -39.34 -50.74 28.30
N VAL C 812 -38.96 -51.72 29.13
CA VAL C 812 -39.93 -52.45 29.93
C VAL C 812 -39.95 -52.01 31.40
N GLY C 813 -38.90 -51.35 31.87
CA GLY C 813 -38.86 -50.99 33.28
C GLY C 813 -38.66 -49.51 33.56
N TYR C 814 -39.28 -48.64 32.76
CA TYR C 814 -39.17 -47.21 33.05
C TYR C 814 -40.22 -46.78 34.07
N PRO C 815 -41.46 -47.25 33.98
CA PRO C 815 -42.42 -46.88 35.02
C PRO C 815 -42.00 -47.35 36.39
N LEU C 816 -41.39 -48.54 36.46
CA LEU C 816 -40.86 -49.02 37.74
C LEU C 816 -39.81 -48.07 38.29
N ALA C 817 -38.86 -47.65 37.46
CA ALA C 817 -37.81 -46.75 37.93
C ALA C 817 -38.40 -45.44 38.44
N TRP C 818 -39.33 -44.86 37.66
CA TRP C 818 -39.91 -43.58 38.07
C TRP C 818 -40.72 -43.71 39.35
N GLN C 819 -41.60 -44.70 39.42
CA GLN C 819 -42.40 -44.90 40.63
C GLN C 819 -41.52 -45.20 41.84
N PHE C 820 -40.46 -45.98 41.64
CA PHE C 820 -39.53 -46.28 42.72
C PHE C 820 -38.86 -45.01 43.22
N LEU C 821 -38.36 -44.19 42.29
CA LEU C 821 -37.78 -42.90 42.66
C LEU C 821 -38.76 -42.12 43.52
N ARG C 822 -40.01 -42.03 43.09
CA ARG C 822 -41.02 -41.35 43.89
C ARG C 822 -41.36 -42.10 45.18
N LYS C 823 -40.94 -43.36 45.31
CA LYS C 823 -41.32 -44.18 46.46
C LYS C 823 -40.56 -43.76 47.72
N ASN C 824 -39.26 -43.45 47.57
CA ASN C 824 -38.46 -42.98 48.69
C ASN C 824 -37.52 -41.88 48.18
N TRP C 825 -38.12 -40.81 47.65
CA TRP C 825 -37.32 -39.73 47.09
C TRP C 825 -36.51 -39.03 48.17
N ASN C 826 -37.13 -38.74 49.31
CA ASN C 826 -36.46 -37.95 50.34
C ASN C 826 -35.25 -38.68 50.91
N LYS C 827 -35.41 -39.96 51.23
CA LYS C 827 -34.31 -40.71 51.83
C LYS C 827 -33.08 -40.68 50.94
N LEU C 828 -33.26 -40.87 49.64
CA LEU C 828 -32.13 -40.93 48.72
C LEU C 828 -31.54 -39.54 48.50
N VAL C 829 -32.39 -38.55 48.21
CA VAL C 829 -31.88 -37.20 47.96
C VAL C 829 -31.14 -36.66 49.16
N GLN C 830 -31.56 -37.03 50.37
CA GLN C 830 -30.84 -36.60 51.57
C GLN C 830 -29.40 -37.07 51.52
N LYS C 831 -29.20 -38.38 51.44
CA LYS C 831 -27.85 -38.93 51.46
C LYS C 831 -27.02 -38.36 50.32
N PHE C 832 -27.54 -38.42 49.09
CA PHE C 832 -26.71 -38.04 47.97
C PHE C 832 -26.55 -36.52 47.84
N GLU C 833 -27.55 -35.76 48.28
CA GLU C 833 -27.47 -34.29 48.36
C GLU C 833 -27.11 -33.75 46.98
N LEU C 834 -26.07 -32.91 46.84
CA LEU C 834 -25.71 -32.34 45.55
C LEU C 834 -25.50 -33.39 44.45
N VAL C 843 -30.48 -32.65 39.69
CA VAL C 843 -31.29 -33.48 38.82
C VAL C 843 -30.48 -34.70 38.37
N MET C 844 -29.61 -35.17 39.26
CA MET C 844 -28.82 -36.37 38.97
C MET C 844 -29.72 -37.51 38.49
N GLY C 845 -30.87 -37.69 39.15
CA GLY C 845 -31.86 -38.65 38.73
C GLY C 845 -32.98 -38.01 37.94
N THR C 846 -33.03 -38.29 36.63
CA THR C 846 -34.00 -37.67 35.74
C THR C 846 -34.52 -38.70 34.75
N THR C 847 -35.81 -38.59 34.44
CA THR C 847 -36.48 -39.38 33.41
C THR C 847 -37.10 -38.37 32.43
N ASN C 848 -36.27 -37.81 31.57
CA ASN C 848 -36.66 -36.71 30.68
C ASN C 848 -37.20 -37.20 29.35
N GLN C 849 -37.47 -38.49 29.18
CA GLN C 849 -37.92 -39.03 27.91
C GLN C 849 -39.42 -39.22 27.82
N PHE C 850 -40.19 -38.64 28.74
CA PHE C 850 -41.64 -38.76 28.68
C PHE C 850 -42.20 -37.88 27.56
N SER C 851 -43.19 -38.42 26.86
CA SER C 851 -43.73 -37.78 25.67
C SER C 851 -45.17 -37.33 25.81
N THR C 852 -45.91 -37.87 26.78
CA THR C 852 -47.34 -37.64 26.92
C THR C 852 -47.61 -36.42 27.79
N ARG C 853 -48.74 -35.77 27.53
CA ARG C 853 -49.16 -34.67 28.39
C ARG C 853 -49.58 -35.16 29.77
N THR C 854 -50.02 -36.42 29.85
CA THR C 854 -50.36 -37.00 31.15
C THR C 854 -49.15 -37.08 32.06
N ARG C 855 -48.09 -37.73 31.59
CA ARG C 855 -46.86 -37.78 32.37
C ARG C 855 -46.35 -36.38 32.67
N LEU C 856 -46.64 -35.42 31.79
CA LEU C 856 -46.32 -34.03 32.10
C LEU C 856 -47.10 -33.55 33.31
N GLU C 857 -48.37 -33.93 33.41
CA GLU C 857 -49.19 -33.52 34.55
C GLU C 857 -48.77 -34.24 35.83
N GLU C 858 -48.26 -35.47 35.73
CA GLU C 858 -47.86 -36.19 36.93
C GLU C 858 -46.70 -35.51 37.64
N VAL C 859 -45.70 -35.04 36.88
CA VAL C 859 -44.54 -34.37 37.47
C VAL C 859 -44.96 -33.05 38.07
N GLN C 877 -37.20 -29.11 38.79
CA GLN C 877 -35.96 -28.43 38.46
C GLN C 877 -35.99 -27.86 37.05
N GLN C 878 -35.15 -28.40 36.18
CA GLN C 878 -34.98 -27.87 34.82
C GLN C 878 -35.35 -28.87 33.74
N THR C 879 -35.87 -30.04 34.09
CA THR C 879 -36.33 -31.03 33.12
C THR C 879 -37.78 -30.81 32.68
N ILE C 880 -38.51 -29.92 33.36
CA ILE C 880 -39.92 -29.68 33.06
C ILE C 880 -40.08 -29.13 31.64
N GLU C 881 -39.30 -28.09 31.31
CA GLU C 881 -39.30 -27.57 29.95
C GLU C 881 -38.95 -28.65 28.94
N THR C 882 -38.00 -29.52 29.30
CA THR C 882 -37.51 -30.52 28.36
C THR C 882 -38.57 -31.59 28.08
N ILE C 883 -39.50 -31.83 29.01
CA ILE C 883 -40.60 -32.74 28.71
C ILE C 883 -41.71 -32.02 27.94
N GLU C 884 -42.00 -30.77 28.30
CA GLU C 884 -43.02 -30.04 27.55
C GLU C 884 -42.60 -29.86 26.09
N GLU C 885 -41.29 -29.82 25.81
CA GLU C 885 -40.84 -29.73 24.43
C GLU C 885 -41.04 -31.06 23.68
N ASN C 886 -40.88 -32.19 24.38
CA ASN C 886 -41.13 -33.47 23.75
C ASN C 886 -42.59 -33.62 23.35
N ILE C 887 -43.51 -33.18 24.21
CA ILE C 887 -44.92 -33.32 23.83
C ILE C 887 -45.19 -32.57 22.54
N GLY C 888 -44.56 -31.41 22.35
CA GLY C 888 -44.75 -30.68 21.11
C GLY C 888 -44.08 -31.34 19.92
N TRP C 889 -42.86 -31.87 20.11
CA TRP C 889 -42.24 -32.65 19.06
C TRP C 889 -43.18 -33.74 18.57
N MET C 890 -43.85 -34.43 19.49
CA MET C 890 -44.82 -35.42 19.10
C MET C 890 -46.00 -34.80 18.37
N ASP C 891 -46.59 -33.75 18.95
CA ASP C 891 -47.72 -33.06 18.33
C ASP C 891 -47.43 -32.64 16.91
N LYS C 892 -46.16 -32.43 16.56
CA LYS C 892 -45.85 -32.06 15.19
C LYS C 892 -45.41 -33.22 14.32
N ASN C 893 -44.83 -34.28 14.89
CA ASN C 893 -44.18 -35.29 14.06
C ASN C 893 -44.76 -36.69 14.12
N PHE C 894 -45.64 -37.01 15.08
CA PHE C 894 -46.05 -38.40 15.22
C PHE C 894 -46.82 -38.86 14.01
N ASP C 895 -47.85 -38.11 13.62
CA ASP C 895 -48.65 -38.50 12.46
C ASP C 895 -47.80 -38.50 11.19
N LYS C 896 -46.88 -37.54 11.08
CA LYS C 896 -45.98 -37.52 9.92
C LYS C 896 -45.15 -38.81 9.85
N ILE C 897 -44.64 -39.26 11.00
CA ILE C 897 -43.83 -40.46 11.03
C ILE C 897 -44.67 -41.69 10.73
N ARG C 898 -45.89 -41.76 11.27
CA ARG C 898 -46.78 -42.87 10.98
C ARG C 898 -47.03 -42.98 9.48
N VAL C 899 -47.51 -41.89 8.88
CA VAL C 899 -47.80 -41.91 7.46
C VAL C 899 -46.54 -42.28 6.69
N TRP C 900 -45.38 -41.76 7.13
CA TRP C 900 -44.17 -42.05 6.39
C TRP C 900 -43.84 -43.53 6.42
N LEU C 901 -43.97 -44.15 7.60
CA LEU C 901 -43.70 -45.58 7.70
C LEU C 901 -44.62 -46.37 6.78
N GLN C 902 -45.87 -45.91 6.64
CA GLN C 902 -46.79 -46.62 5.76
C GLN C 902 -46.22 -46.80 4.36
N SER C 903 -45.59 -45.76 3.80
CA SER C 903 -45.14 -45.82 2.42
C SER C 903 -43.79 -46.51 2.25
N GLU C 904 -42.81 -46.19 3.10
CA GLU C 904 -41.44 -46.71 2.97
C GLU C 904 -40.96 -47.43 4.24
N THR D 3 36.30 22.63 0.53
CA THR D 3 35.88 22.15 1.85
C THR D 3 35.11 20.81 1.78
N PHE D 4 35.87 19.56 2.09
CA PHE D 4 35.25 18.24 2.09
C PHE D 4 35.76 17.47 3.31
N PRO D 5 36.11 18.16 4.56
CA PRO D 5 36.02 19.46 4.81
C PRO D 5 37.30 20.18 4.33
N THR E 3 -30.32 6.86 -29.90
CA THR E 3 -29.66 8.11 -29.47
C THR E 3 -28.19 7.88 -29.07
N PHE E 4 -27.11 7.99 -30.09
CA PHE E 4 -25.71 7.77 -29.70
C PHE E 4 -24.88 9.06 -29.86
N PRO E 5 -25.31 10.16 -30.74
CA PRO E 5 -26.40 10.20 -31.50
C PRO E 5 -26.14 9.52 -32.85
N THR F 3 -5.44 -32.65 27.81
CA THR F 3 -6.65 -31.82 27.93
C THR F 3 -7.11 -31.30 26.54
N PHE F 4 -8.11 -32.10 25.76
CA PHE F 4 -8.56 -31.62 24.45
C PHE F 4 -9.93 -32.24 24.12
N PRO F 5 -10.96 -32.34 25.16
CA PRO F 5 -10.84 -31.94 26.42
C PRO F 5 -10.21 -33.05 27.27
#